data_2LQL
#
_entry.id   2LQL
#
_entity_poly.entity_id   1
_entity_poly.type   'polypeptide(L)'
_entity_poly.pdbx_seq_one_letter_code
;GSHMQAALEVTARYCGRELEQYGQCVAAKPESWQRDCHYLKMSIAQCTSSHPIIRQIRQACAQPFEAFEECLRQNEAAVG
NCAEHMRRFLQCAEQVQPPRSPATVEAQPLPAS
;
_entity_poly.pdbx_strand_id   A
#
# COMPACT_ATOMS: atom_id res chain seq x y z
N TYR A 14 1.79 -9.45 -4.56
CA TYR A 14 2.63 -8.98 -3.45
C TYR A 14 4.02 -8.52 -3.92
N CYS A 15 4.66 -7.60 -3.21
CA CYS A 15 5.83 -6.86 -3.73
C CYS A 15 7.20 -7.28 -3.13
N GLY A 16 8.30 -7.07 -3.88
CA GLY A 16 9.65 -7.44 -3.42
C GLY A 16 10.14 -6.69 -2.18
N ARG A 17 9.68 -5.45 -1.95
CA ARG A 17 9.92 -4.68 -0.71
C ARG A 17 8.99 -5.02 0.44
N GLU A 18 7.95 -5.82 0.17
CA GLU A 18 6.97 -6.27 1.15
C GLU A 18 7.46 -7.51 1.90
N LEU A 19 7.82 -8.57 1.17
CA LEU A 19 8.17 -9.87 1.75
C LEU A 19 9.46 -9.80 2.58
N GLU A 20 10.41 -8.94 2.21
CA GLU A 20 11.64 -8.69 2.97
C GLU A 20 11.36 -8.06 4.34
N GLN A 21 10.51 -7.02 4.38
CA GLN A 21 10.24 -6.26 5.60
C GLN A 21 9.24 -6.97 6.53
N TYR A 22 8.23 -7.64 5.97
CA TYR A 22 7.43 -8.63 6.70
C TYR A 22 8.35 -9.66 7.39
N GLY A 23 9.32 -10.19 6.64
CA GLY A 23 10.32 -11.14 7.14
C GLY A 23 11.11 -10.61 8.34
N GLN A 24 11.57 -9.35 8.32
CA GLN A 24 12.28 -8.74 9.45
C GLN A 24 11.39 -8.49 10.67
N CYS A 25 10.14 -8.08 10.48
CA CYS A 25 9.24 -7.81 11.61
C CYS A 25 8.85 -9.10 12.35
N VAL A 26 8.72 -10.24 11.65
CA VAL A 26 8.49 -11.58 12.28
C VAL A 26 9.79 -12.23 12.79
N ALA A 27 10.91 -12.05 12.10
CA ALA A 27 12.19 -12.65 12.49
C ALA A 27 12.73 -12.05 13.79
N ALA A 28 12.48 -10.76 14.07
CA ALA A 28 12.92 -10.13 15.31
C ALA A 28 12.24 -10.77 16.54
N LYS A 29 10.90 -10.78 16.56
CA LYS A 29 10.01 -11.45 17.52
C LYS A 29 8.67 -11.81 16.83
N PRO A 30 7.95 -12.88 17.22
CA PRO A 30 6.64 -13.20 16.66
C PRO A 30 5.59 -12.07 16.74
N GLU A 31 5.54 -11.27 17.81
CA GLU A 31 4.64 -10.10 17.96
C GLU A 31 5.26 -8.80 17.38
N SER A 32 6.53 -8.81 16.96
CA SER A 32 7.13 -7.66 16.27
C SER A 32 6.53 -7.41 14.87
N TRP A 33 5.73 -8.34 14.33
CA TRP A 33 4.86 -8.07 13.18
C TRP A 33 3.82 -6.96 13.46
N GLN A 34 3.45 -6.71 14.72
CA GLN A 34 2.84 -5.45 15.15
C GLN A 34 3.90 -4.40 15.56
N ARG A 35 4.90 -4.79 16.37
CA ARG A 35 5.73 -3.83 17.14
C ARG A 35 6.92 -3.17 16.41
N ASP A 36 7.57 -3.84 15.45
CA ASP A 36 8.79 -3.35 14.76
C ASP A 36 8.53 -2.44 13.54
N CYS A 37 7.31 -2.47 12.99
CA CYS A 37 6.95 -1.70 11.80
C CYS A 37 5.47 -1.28 11.78
N HIS A 38 5.17 0.00 12.05
CA HIS A 38 3.86 0.61 11.75
C HIS A 38 3.78 1.23 10.35
N TYR A 39 4.63 2.23 10.10
CA TYR A 39 4.62 3.04 8.88
C TYR A 39 5.07 2.22 7.67
N LEU A 40 6.11 1.39 7.84
CA LEU A 40 6.61 0.51 6.80
C LEU A 40 5.64 -0.64 6.52
N LYS A 41 4.93 -1.17 7.54
CA LYS A 41 3.89 -2.20 7.35
C LYS A 41 2.73 -1.67 6.49
N MET A 42 2.40 -0.39 6.63
CA MET A 42 1.39 0.28 5.80
C MET A 42 1.92 0.62 4.40
N SER A 43 3.15 1.12 4.22
CA SER A 43 3.68 1.47 2.90
C SER A 43 3.90 0.24 2.00
N ILE A 44 4.26 -0.91 2.58
CA ILE A 44 4.28 -2.17 1.83
C ILE A 44 2.86 -2.68 1.52
N ALA A 45 1.90 -2.44 2.42
CA ALA A 45 0.49 -2.74 2.16
C ALA A 45 -0.08 -1.91 1.01
N GLN A 46 0.32 -0.63 0.83
CA GLN A 46 -0.06 0.16 -0.35
C GLN A 46 0.40 -0.50 -1.66
N CYS A 47 1.57 -1.16 -1.70
CA CYS A 47 2.04 -1.82 -2.91
C CYS A 47 1.14 -3.02 -3.33
N THR A 48 0.61 -3.78 -2.37
CA THR A 48 -0.42 -4.81 -2.62
C THR A 48 -1.89 -4.30 -2.55
N SER A 49 -2.12 -3.02 -2.27
CA SER A 49 -3.46 -2.39 -2.21
C SER A 49 -3.78 -1.49 -3.40
N SER A 50 -2.78 -0.79 -3.96
CA SER A 50 -2.90 0.18 -5.05
C SER A 50 -1.91 -0.07 -6.20
N HIS A 51 -0.84 -0.83 -5.96
CA HIS A 51 0.31 -1.03 -6.86
C HIS A 51 1.09 0.25 -7.24
N PRO A 52 2.33 0.14 -7.75
CA PRO A 52 3.13 1.29 -8.15
C PRO A 52 2.53 2.06 -9.34
N ILE A 53 2.70 3.38 -9.38
CA ILE A 53 2.17 4.25 -10.46
C ILE A 53 3.00 4.24 -11.78
N ILE A 54 3.95 3.32 -11.91
CA ILE A 54 5.04 3.38 -12.89
C ILE A 54 4.65 3.02 -14.33
N ARG A 55 5.29 3.68 -15.30
CA ARG A 55 4.98 3.56 -16.74
C ARG A 55 5.13 2.13 -17.29
N GLN A 56 6.10 1.38 -16.75
CA GLN A 56 6.40 -0.01 -17.14
C GLN A 56 5.21 -0.97 -16.92
N ILE A 57 4.47 -0.81 -15.82
CA ILE A 57 3.27 -1.62 -15.54
C ILE A 57 2.10 -1.11 -16.40
N ARG A 58 1.92 0.22 -16.42
CA ARG A 58 0.82 0.92 -17.12
C ARG A 58 0.80 0.72 -18.63
N GLN A 59 1.94 0.41 -19.26
CA GLN A 59 2.01 0.09 -20.70
C GLN A 59 1.38 -1.28 -21.00
N ALA A 60 1.59 -2.28 -20.15
CA ALA A 60 1.13 -3.65 -20.39
C ALA A 60 -0.37 -3.83 -20.11
N CYS A 61 -0.88 -3.28 -19.01
CA CYS A 61 -2.33 -3.24 -18.70
C CYS A 61 -3.04 -1.98 -19.24
N ALA A 62 -2.52 -1.37 -20.30
CA ALA A 62 -3.04 -0.12 -20.86
C ALA A 62 -4.49 -0.18 -21.33
N GLN A 63 -4.97 -1.31 -21.88
CA GLN A 63 -6.35 -1.46 -22.34
C GLN A 63 -7.36 -1.49 -21.17
N PRO A 64 -7.14 -2.26 -20.09
CA PRO A 64 -7.84 -2.07 -18.81
C PRO A 64 -7.72 -0.64 -18.26
N PHE A 65 -6.52 -0.06 -18.26
CA PHE A 65 -6.28 1.28 -17.70
C PHE A 65 -7.06 2.38 -18.44
N GLU A 66 -7.27 2.21 -19.76
CA GLU A 66 -8.18 3.03 -20.56
C GLU A 66 -9.64 2.78 -20.18
N ALA A 67 -10.09 1.52 -20.18
CA ALA A 67 -11.50 1.13 -20.00
C ALA A 67 -12.07 1.49 -18.62
N PHE A 68 -11.27 1.32 -17.56
CA PHE A 68 -11.65 1.62 -16.18
C PHE A 68 -11.66 3.13 -15.88
N GLU A 69 -10.84 3.93 -16.58
CA GLU A 69 -11.03 5.39 -16.62
C GLU A 69 -12.29 5.77 -17.44
N GLU A 70 -12.60 5.05 -18.53
CA GLU A 70 -13.76 5.33 -19.38
C GLU A 70 -15.12 5.02 -18.71
N CYS A 71 -15.15 4.16 -17.68
CA CYS A 71 -16.31 3.98 -16.80
C CYS A 71 -16.66 5.31 -16.10
N LEU A 72 -15.73 5.89 -15.34
CA LEU A 72 -15.89 7.16 -14.63
C LEU A 72 -15.84 8.41 -15.55
N ARG A 73 -15.38 8.28 -16.80
CA ARG A 73 -15.44 9.36 -17.80
C ARG A 73 -16.86 9.50 -18.38
N GLN A 74 -17.48 8.41 -18.80
CA GLN A 74 -18.78 8.43 -19.50
C GLN A 74 -19.99 8.05 -18.65
N ASN A 75 -19.79 7.23 -17.61
CA ASN A 75 -20.83 6.54 -16.85
C ASN A 75 -20.55 6.56 -15.33
N GLU A 76 -20.00 7.66 -14.80
CA GLU A 76 -19.63 7.80 -13.37
C GLU A 76 -20.81 7.58 -12.41
N ALA A 77 -22.02 7.71 -12.92
CA ALA A 77 -23.31 7.56 -12.25
C ALA A 77 -23.82 6.11 -12.14
N ALA A 78 -23.10 5.15 -12.73
CA ALA A 78 -23.48 3.74 -12.82
C ALA A 78 -22.31 2.82 -12.42
N VAL A 79 -21.57 3.18 -11.36
CA VAL A 79 -20.32 2.50 -10.97
C VAL A 79 -20.56 1.10 -10.39
N GLY A 80 -21.80 0.76 -10.04
CA GLY A 80 -22.20 -0.64 -9.77
C GLY A 80 -22.04 -1.56 -10.98
N ASN A 81 -21.99 -1.03 -12.21
CA ASN A 81 -21.71 -1.81 -13.43
C ASN A 81 -20.19 -1.94 -13.71
N CYS A 82 -19.38 -0.91 -13.41
CA CYS A 82 -17.93 -1.04 -13.31
C CYS A 82 -17.28 -0.01 -12.36
N ALA A 83 -16.32 -0.48 -11.56
CA ALA A 83 -15.48 0.30 -10.64
C ALA A 83 -13.99 0.18 -11.01
N GLU A 84 -13.16 1.16 -10.64
CA GLU A 84 -11.77 1.22 -11.14
C GLU A 84 -10.68 0.52 -10.33
N HIS A 85 -10.31 1.02 -9.14
CA HIS A 85 -8.95 0.80 -8.67
C HIS A 85 -8.59 -0.66 -8.38
N MET A 86 -9.54 -1.45 -7.87
CA MET A 86 -9.30 -2.87 -7.56
C MET A 86 -9.45 -3.76 -8.79
N ARG A 87 -10.23 -3.35 -9.79
CA ARG A 87 -10.47 -4.13 -11.03
C ARG A 87 -9.33 -3.90 -12.02
N ARG A 88 -8.93 -2.64 -12.17
CA ARG A 88 -7.80 -2.15 -12.98
C ARG A 88 -6.48 -2.75 -12.48
N PHE A 89 -6.25 -2.78 -11.17
CA PHE A 89 -5.09 -3.45 -10.54
C PHE A 89 -5.04 -4.95 -10.83
N LEU A 90 -6.14 -5.69 -10.68
CA LEU A 90 -6.16 -7.15 -10.91
C LEU A 90 -5.75 -7.52 -12.34
N GLN A 91 -6.22 -6.77 -13.35
CA GLN A 91 -5.83 -6.98 -14.75
C GLN A 91 -4.35 -6.62 -15.02
N CYS A 92 -3.72 -5.77 -14.21
CA CYS A 92 -2.27 -5.59 -14.23
C CYS A 92 -1.55 -6.82 -13.64
N ALA A 93 -1.90 -7.27 -12.43
CA ALA A 93 -1.25 -8.42 -11.78
C ALA A 93 -1.42 -9.75 -12.56
N GLU A 94 -2.48 -9.86 -13.37
CA GLU A 94 -2.73 -11.01 -14.25
C GLU A 94 -1.87 -11.00 -15.54
N GLN A 95 -1.20 -9.89 -15.87
CA GLN A 95 -0.36 -9.70 -17.07
C GLN A 95 1.12 -9.40 -16.74
N VAL A 96 1.39 -8.60 -15.71
CA VAL A 96 2.70 -8.03 -15.34
C VAL A 96 2.92 -8.03 -13.82
N TYR A 14 2.44 -8.16 -6.67
CA TYR A 14 3.04 -7.86 -5.36
C TYR A 14 4.40 -7.17 -5.50
N CYS A 15 4.81 -6.43 -4.46
CA CYS A 15 6.12 -5.77 -4.40
C CYS A 15 7.05 -6.57 -3.48
N GLY A 16 8.27 -6.90 -3.93
CA GLY A 16 9.15 -7.86 -3.24
C GLY A 16 9.43 -7.55 -1.77
N ARG A 17 9.53 -6.26 -1.40
CA ARG A 17 9.69 -5.84 0.00
C ARG A 17 8.52 -6.18 0.93
N GLU A 18 7.37 -6.56 0.39
CA GLU A 18 6.22 -7.02 1.19
C GLU A 18 6.45 -8.41 1.81
N LEU A 19 7.32 -9.22 1.21
CA LEU A 19 7.86 -10.43 1.85
C LEU A 19 9.10 -10.10 2.71
N GLU A 20 10.03 -9.28 2.21
CA GLU A 20 11.30 -9.00 2.91
C GLU A 20 11.11 -8.25 4.24
N GLN A 21 10.24 -7.23 4.28
CA GLN A 21 10.06 -6.38 5.48
C GLN A 21 9.11 -7.01 6.50
N TYR A 22 8.16 -7.85 6.06
CA TYR A 22 7.47 -8.80 6.95
C TYR A 22 8.48 -9.74 7.60
N GLY A 23 9.38 -10.33 6.80
CA GLY A 23 10.47 -11.19 7.27
C GLY A 23 11.40 -10.51 8.28
N GLN A 24 11.69 -9.22 8.15
CA GLN A 24 12.43 -8.47 9.16
C GLN A 24 11.72 -8.43 10.51
N CYS A 25 10.48 -7.93 10.53
CA CYS A 25 9.83 -7.63 11.79
C CYS A 25 9.23 -8.87 12.46
N VAL A 26 8.86 -9.93 11.71
CA VAL A 26 8.43 -11.22 12.28
C VAL A 26 9.57 -12.18 12.66
N ALA A 27 10.72 -12.16 11.98
CA ALA A 27 11.79 -13.14 12.29
C ALA A 27 12.67 -12.74 13.48
N ALA A 28 12.55 -11.49 13.95
CA ALA A 28 13.13 -11.08 15.24
C ALA A 28 12.25 -11.56 16.41
N LYS A 29 10.96 -11.17 16.42
CA LYS A 29 9.90 -11.69 17.29
C LYS A 29 8.52 -11.60 16.61
N PRO A 30 7.54 -12.47 16.96
CA PRO A 30 6.12 -12.21 16.73
C PRO A 30 5.64 -10.83 17.22
N GLU A 31 6.15 -10.35 18.36
CA GLU A 31 5.87 -8.99 18.88
C GLU A 31 6.32 -7.88 17.93
N SER A 32 7.50 -7.98 17.34
CA SER A 32 8.06 -6.91 16.50
C SER A 32 7.34 -6.76 15.16
N TRP A 33 6.55 -7.74 14.70
CA TRP A 33 5.64 -7.53 13.57
C TRP A 33 4.56 -6.47 13.85
N GLN A 34 4.16 -6.30 15.12
CA GLN A 34 3.30 -5.18 15.54
C GLN A 34 4.08 -3.91 15.91
N ARG A 35 5.27 -4.02 16.56
CA ARG A 35 6.06 -2.86 17.03
C ARG A 35 6.95 -2.23 15.95
N ASP A 36 7.77 -3.02 15.26
CA ASP A 36 8.73 -2.55 14.24
C ASP A 36 8.06 -2.30 12.87
N CYS A 37 6.94 -2.98 12.61
CA CYS A 37 6.07 -2.66 11.47
C CYS A 37 4.71 -2.15 11.98
N HIS A 38 4.60 -0.86 12.32
CA HIS A 38 3.33 -0.11 12.26
C HIS A 38 3.19 0.63 10.93
N TYR A 39 4.07 1.62 10.73
CA TYR A 39 4.08 2.51 9.57
C TYR A 39 4.50 1.73 8.32
N LEU A 40 5.49 0.84 8.46
CA LEU A 40 5.98 0.04 7.34
C LEU A 40 5.04 -1.10 6.97
N LYS A 41 4.21 -1.62 7.89
CA LYS A 41 3.17 -2.63 7.57
C LYS A 41 2.18 -2.06 6.55
N MET A 42 1.74 -0.83 6.79
CA MET A 42 0.82 -0.11 5.91
C MET A 42 1.51 0.35 4.61
N SER A 43 2.79 0.73 4.66
CA SER A 43 3.60 1.07 3.46
C SER A 43 3.69 -0.11 2.47
N ILE A 44 4.14 -1.28 2.93
CA ILE A 44 4.34 -2.43 2.04
C ILE A 44 3.01 -3.01 1.54
N ALA A 45 1.94 -2.92 2.34
CA ALA A 45 0.59 -3.23 1.91
C ALA A 45 0.10 -2.29 0.79
N GLN A 46 0.40 -0.98 0.85
CA GLN A 46 -0.07 -0.02 -0.15
C GLN A 46 0.56 -0.27 -1.53
N CYS A 47 1.84 -0.65 -1.58
CA CYS A 47 2.50 -0.98 -2.86
C CYS A 47 1.78 -2.11 -3.62
N THR A 48 1.30 -3.14 -2.92
CA THR A 48 0.49 -4.22 -3.52
C THR A 48 -1.00 -3.87 -3.65
N SER A 49 -1.49 -2.85 -2.91
CA SER A 49 -2.89 -2.38 -2.91
C SER A 49 -3.18 -1.20 -3.86
N SER A 50 -2.18 -0.67 -4.59
CA SER A 50 -2.34 0.50 -5.46
C SER A 50 -3.23 0.23 -6.71
N HIS A 51 -3.53 -1.04 -6.99
CA HIS A 51 -4.54 -1.49 -7.95
C HIS A 51 -5.96 -1.05 -7.50
N PRO A 52 -6.82 -0.47 -8.36
CA PRO A 52 -8.18 -0.04 -8.00
C PRO A 52 -9.15 -1.21 -7.70
N ILE A 53 -9.09 -1.78 -6.49
CA ILE A 53 -9.87 -2.95 -6.05
C ILE A 53 -10.39 -2.73 -4.63
N ILE A 54 -11.70 -2.52 -4.49
CA ILE A 54 -12.38 -2.18 -3.22
C ILE A 54 -13.45 -3.19 -2.78
N ARG A 55 -13.71 -4.23 -3.58
CA ARG A 55 -14.72 -5.27 -3.32
C ARG A 55 -14.53 -6.08 -2.03
N GLN A 56 -13.31 -6.17 -1.50
CA GLN A 56 -13.04 -6.70 -0.17
C GLN A 56 -13.14 -5.58 0.88
N ILE A 57 -12.50 -4.42 0.63
CA ILE A 57 -12.47 -3.26 1.54
C ILE A 57 -13.88 -2.84 1.97
N ARG A 58 -14.81 -2.69 1.01
CA ARG A 58 -16.17 -2.20 1.25
C ARG A 58 -17.06 -3.18 2.04
N GLN A 59 -16.69 -4.46 2.08
CA GLN A 59 -17.29 -5.45 2.99
C GLN A 59 -16.59 -5.45 4.37
N ALA A 60 -15.26 -5.36 4.40
CA ALA A 60 -14.44 -5.43 5.62
C ALA A 60 -14.46 -4.14 6.47
N CYS A 61 -14.91 -3.01 5.91
CA CYS A 61 -14.82 -1.68 6.53
C CYS A 61 -16.03 -0.82 6.14
N ALA A 62 -16.73 -0.23 7.11
CA ALA A 62 -18.05 0.36 6.90
C ALA A 62 -18.19 1.84 7.30
N GLN A 63 -18.20 2.17 8.59
CA GLN A 63 -18.55 3.53 9.03
C GLN A 63 -17.52 4.58 8.59
N PRO A 64 -16.18 4.35 8.73
CA PRO A 64 -15.18 5.28 8.20
C PRO A 64 -15.19 5.36 6.67
N PHE A 65 -15.63 4.30 5.98
CA PHE A 65 -15.62 4.23 4.52
C PHE A 65 -16.76 5.06 3.89
N GLU A 66 -17.87 5.24 4.60
CA GLU A 66 -18.86 6.28 4.32
C GLU A 66 -18.38 7.65 4.83
N ALA A 67 -17.92 7.74 6.08
CA ALA A 67 -17.67 9.02 6.76
C ALA A 67 -16.62 9.91 6.07
N PHE A 68 -15.59 9.35 5.44
CA PHE A 68 -14.64 10.17 4.68
C PHE A 68 -15.15 10.60 3.29
N GLU A 69 -16.04 9.82 2.67
CA GLU A 69 -16.77 10.25 1.47
C GLU A 69 -17.77 11.38 1.81
N GLU A 70 -18.41 11.27 2.98
CA GLU A 70 -19.32 12.27 3.55
C GLU A 70 -18.59 13.53 4.04
N CYS A 71 -17.27 13.47 4.25
CA CYS A 71 -16.45 14.65 4.50
C CYS A 71 -16.42 15.54 3.25
N LEU A 72 -16.03 15.01 2.08
CA LEU A 72 -16.05 15.70 0.80
C LEU A 72 -17.49 16.02 0.31
N ARG A 73 -18.51 15.22 0.66
CA ARG A 73 -19.93 15.54 0.35
C ARG A 73 -20.38 16.91 0.89
N GLN A 74 -19.77 17.37 1.98
CA GLN A 74 -19.88 18.74 2.49
C GLN A 74 -18.70 19.65 2.09
N ASN A 75 -17.47 19.13 2.11
CA ASN A 75 -16.23 19.92 2.13
C ASN A 75 -15.23 19.51 1.02
N GLU A 76 -15.70 18.98 -0.13
CA GLU A 76 -14.82 18.51 -1.21
C GLU A 76 -13.84 19.61 -1.71
N ALA A 77 -14.18 20.88 -1.46
CA ALA A 77 -13.38 22.05 -1.79
C ALA A 77 -12.15 22.26 -0.89
N ALA A 78 -12.07 21.61 0.27
CA ALA A 78 -11.07 21.84 1.32
C ALA A 78 -10.34 20.55 1.72
N VAL A 79 -9.72 19.86 0.76
CA VAL A 79 -9.13 18.51 0.94
C VAL A 79 -7.95 18.49 1.94
N GLY A 80 -7.30 19.63 2.20
CA GLY A 80 -6.35 19.79 3.31
C GLY A 80 -6.97 19.56 4.71
N ASN A 81 -8.30 19.65 4.86
CA ASN A 81 -9.02 19.32 6.09
C ASN A 81 -9.39 17.82 6.18
N CYS A 82 -9.62 17.13 5.05
CA CYS A 82 -9.77 15.67 4.95
C CYS A 82 -9.56 15.16 3.51
N ALA A 83 -8.85 14.03 3.34
CA ALA A 83 -8.62 13.38 2.04
C ALA A 83 -9.01 11.90 2.10
N GLU A 84 -9.83 11.43 1.15
CA GLU A 84 -10.55 10.17 1.30
C GLU A 84 -9.74 8.91 0.92
N HIS A 85 -8.85 8.93 -0.07
CA HIS A 85 -8.08 7.73 -0.44
C HIS A 85 -7.17 7.26 0.69
N MET A 86 -6.39 8.18 1.28
CA MET A 86 -5.48 7.86 2.39
C MET A 86 -6.26 7.50 3.67
N ARG A 87 -7.25 8.31 4.05
CA ARG A 87 -7.96 8.11 5.33
C ARG A 87 -8.89 6.90 5.30
N ARG A 88 -9.45 6.51 4.15
CA ARG A 88 -10.16 5.23 4.03
C ARG A 88 -9.18 4.05 4.06
N PHE A 89 -8.05 4.12 3.36
CA PHE A 89 -7.01 3.09 3.44
C PHE A 89 -6.52 2.85 4.87
N LEU A 90 -6.23 3.93 5.61
CA LEU A 90 -5.84 3.93 7.03
C LEU A 90 -6.90 3.27 7.91
N GLN A 91 -8.13 3.81 7.90
CA GLN A 91 -9.16 3.34 8.84
C GLN A 91 -9.59 1.90 8.56
N CYS A 92 -9.49 1.43 7.32
CA CYS A 92 -9.81 0.05 6.96
C CYS A 92 -8.67 -0.93 7.30
N ALA A 93 -7.40 -0.56 7.07
CA ALA A 93 -6.24 -1.33 7.55
C ALA A 93 -6.19 -1.40 9.10
N GLU A 94 -6.83 -0.45 9.78
CA GLU A 94 -7.00 -0.40 11.23
C GLU A 94 -8.32 -1.03 11.74
N GLN A 95 -9.25 -1.42 10.87
CA GLN A 95 -10.44 -2.20 11.23
C GLN A 95 -10.12 -3.71 11.29
N VAL A 96 -9.43 -4.23 10.27
CA VAL A 96 -9.20 -5.67 10.09
C VAL A 96 -7.80 -6.11 10.52
N TYR A 14 3.71 -7.53 -8.09
CA TYR A 14 3.28 -7.19 -6.73
C TYR A 14 4.43 -6.60 -5.91
N CYS A 15 4.11 -5.95 -4.79
CA CYS A 15 5.10 -5.24 -3.96
C CYS A 15 5.52 -6.09 -2.74
N GLY A 16 6.83 -6.13 -2.46
CA GLY A 16 7.49 -7.17 -1.66
C GLY A 16 8.40 -6.68 -0.51
N ARG A 17 8.64 -5.38 -0.37
CA ARG A 17 9.49 -4.82 0.71
C ARG A 17 9.15 -5.34 2.12
N GLU A 18 7.85 -5.53 2.38
CA GLU A 18 7.36 -5.90 3.70
C GLU A 18 7.52 -7.41 3.96
N LEU A 19 7.60 -8.25 2.93
CA LEU A 19 7.82 -9.70 3.08
C LEU A 19 9.27 -9.98 3.52
N GLU A 20 10.24 -9.25 2.97
CA GLU A 20 11.63 -9.24 3.46
C GLU A 20 11.71 -8.81 4.94
N GLN A 21 10.91 -7.81 5.32
CA GLN A 21 10.89 -7.28 6.68
C GLN A 21 10.01 -8.08 7.66
N TYR A 22 9.07 -8.89 7.18
CA TYR A 22 8.35 -9.88 7.99
C TYR A 22 9.34 -10.90 8.57
N GLY A 23 10.26 -11.42 7.74
CA GLY A 23 11.33 -12.30 8.20
C GLY A 23 12.21 -11.65 9.27
N GLN A 24 12.60 -10.39 9.04
CA GLN A 24 13.34 -9.59 10.05
C GLN A 24 12.57 -9.38 11.36
N CYS A 25 11.27 -9.07 11.28
CA CYS A 25 10.40 -8.84 12.43
C CYS A 25 10.22 -10.13 13.24
N VAL A 26 9.77 -11.21 12.60
CA VAL A 26 9.42 -12.47 13.28
C VAL A 26 10.64 -13.27 13.73
N ALA A 27 11.83 -13.00 13.18
CA ALA A 27 13.10 -13.43 13.78
C ALA A 27 13.39 -12.70 15.09
N ALA A 28 13.27 -11.36 15.11
CA ALA A 28 13.58 -10.55 16.29
C ALA A 28 12.65 -10.85 17.48
N LYS A 29 11.33 -10.76 17.28
CA LYS A 29 10.30 -11.15 18.28
C LYS A 29 8.96 -11.56 17.62
N PRO A 30 8.09 -12.32 18.32
CA PRO A 30 6.67 -12.40 17.97
C PRO A 30 6.00 -11.01 17.88
N GLU A 31 6.24 -10.13 18.86
CA GLU A 31 5.65 -8.78 18.93
C GLU A 31 6.27 -7.77 17.94
N SER A 32 7.44 -8.05 17.37
CA SER A 32 8.06 -7.20 16.34
C SER A 32 7.25 -7.12 15.05
N TRP A 33 6.31 -8.04 14.81
CA TRP A 33 5.35 -7.92 13.70
C TRP A 33 4.50 -6.63 13.79
N GLN A 34 4.16 -6.20 15.02
CA GLN A 34 3.60 -4.87 15.31
C GLN A 34 4.69 -3.79 15.49
N ARG A 35 5.73 -4.07 16.29
CA ARG A 35 6.69 -3.05 16.78
C ARG A 35 7.86 -2.68 15.86
N ASP A 36 8.22 -3.52 14.89
CA ASP A 36 9.29 -3.26 13.90
C ASP A 36 8.80 -3.13 12.44
N CYS A 37 7.59 -3.57 12.10
CA CYS A 37 7.02 -3.32 10.78
C CYS A 37 5.49 -3.16 10.80
N HIS A 38 5.00 -1.97 11.17
CA HIS A 38 3.63 -1.49 10.92
C HIS A 38 3.47 -0.72 9.61
N TYR A 39 4.19 0.38 9.45
CA TYR A 39 3.98 1.34 8.37
C TYR A 39 4.44 0.82 7.01
N LEU A 40 5.27 -0.23 7.01
CA LEU A 40 5.60 -1.05 5.84
C LEU A 40 4.38 -1.84 5.32
N LYS A 41 3.49 -2.33 6.20
CA LYS A 41 2.24 -3.03 5.80
C LYS A 41 1.29 -2.09 5.09
N MET A 42 1.15 -0.87 5.63
CA MET A 42 0.45 0.23 4.97
C MET A 42 1.10 0.60 3.63
N SER A 43 2.43 0.72 3.57
CA SER A 43 3.18 1.09 2.37
C SER A 43 2.96 0.10 1.22
N ILE A 44 3.02 -1.23 1.49
CA ILE A 44 2.80 -2.24 0.44
C ILE A 44 1.31 -2.41 0.08
N ALA A 45 0.36 -2.23 1.00
CA ALA A 45 -1.07 -2.24 0.67
C ALA A 45 -1.40 -1.09 -0.30
N GLN A 46 -0.89 0.11 -0.02
CA GLN A 46 -1.03 1.27 -0.88
C GLN A 46 -0.26 1.11 -2.21
N CYS A 47 0.79 0.28 -2.25
CA CYS A 47 1.51 -0.09 -3.48
C CYS A 47 0.72 -1.10 -4.35
N THR A 48 -0.07 -2.00 -3.75
CA THR A 48 -1.09 -2.78 -4.48
C THR A 48 -2.23 -1.89 -4.97
N SER A 49 -2.62 -0.88 -4.19
CA SER A 49 -3.62 0.15 -4.54
C SER A 49 -3.12 1.23 -5.51
N SER A 50 -2.04 0.98 -6.26
CA SER A 50 -1.42 1.95 -7.18
C SER A 50 -2.29 2.34 -8.39
N HIS A 51 -3.31 1.54 -8.72
CA HIS A 51 -4.36 1.85 -9.71
C HIS A 51 -5.75 1.81 -9.03
N PRO A 52 -6.22 2.94 -8.46
CA PRO A 52 -7.42 3.01 -7.60
C PRO A 52 -8.77 3.14 -8.35
N ILE A 53 -8.78 3.00 -9.67
CA ILE A 53 -9.94 2.89 -10.58
C ILE A 53 -10.83 4.15 -10.73
N ILE A 54 -11.34 4.72 -9.64
CA ILE A 54 -12.37 5.77 -9.66
C ILE A 54 -12.22 6.83 -8.55
N ARG A 55 -12.46 8.09 -8.91
CA ARG A 55 -12.59 9.27 -8.02
C ARG A 55 -13.90 9.29 -7.23
N GLN A 56 -14.99 8.70 -7.76
CA GLN A 56 -16.32 8.69 -7.15
C GLN A 56 -16.32 8.23 -5.69
N ILE A 57 -15.49 7.23 -5.34
CA ILE A 57 -15.39 6.75 -3.96
C ILE A 57 -14.64 7.74 -3.06
N ARG A 58 -13.64 8.49 -3.57
CA ARG A 58 -12.95 9.54 -2.81
C ARG A 58 -13.85 10.73 -2.48
N GLN A 59 -14.94 10.93 -3.22
CA GLN A 59 -15.98 11.89 -2.85
C GLN A 59 -16.75 11.50 -1.57
N ALA A 60 -16.73 10.22 -1.16
CA ALA A 60 -17.32 9.73 0.10
C ALA A 60 -16.27 9.28 1.14
N CYS A 61 -15.57 8.18 0.85
CA CYS A 61 -14.75 7.35 1.74
C CYS A 61 -15.30 7.15 3.16
N ALA A 62 -16.11 6.09 3.33
CA ALA A 62 -16.78 5.68 4.56
C ALA A 62 -15.91 5.58 5.83
N GLN A 63 -14.60 5.32 5.71
CA GLN A 63 -13.68 5.22 6.84
C GLN A 63 -13.32 6.61 7.41
N PRO A 64 -12.77 7.54 6.61
CA PRO A 64 -12.74 8.97 6.95
C PRO A 64 -14.10 9.56 7.34
N PHE A 65 -15.21 9.09 6.74
CA PHE A 65 -16.55 9.63 7.01
C PHE A 65 -16.92 9.51 8.50
N GLU A 66 -16.72 8.34 9.11
CA GLU A 66 -16.99 8.11 10.53
C GLU A 66 -16.14 9.01 11.45
N ALA A 67 -14.88 9.26 11.06
CA ALA A 67 -13.95 10.11 11.84
C ALA A 67 -14.13 11.62 11.67
N PHE A 68 -14.77 12.10 10.60
CA PHE A 68 -15.01 13.53 10.40
C PHE A 68 -16.47 13.95 10.63
N GLU A 69 -17.42 13.02 10.57
CA GLU A 69 -18.72 13.23 11.20
C GLU A 69 -18.61 13.31 12.73
N GLU A 70 -17.61 12.65 13.34
CA GLU A 70 -17.30 12.74 14.76
C GLU A 70 -16.92 14.18 15.19
N CYS A 71 -16.15 14.88 14.37
CA CYS A 71 -15.75 16.28 14.63
C CYS A 71 -16.98 17.21 14.86
N LEU A 72 -17.99 17.16 13.98
CA LEU A 72 -19.28 17.85 14.05
C LEU A 72 -20.24 17.25 15.11
N ARG A 73 -20.02 16.02 15.59
CA ARG A 73 -20.85 15.35 16.61
C ARG A 73 -20.45 15.78 18.03
N GLN A 74 -19.15 15.70 18.34
CA GLN A 74 -18.59 15.92 19.67
C GLN A 74 -18.14 17.38 19.92
N ASN A 75 -17.69 18.11 18.90
CA ASN A 75 -17.18 19.48 19.04
C ASN A 75 -17.48 20.35 17.80
N GLU A 76 -18.76 20.52 17.44
CA GLU A 76 -19.20 21.26 16.24
C GLU A 76 -18.72 22.74 16.18
N ALA A 77 -18.27 23.31 17.30
CA ALA A 77 -17.69 24.66 17.41
C ALA A 77 -16.17 24.72 17.17
N ALA A 78 -15.49 23.58 17.15
CA ALA A 78 -14.05 23.44 16.93
C ALA A 78 -13.70 22.87 15.54
N VAL A 79 -14.68 22.78 14.63
CA VAL A 79 -14.53 22.09 13.33
C VAL A 79 -13.59 22.80 12.35
N GLY A 80 -13.14 24.02 12.63
CA GLY A 80 -11.94 24.59 12.01
C GLY A 80 -10.70 23.68 12.14
N ASN A 81 -10.61 22.91 13.23
CA ASN A 81 -9.65 21.82 13.42
C ASN A 81 -9.89 20.67 12.42
N CYS A 82 -11.11 20.12 12.35
CA CYS A 82 -11.52 19.16 11.32
C CYS A 82 -13.00 19.29 10.92
N ALA A 83 -13.25 19.26 9.62
CA ALA A 83 -14.57 19.30 8.98
C ALA A 83 -14.58 18.38 7.75
N GLU A 84 -15.76 17.92 7.32
CA GLU A 84 -15.85 16.63 6.62
C GLU A 84 -15.50 16.69 5.14
N HIS A 85 -15.88 17.73 4.40
CA HIS A 85 -15.70 17.70 2.94
C HIS A 85 -14.24 17.73 2.48
N MET A 86 -13.36 18.48 3.17
CA MET A 86 -11.93 18.46 2.87
C MET A 86 -11.25 17.25 3.52
N ARG A 87 -11.50 17.01 4.81
CA ARG A 87 -10.77 15.97 5.56
C ARG A 87 -11.13 14.54 5.11
N ARG A 88 -12.36 14.27 4.63
CA ARG A 88 -12.70 12.96 4.06
C ARG A 88 -11.88 12.65 2.81
N PHE A 89 -11.78 13.63 1.91
CA PHE A 89 -10.99 13.52 0.68
C PHE A 89 -9.48 13.42 0.99
N LEU A 90 -8.97 14.18 1.96
CA LEU A 90 -7.56 14.18 2.38
C LEU A 90 -7.09 12.82 2.93
N GLN A 91 -7.79 12.25 3.92
CA GLN A 91 -7.42 10.94 4.47
C GLN A 91 -7.60 9.79 3.46
N CYS A 92 -8.40 10.00 2.41
CA CYS A 92 -8.54 9.11 1.27
C CYS A 92 -7.55 9.40 0.11
N ALA A 93 -6.82 10.52 0.12
CA ALA A 93 -5.65 10.72 -0.72
C ALA A 93 -4.38 10.08 -0.08
N GLU A 94 -4.17 10.29 1.23
CA GLU A 94 -2.99 9.80 1.95
C GLU A 94 -3.00 8.27 2.14
N GLN A 95 -4.18 7.69 2.37
CA GLN A 95 -4.49 6.24 2.44
C GLN A 95 -5.55 5.81 1.41
N VAL A 96 -5.47 6.38 0.21
CA VAL A 96 -6.04 5.86 -1.05
C VAL A 96 -6.46 4.38 -1.08
N TYR A 14 1.07 -8.26 -3.96
CA TYR A 14 2.34 -7.87 -4.59
C TYR A 14 3.05 -6.80 -3.77
N CYS A 15 4.24 -7.10 -3.26
CA CYS A 15 5.36 -6.16 -3.09
C CYS A 15 6.66 -6.93 -2.76
N GLY A 16 7.83 -6.57 -3.32
CA GLY A 16 9.10 -7.20 -2.94
C GLY A 16 9.54 -6.90 -1.50
N ARG A 17 9.40 -5.64 -1.07
CA ARG A 17 9.66 -5.18 0.30
C ARG A 17 8.85 -5.93 1.37
N GLU A 18 7.75 -6.58 0.98
CA GLU A 18 6.95 -7.38 1.89
C GLU A 18 7.66 -8.67 2.31
N LEU A 19 8.32 -9.36 1.38
CA LEU A 19 9.11 -10.55 1.69
C LEU A 19 10.34 -10.18 2.55
N GLU A 20 11.01 -9.08 2.21
CA GLU A 20 12.18 -8.61 2.96
C GLU A 20 11.83 -8.15 4.38
N GLN A 21 10.83 -7.27 4.54
CA GLN A 21 10.47 -6.71 5.85
C GLN A 21 9.76 -7.73 6.75
N TYR A 22 8.97 -8.65 6.18
CA TYR A 22 8.34 -9.72 6.96
C TYR A 22 9.40 -10.55 7.67
N GLY A 23 10.50 -10.89 6.99
CA GLY A 23 11.64 -11.58 7.62
C GLY A 23 12.23 -10.80 8.80
N GLN A 24 12.60 -9.53 8.62
CA GLN A 24 13.16 -8.71 9.72
C GLN A 24 12.21 -8.59 10.90
N CYS A 25 10.96 -8.20 10.64
CA CYS A 25 9.98 -7.89 11.67
C CYS A 25 9.39 -9.14 12.34
N VAL A 26 9.30 -10.30 11.68
CA VAL A 26 8.89 -11.56 12.34
C VAL A 26 10.05 -12.26 13.07
N ALA A 27 11.28 -12.19 12.55
CA ALA A 27 12.42 -12.93 13.13
C ALA A 27 12.98 -12.29 14.42
N ALA A 28 12.55 -11.05 14.73
CA ALA A 28 12.82 -10.42 16.01
C ALA A 28 11.84 -10.90 17.11
N LYS A 29 10.53 -10.75 16.88
CA LYS A 29 9.41 -11.32 17.66
C LYS A 29 8.21 -11.57 16.73
N PRO A 30 7.30 -12.52 17.01
CA PRO A 30 6.03 -12.62 16.28
C PRO A 30 5.22 -11.31 16.32
N GLU A 31 5.27 -10.59 17.45
CA GLU A 31 4.60 -9.30 17.67
C GLU A 31 5.33 -8.11 17.02
N SER A 32 6.59 -8.28 16.61
CA SER A 32 7.37 -7.22 15.93
C SER A 32 6.92 -6.95 14.50
N TRP A 33 6.07 -7.80 13.90
CA TRP A 33 5.28 -7.40 12.72
C TRP A 33 4.48 -6.12 12.97
N GLN A 34 3.90 -5.95 14.17
CA GLN A 34 3.19 -4.74 14.57
C GLN A 34 4.14 -3.65 15.09
N ARG A 35 5.14 -4.05 15.89
CA ARG A 35 6.00 -3.13 16.66
C ARG A 35 7.25 -2.60 15.93
N ASP A 36 7.95 -3.43 15.17
CA ASP A 36 9.12 -3.02 14.35
C ASP A 36 8.72 -2.58 12.94
N CYS A 37 7.55 -3.01 12.41
CA CYS A 37 7.01 -2.52 11.14
C CYS A 37 5.62 -1.87 11.34
N HIS A 38 5.54 -0.61 11.78
CA HIS A 38 4.28 0.14 11.92
C HIS A 38 3.85 0.85 10.63
N TYR A 39 4.65 1.79 10.12
CA TYR A 39 4.42 2.40 8.80
C TYR A 39 4.69 1.36 7.71
N LEU A 40 5.65 0.45 7.93
CA LEU A 40 6.00 -0.60 6.97
C LEU A 40 4.85 -1.59 6.71
N LYS A 41 4.06 -2.01 7.72
CA LYS A 41 2.91 -2.92 7.48
C LYS A 41 1.74 -2.25 6.74
N MET A 42 1.59 -0.93 6.85
CA MET A 42 0.69 -0.17 5.98
C MET A 42 1.30 0.15 4.59
N SER A 43 2.62 0.25 4.49
CA SER A 43 3.33 0.53 3.22
C SER A 43 3.20 -0.61 2.23
N ILE A 44 3.29 -1.87 2.66
CA ILE A 44 3.08 -3.02 1.76
C ILE A 44 1.61 -3.15 1.29
N ALA A 45 0.66 -2.60 2.05
CA ALA A 45 -0.76 -2.53 1.66
C ALA A 45 -1.00 -1.46 0.57
N GLN A 46 -0.41 -0.27 0.72
CA GLN A 46 -0.44 0.77 -0.31
C GLN A 46 0.35 0.36 -1.57
N CYS A 47 1.46 -0.37 -1.42
CA CYS A 47 2.19 -0.98 -2.55
C CYS A 47 1.29 -1.95 -3.35
N THR A 48 0.58 -2.87 -2.68
CA THR A 48 -0.41 -3.73 -3.35
C THR A 48 -1.59 -2.93 -3.93
N SER A 49 -2.02 -1.84 -3.28
CA SER A 49 -3.07 -0.93 -3.74
C SER A 49 -2.67 0.01 -4.89
N SER A 50 -1.38 0.08 -5.24
CA SER A 50 -0.84 1.06 -6.20
C SER A 50 -1.45 0.93 -7.59
N HIS A 51 -1.77 -0.30 -8.03
CA HIS A 51 -2.39 -0.64 -9.31
C HIS A 51 -1.70 0.04 -10.52
N PRO A 52 -0.53 -0.46 -10.96
CA PRO A 52 0.24 0.06 -12.10
C PRO A 52 -0.39 -0.34 -13.45
N ILE A 53 -1.55 0.26 -13.73
CA ILE A 53 -2.41 0.11 -14.91
C ILE A 53 -3.08 1.46 -15.21
N ILE A 54 -3.43 1.70 -16.48
CA ILE A 54 -3.90 3.00 -17.02
C ILE A 54 -2.85 4.12 -16.81
N ARG A 55 -1.91 4.26 -17.75
CA ARG A 55 -0.80 5.24 -17.71
C ARG A 55 -1.27 6.68 -17.48
N GLN A 56 -2.46 7.07 -17.93
CA GLN A 56 -3.03 8.41 -17.71
C GLN A 56 -3.13 8.80 -16.22
N ILE A 57 -3.28 7.84 -15.30
CA ILE A 57 -3.30 8.09 -13.85
C ILE A 57 -1.88 8.50 -13.38
N ARG A 58 -0.87 7.71 -13.75
CA ARG A 58 0.55 8.00 -13.47
C ARG A 58 1.11 9.18 -14.26
N GLN A 59 0.52 9.55 -15.40
CA GLN A 59 0.92 10.71 -16.20
C GLN A 59 0.48 12.05 -15.57
N ALA A 60 -0.61 12.07 -14.80
CA ALA A 60 -0.95 13.16 -13.89
C ALA A 60 -0.13 13.07 -12.58
N CYS A 61 -0.07 11.87 -12.00
CA CYS A 61 0.75 11.53 -10.82
C CYS A 61 2.22 11.24 -11.21
N ALA A 62 2.86 12.17 -11.93
CA ALA A 62 4.19 11.98 -12.52
C ALA A 62 5.30 12.71 -11.76
N GLN A 63 5.48 14.02 -11.97
CA GLN A 63 6.62 14.74 -11.40
C GLN A 63 6.67 14.72 -9.86
N PRO A 64 5.55 14.81 -9.11
CA PRO A 64 5.56 14.60 -7.66
C PRO A 64 5.96 13.17 -7.24
N PHE A 65 5.54 12.14 -7.99
CA PHE A 65 5.84 10.73 -7.70
C PHE A 65 7.35 10.48 -7.84
N GLU A 66 7.95 11.01 -8.91
CA GLU A 66 9.40 11.05 -9.13
C GLU A 66 10.14 11.93 -8.11
N ALA A 67 9.58 13.08 -7.70
CA ALA A 67 10.24 13.97 -6.73
C ALA A 67 10.39 13.32 -5.35
N PHE A 68 9.47 12.44 -4.94
CA PHE A 68 9.63 11.63 -3.74
C PHE A 68 10.64 10.48 -3.90
N GLU A 69 10.72 9.83 -5.07
CA GLU A 69 11.81 8.88 -5.37
C GLU A 69 13.18 9.58 -5.31
N GLU A 70 13.29 10.79 -5.84
CA GLU A 70 14.52 11.61 -5.81
C GLU A 70 14.81 12.23 -4.44
N CYS A 71 13.82 12.33 -3.55
CA CYS A 71 14.03 12.75 -2.17
C CYS A 71 14.91 11.72 -1.42
N LEU A 72 14.61 10.42 -1.56
CA LEU A 72 15.40 9.30 -1.07
C LEU A 72 16.63 8.99 -1.96
N ARG A 73 16.71 9.50 -3.19
CA ARG A 73 17.95 9.43 -3.98
C ARG A 73 19.09 10.18 -3.28
N GLN A 74 18.82 11.42 -2.87
CA GLN A 74 19.72 12.28 -2.12
C GLN A 74 19.75 11.99 -0.60
N ASN A 75 18.61 11.64 0.02
CA ASN A 75 18.46 11.41 1.47
C ASN A 75 17.66 10.13 1.79
N GLU A 76 18.15 8.95 1.40
CA GLU A 76 17.43 7.68 1.53
C GLU A 76 17.08 7.29 2.99
N ALA A 77 17.67 8.01 3.97
CA ALA A 77 17.67 7.71 5.39
C ALA A 77 17.00 8.80 6.28
N ALA A 78 16.83 10.02 5.79
CA ALA A 78 16.22 11.14 6.51
C ALA A 78 14.68 11.10 6.42
N VAL A 79 14.10 9.89 6.51
CA VAL A 79 12.76 9.56 6.02
C VAL A 79 11.64 10.27 6.82
N GLY A 80 11.95 10.88 7.96
CA GLY A 80 11.06 11.82 8.67
C GLY A 80 10.76 13.12 7.89
N ASN A 81 11.60 13.48 6.91
CA ASN A 81 11.43 14.64 6.02
C ASN A 81 10.76 14.29 4.68
N CYS A 82 10.76 13.04 4.24
CA CYS A 82 9.95 12.54 3.13
C CYS A 82 9.85 11.00 3.16
N ALA A 83 8.67 10.43 2.87
CA ALA A 83 8.43 8.99 2.83
C ALA A 83 7.66 8.57 1.57
N GLU A 84 8.40 8.08 0.57
CA GLU A 84 7.87 7.84 -0.77
C GLU A 84 6.77 6.78 -0.85
N HIS A 85 6.78 5.72 -0.04
CA HIS A 85 5.74 4.68 -0.13
C HIS A 85 4.34 5.18 0.24
N MET A 86 4.24 6.07 1.24
CA MET A 86 3.01 6.79 1.56
C MET A 86 2.75 7.91 0.55
N ARG A 87 3.75 8.77 0.29
CA ARG A 87 3.55 10.00 -0.50
C ARG A 87 3.23 9.74 -1.97
N ARG A 88 3.76 8.66 -2.57
CA ARG A 88 3.42 8.28 -3.96
C ARG A 88 1.99 7.77 -4.09
N PHE A 89 1.47 7.06 -3.07
CA PHE A 89 0.06 6.66 -3.01
C PHE A 89 -0.85 7.87 -2.75
N LEU A 90 -0.52 8.68 -1.74
CA LEU A 90 -1.29 9.85 -1.31
C LEU A 90 -1.45 10.88 -2.45
N GLN A 91 -0.38 11.24 -3.16
CA GLN A 91 -0.52 12.17 -4.29
C GLN A 91 -1.35 11.57 -5.44
N CYS A 92 -1.30 10.27 -5.72
CA CYS A 92 -2.16 9.68 -6.76
C CYS A 92 -3.65 9.60 -6.34
N ALA A 93 -3.96 9.63 -5.04
CA ALA A 93 -5.31 9.78 -4.51
C ALA A 93 -5.78 11.25 -4.45
N GLU A 94 -4.88 12.21 -4.24
CA GLU A 94 -5.17 13.65 -4.24
C GLU A 94 -5.34 14.21 -5.68
N GLN A 95 -4.54 13.69 -6.61
CA GLN A 95 -4.48 14.09 -8.03
C GLN A 95 -5.61 13.47 -8.87
N VAL A 96 -6.00 12.22 -8.62
CA VAL A 96 -6.91 11.46 -9.51
C VAL A 96 -7.95 10.67 -8.71
N TYR A 14 0.57 -8.79 -2.80
CA TYR A 14 1.86 -9.00 -3.49
C TYR A 14 2.71 -7.69 -3.49
N CYS A 15 3.89 -7.68 -2.87
CA CYS A 15 4.93 -6.66 -3.14
C CYS A 15 6.33 -7.06 -2.60
N GLY A 16 7.43 -6.78 -3.31
CA GLY A 16 8.79 -7.22 -2.92
C GLY A 16 9.30 -6.75 -1.56
N ARG A 17 8.95 -5.55 -1.08
CA ARG A 17 9.28 -5.15 0.30
C ARG A 17 8.50 -5.92 1.37
N GLU A 18 7.48 -6.69 1.02
CA GLU A 18 6.82 -7.58 1.97
C GLU A 18 7.72 -8.76 2.36
N LEU A 19 8.59 -9.19 1.43
CA LEU A 19 9.64 -10.19 1.66
C LEU A 19 10.71 -9.63 2.60
N GLU A 20 11.12 -8.37 2.36
CA GLU A 20 12.02 -7.65 3.30
C GLU A 20 11.39 -7.47 4.70
N GLN A 21 10.13 -7.05 4.75
CA GLN A 21 9.39 -6.70 5.97
C GLN A 21 9.17 -7.90 6.90
N TYR A 22 8.86 -9.09 6.36
CA TYR A 22 8.70 -10.26 7.22
C TYR A 22 10.05 -10.63 7.87
N GLY A 23 11.15 -10.61 7.12
CA GLY A 23 12.43 -11.10 7.63
C GLY A 23 13.14 -10.19 8.63
N GLN A 24 12.79 -8.89 8.70
CA GLN A 24 13.08 -8.09 9.91
C GLN A 24 12.04 -8.37 11.00
N CYS A 25 10.79 -8.01 10.74
CA CYS A 25 9.83 -7.78 11.80
C CYS A 25 9.26 -9.07 12.39
N VAL A 26 9.28 -10.21 11.69
CA VAL A 26 9.00 -11.53 12.31
C VAL A 26 10.24 -12.08 13.01
N ALA A 27 11.45 -11.79 12.52
CA ALA A 27 12.68 -12.38 13.06
C ALA A 27 13.10 -11.77 14.41
N ALA A 28 12.63 -10.57 14.73
CA ALA A 28 12.78 -10.01 16.08
C ALA A 28 11.81 -10.70 17.06
N LYS A 29 10.50 -10.59 16.81
CA LYS A 29 9.40 -11.28 17.51
C LYS A 29 8.23 -11.51 16.53
N PRO A 30 7.44 -12.59 16.59
CA PRO A 30 6.26 -12.75 15.72
C PRO A 30 5.20 -11.64 15.85
N GLU A 31 5.03 -11.03 17.04
CA GLU A 31 4.18 -9.83 17.21
C GLU A 31 4.80 -8.54 16.65
N SER A 32 6.14 -8.48 16.52
CA SER A 32 6.86 -7.33 15.96
C SER A 32 6.58 -7.11 14.47
N TRP A 33 5.95 -8.06 13.79
CA TRP A 33 5.39 -7.91 12.44
C TRP A 33 4.51 -6.65 12.32
N GLN A 34 3.67 -6.37 13.33
CA GLN A 34 3.06 -5.05 13.56
C GLN A 34 3.87 -4.11 14.49
N ARG A 35 4.49 -4.65 15.55
CA ARG A 35 5.04 -3.85 16.68
C ARG A 35 6.28 -3.04 16.31
N ASP A 36 7.24 -3.62 15.58
CA ASP A 36 8.42 -2.90 15.05
C ASP A 36 8.13 -2.24 13.70
N CYS A 37 7.24 -2.84 12.88
CA CYS A 37 6.88 -2.32 11.57
C CYS A 37 5.49 -1.66 11.57
N HIS A 38 5.40 -0.35 11.84
CA HIS A 38 4.21 0.46 11.54
C HIS A 38 4.24 0.95 10.08
N TYR A 39 5.25 1.74 9.72
CA TYR A 39 5.40 2.31 8.37
C TYR A 39 5.61 1.22 7.32
N LEU A 40 6.40 0.18 7.63
CA LEU A 40 6.68 -0.89 6.68
C LEU A 40 5.46 -1.81 6.45
N LYS A 41 4.64 -2.07 7.48
CA LYS A 41 3.38 -2.82 7.33
C LYS A 41 2.28 -2.00 6.62
N MET A 42 2.36 -0.67 6.66
CA MET A 42 1.58 0.21 5.79
C MET A 42 2.10 0.20 4.34
N SER A 43 3.41 0.32 4.13
CA SER A 43 4.04 0.39 2.80
C SER A 43 3.82 -0.87 1.95
N ILE A 44 3.77 -2.06 2.55
CA ILE A 44 3.42 -3.31 1.84
C ILE A 44 1.96 -3.32 1.38
N ALA A 45 1.05 -2.74 2.19
CA ALA A 45 -0.36 -2.59 1.84
C ALA A 45 -0.54 -1.52 0.76
N GLN A 46 0.10 -0.35 0.87
CA GLN A 46 -0.01 0.75 -0.10
C GLN A 46 0.55 0.39 -1.49
N CYS A 47 1.55 -0.50 -1.56
CA CYS A 47 1.98 -1.12 -2.81
C CYS A 47 0.90 -2.02 -3.44
N THR A 48 0.10 -2.70 -2.62
CA THR A 48 -1.08 -3.47 -3.07
C THR A 48 -2.22 -2.52 -3.48
N SER A 49 -2.46 -1.43 -2.73
CA SER A 49 -3.48 -0.39 -3.04
C SER A 49 -3.17 0.41 -4.31
N SER A 50 -1.90 0.50 -4.69
CA SER A 50 -1.46 1.13 -5.94
C SER A 50 -1.87 0.33 -7.18
N HIS A 51 -2.15 -0.98 -7.00
CA HIS A 51 -2.52 -1.97 -8.02
C HIS A 51 -1.47 -2.18 -9.14
N PRO A 52 -1.42 -3.38 -9.75
CA PRO A 52 -0.58 -3.66 -10.92
C PRO A 52 -1.26 -3.25 -12.25
N ILE A 53 -2.51 -2.82 -12.23
CA ILE A 53 -3.32 -2.47 -13.40
C ILE A 53 -3.95 -1.07 -13.25
N ILE A 54 -4.08 -0.37 -14.38
CA ILE A 54 -4.43 1.06 -14.44
C ILE A 54 -5.60 1.29 -15.40
N ARG A 55 -5.55 0.79 -16.65
CA ARG A 55 -6.45 1.20 -17.75
C ARG A 55 -7.96 1.06 -17.49
N GLN A 56 -8.35 0.24 -16.51
CA GLN A 56 -9.71 0.21 -15.94
C GLN A 56 -10.25 1.62 -15.58
N ILE A 57 -9.41 2.52 -15.08
CA ILE A 57 -9.79 3.91 -14.76
C ILE A 57 -10.01 4.76 -16.03
N ARG A 58 -9.25 4.48 -17.10
CA ARG A 58 -9.37 5.17 -18.39
C ARG A 58 -10.70 4.82 -19.08
N GLN A 59 -11.07 3.54 -19.05
CA GLN A 59 -12.40 3.08 -19.48
C GLN A 59 -13.51 3.74 -18.65
N ALA A 60 -13.41 3.73 -17.31
CA ALA A 60 -14.41 4.34 -16.42
C ALA A 60 -14.54 5.86 -16.64
N CYS A 61 -13.43 6.54 -16.97
CA CYS A 61 -13.38 7.97 -17.25
C CYS A 61 -14.04 8.37 -18.57
N ALA A 62 -14.11 7.48 -19.57
CA ALA A 62 -14.57 7.85 -20.91
C ALA A 62 -15.98 8.48 -20.96
N GLN A 63 -16.89 8.05 -20.08
CA GLN A 63 -18.26 8.58 -19.99
C GLN A 63 -18.34 10.00 -19.38
N PRO A 64 -17.76 10.31 -18.20
CA PRO A 64 -17.67 11.69 -17.71
C PRO A 64 -16.79 12.57 -18.62
N PHE A 65 -15.69 12.06 -19.17
CA PHE A 65 -14.85 12.78 -20.14
C PHE A 65 -15.70 13.29 -21.33
N GLU A 66 -16.49 12.41 -21.93
CA GLU A 66 -17.44 12.72 -23.01
C GLU A 66 -18.49 13.75 -22.58
N ALA A 67 -19.01 13.66 -21.36
CA ALA A 67 -20.09 14.50 -20.83
C ALA A 67 -19.67 15.93 -20.44
N PHE A 68 -18.37 16.21 -20.28
CA PHE A 68 -17.86 17.57 -20.08
C PHE A 68 -17.18 18.15 -21.33
N GLU A 69 -16.64 17.32 -22.22
CA GLU A 69 -16.41 17.71 -23.62
C GLU A 69 -17.72 18.15 -24.30
N GLU A 70 -18.85 17.52 -23.96
CA GLU A 70 -20.21 17.91 -24.39
C GLU A 70 -20.57 19.32 -23.90
N CYS A 71 -20.12 19.72 -22.71
CA CYS A 71 -20.47 21.03 -22.13
C CYS A 71 -19.97 22.16 -23.03
N LEU A 72 -18.73 22.10 -23.53
CA LEU A 72 -18.16 22.96 -24.55
C LEU A 72 -18.54 22.56 -25.99
N ARG A 73 -19.21 21.43 -26.24
CA ARG A 73 -19.84 21.14 -27.54
C ARG A 73 -21.11 21.97 -27.77
N GLN A 74 -21.91 22.21 -26.72
CA GLN A 74 -23.15 23.01 -26.79
C GLN A 74 -23.20 24.34 -25.98
N ASN A 75 -22.17 24.64 -25.17
CA ASN A 75 -21.94 25.92 -24.48
C ASN A 75 -20.49 26.41 -24.69
N GLU A 76 -19.90 26.17 -25.87
CA GLU A 76 -18.45 26.27 -26.15
C GLU A 76 -17.75 27.55 -25.64
N ALA A 77 -18.49 28.66 -25.62
CA ALA A 77 -18.05 29.99 -25.22
C ALA A 77 -18.19 30.30 -23.71
N ALA A 78 -19.12 29.63 -23.02
CA ALA A 78 -19.65 30.03 -21.70
C ALA A 78 -18.95 29.28 -20.56
N VAL A 79 -17.62 29.32 -20.57
CA VAL A 79 -16.74 28.49 -19.74
C VAL A 79 -16.87 28.81 -18.23
N GLY A 80 -17.49 29.94 -17.88
CA GLY A 80 -17.93 30.25 -16.51
C GLY A 80 -18.99 29.27 -15.97
N ASN A 81 -19.73 28.55 -16.83
CA ASN A 81 -20.66 27.50 -16.41
C ASN A 81 -20.01 26.11 -16.31
N CYS A 82 -18.91 25.85 -17.03
CA CYS A 82 -18.11 24.62 -16.95
C CYS A 82 -16.72 24.82 -17.59
N ALA A 83 -15.66 24.31 -16.97
CA ALA A 83 -14.30 24.29 -17.53
C ALA A 83 -13.82 22.85 -17.71
N GLU A 84 -13.96 22.32 -18.93
CA GLU A 84 -13.76 20.89 -19.21
C GLU A 84 -12.34 20.39 -18.94
N HIS A 85 -11.29 21.19 -19.08
CA HIS A 85 -9.92 20.71 -18.76
C HIS A 85 -9.73 20.39 -17.27
N MET A 86 -10.41 21.12 -16.38
CA MET A 86 -10.43 20.87 -14.93
C MET A 86 -11.50 19.83 -14.56
N ARG A 87 -12.71 19.98 -15.11
CA ARG A 87 -13.89 19.17 -14.76
C ARG A 87 -13.82 17.75 -15.35
N ARG A 88 -13.13 17.50 -16.47
CA ARG A 88 -12.87 16.13 -16.95
C ARG A 88 -11.99 15.38 -15.95
N PHE A 89 -10.89 15.97 -15.47
CA PHE A 89 -10.03 15.33 -14.46
C PHE A 89 -10.80 15.09 -13.15
N LEU A 90 -11.51 16.11 -12.65
CA LEU A 90 -12.24 16.06 -11.38
C LEU A 90 -13.29 14.94 -11.36
N GLN A 91 -14.11 14.84 -12.41
CA GLN A 91 -15.19 13.85 -12.44
C GLN A 91 -14.71 12.43 -12.78
N CYS A 92 -13.53 12.27 -13.38
CA CYS A 92 -12.84 10.97 -13.49
C CYS A 92 -12.07 10.57 -12.22
N ALA A 93 -11.69 11.52 -11.36
CA ALA A 93 -11.18 11.26 -10.02
C ALA A 93 -12.32 10.94 -9.03
N GLU A 94 -13.53 11.46 -9.27
CA GLU A 94 -14.73 11.11 -8.49
C GLU A 94 -15.28 9.71 -8.86
N GLN A 95 -15.18 9.33 -10.14
CA GLN A 95 -15.73 8.07 -10.67
C GLN A 95 -15.06 6.79 -10.17
N VAL A 96 -13.84 6.89 -9.62
CA VAL A 96 -13.00 5.73 -9.20
C VAL A 96 -12.73 5.68 -7.69
N TYR A 14 2.11 -9.35 -4.60
CA TYR A 14 2.98 -8.85 -3.53
C TYR A 14 4.26 -8.17 -4.05
N CYS A 15 4.90 -7.37 -3.19
CA CYS A 15 6.03 -6.51 -3.57
C CYS A 15 7.40 -6.94 -3.01
N GLY A 16 8.49 -6.49 -3.64
CA GLY A 16 9.85 -6.77 -3.17
C GLY A 16 10.14 -6.23 -1.76
N ARG A 17 9.71 -4.99 -1.47
CA ARG A 17 9.72 -4.38 -0.12
C ARG A 17 8.94 -5.21 0.91
N GLU A 18 7.91 -5.91 0.47
CA GLU A 18 6.95 -6.60 1.33
C GLU A 18 7.54 -7.90 1.86
N LEU A 19 8.18 -8.68 0.98
CA LEU A 19 8.86 -9.93 1.34
C LEU A 19 10.13 -9.67 2.17
N GLU A 20 10.80 -8.54 1.93
CA GLU A 20 11.95 -8.08 2.71
C GLU A 20 11.55 -7.70 4.14
N GLN A 21 10.61 -6.75 4.28
CA GLN A 21 10.28 -6.15 5.58
C GLN A 21 9.37 -7.05 6.43
N TYR A 22 8.48 -7.88 5.83
CA TYR A 22 7.79 -8.94 6.57
C TYR A 22 8.81 -9.97 7.11
N GLY A 23 9.82 -10.33 6.31
CA GLY A 23 10.89 -11.25 6.72
C GLY A 23 11.86 -10.70 7.78
N GLN A 24 11.90 -9.37 7.99
CA GLN A 24 12.45 -8.78 9.21
C GLN A 24 11.46 -8.82 10.37
N CYS A 25 10.27 -8.24 10.19
CA CYS A 25 9.42 -7.90 11.32
C CYS A 25 8.66 -9.11 11.90
N VAL A 26 8.42 -10.20 11.16
CA VAL A 26 7.90 -11.46 11.76
C VAL A 26 9.00 -12.38 12.32
N ALA A 27 10.25 -12.26 11.83
CA ALA A 27 11.33 -13.17 12.19
C ALA A 27 11.95 -12.84 13.57
N ALA A 28 11.91 -11.59 13.99
CA ALA A 28 12.38 -11.17 15.31
C ALA A 28 11.46 -11.68 16.43
N LYS A 29 10.17 -11.36 16.33
CA LYS A 29 9.03 -11.88 17.11
C LYS A 29 7.77 -11.88 16.24
N PRO A 30 6.74 -12.70 16.52
CA PRO A 30 5.45 -12.60 15.82
C PRO A 30 4.73 -11.25 16.00
N GLU A 31 4.99 -10.53 17.10
CA GLU A 31 4.47 -9.17 17.36
C GLU A 31 5.30 -8.02 16.76
N SER A 32 6.52 -8.27 16.29
CA SER A 32 7.39 -7.22 15.74
C SER A 32 6.88 -6.65 14.40
N TRP A 33 5.93 -7.31 13.72
CA TRP A 33 5.13 -6.75 12.63
C TRP A 33 4.39 -5.47 13.07
N GLN A 34 3.89 -5.42 14.30
CA GLN A 34 3.36 -4.20 14.93
C GLN A 34 4.45 -3.36 15.63
N ARG A 35 5.36 -4.00 16.39
CA ARG A 35 6.28 -3.33 17.32
C ARG A 35 7.63 -2.83 16.74
N ASP A 36 8.13 -3.40 15.64
CA ASP A 36 9.36 -2.94 14.97
C ASP A 36 9.09 -2.07 13.73
N CYS A 37 8.07 -2.35 12.92
CA CYS A 37 7.77 -1.54 11.73
C CYS A 37 6.27 -1.20 11.54
N HIS A 38 5.76 -0.17 12.24
CA HIS A 38 4.34 0.20 12.23
C HIS A 38 3.90 1.02 11.00
N TYR A 39 4.76 1.92 10.53
CA TYR A 39 4.48 2.73 9.32
C TYR A 39 4.82 1.95 8.04
N LEU A 40 5.88 1.13 8.05
CA LEU A 40 6.15 0.21 6.93
C LEU A 40 5.08 -0.89 6.83
N LYS A 41 4.50 -1.38 7.93
CA LYS A 41 3.33 -2.30 7.91
C LYS A 41 2.18 -1.76 7.06
N MET A 42 1.90 -0.46 7.11
CA MET A 42 0.95 0.19 6.19
C MET A 42 1.52 0.32 4.77
N SER A 43 2.72 0.85 4.60
CA SER A 43 3.29 1.12 3.27
C SER A 43 3.54 -0.13 2.42
N ILE A 44 3.85 -1.28 3.01
CA ILE A 44 3.94 -2.57 2.28
C ILE A 44 2.54 -3.13 1.96
N ALA A 45 1.54 -2.92 2.84
CA ALA A 45 0.16 -3.32 2.58
C ALA A 45 -0.44 -2.53 1.40
N GLN A 46 -0.18 -1.22 1.29
CA GLN A 46 -0.60 -0.45 0.10
C GLN A 46 0.08 -0.93 -1.19
N CYS A 47 1.34 -1.37 -1.13
CA CYS A 47 2.01 -2.00 -2.28
C CYS A 47 1.34 -3.33 -2.67
N THR A 48 0.97 -4.17 -1.69
CA THR A 48 0.15 -5.38 -1.91
C THR A 48 -1.31 -5.07 -2.27
N SER A 49 -1.72 -3.80 -2.18
CA SER A 49 -3.01 -3.22 -2.61
C SER A 49 -2.88 -2.37 -3.89
N SER A 50 -1.78 -2.55 -4.66
CA SER A 50 -1.52 -1.84 -5.93
C SER A 50 -1.83 -2.69 -7.18
N HIS A 51 -1.59 -4.00 -7.11
CA HIS A 51 -1.97 -5.01 -8.13
C HIS A 51 -1.28 -4.78 -9.52
N PRO A 52 -1.64 -5.51 -10.60
CA PRO A 52 -1.21 -5.18 -11.96
C PRO A 52 -1.83 -3.87 -12.48
N ILE A 53 -1.09 -3.14 -13.33
CA ILE A 53 -1.57 -1.93 -14.03
C ILE A 53 -2.15 -2.34 -15.38
N ILE A 54 -3.28 -3.05 -15.32
CA ILE A 54 -4.04 -3.54 -16.46
C ILE A 54 -4.69 -2.37 -17.25
N ARG A 55 -4.99 -2.57 -18.54
CA ARG A 55 -5.33 -1.50 -19.50
C ARG A 55 -6.40 -0.49 -19.04
N GLN A 56 -7.48 -0.93 -18.40
CA GLN A 56 -8.53 -0.03 -17.90
C GLN A 56 -8.03 0.91 -16.77
N ILE A 57 -7.06 0.46 -15.98
CA ILE A 57 -6.39 1.23 -14.92
C ILE A 57 -5.28 2.11 -15.49
N ARG A 58 -4.53 1.60 -16.49
CA ARG A 58 -3.55 2.37 -17.28
C ARG A 58 -4.19 3.62 -17.91
N GLN A 59 -5.43 3.51 -18.39
CA GLN A 59 -6.21 4.62 -18.95
C GLN A 59 -6.90 5.49 -17.87
N ALA A 60 -7.07 4.98 -16.63
CA ALA A 60 -7.56 5.77 -15.50
C ALA A 60 -6.49 6.69 -14.88
N CYS A 61 -5.23 6.23 -14.78
CA CYS A 61 -4.11 6.98 -14.19
C CYS A 61 -3.47 8.01 -15.16
N ALA A 62 -4.29 8.73 -15.92
CA ALA A 62 -3.89 9.43 -17.14
C ALA A 62 -3.02 10.69 -16.95
N GLN A 63 -3.32 11.57 -15.98
CA GLN A 63 -2.46 12.74 -15.71
C GLN A 63 -1.11 12.33 -15.09
N PRO A 64 -1.04 11.39 -14.11
CA PRO A 64 0.23 10.78 -13.70
C PRO A 64 1.01 10.15 -14.86
N PHE A 65 0.33 9.58 -15.85
CA PHE A 65 1.01 9.06 -17.04
C PHE A 65 1.69 10.15 -17.87
N GLU A 66 1.02 11.27 -18.13
CA GLU A 66 1.63 12.40 -18.85
C GLU A 66 2.74 13.07 -18.02
N ALA A 67 2.49 13.36 -16.75
CA ALA A 67 3.40 14.10 -15.88
C ALA A 67 4.79 13.46 -15.73
N PHE A 68 4.92 12.14 -15.90
CA PHE A 68 6.17 11.43 -15.61
C PHE A 68 6.91 10.98 -16.87
N GLU A 69 6.27 10.96 -18.04
CA GLU A 69 7.01 11.08 -19.30
C GLU A 69 7.56 12.50 -19.51
N GLU A 70 6.85 13.51 -19.00
CA GLU A 70 7.19 14.93 -19.08
C GLU A 70 8.41 15.29 -18.21
N CYS A 71 8.71 14.47 -17.19
CA CYS A 71 9.98 14.53 -16.46
C CYS A 71 11.17 14.38 -17.41
N LEU A 72 11.26 13.26 -18.15
CA LEU A 72 12.31 13.01 -19.13
C LEU A 72 12.23 13.97 -20.32
N ARG A 73 11.02 14.41 -20.71
CA ARG A 73 10.85 15.40 -21.80
C ARG A 73 11.59 16.70 -21.50
N GLN A 74 11.57 17.21 -20.26
CA GLN A 74 12.14 18.49 -19.86
C GLN A 74 13.43 18.41 -19.01
N ASN A 75 13.70 17.26 -18.37
CA ASN A 75 14.76 17.01 -17.39
C ASN A 75 15.26 15.53 -17.46
N GLU A 76 15.41 14.93 -18.65
CA GLU A 76 15.99 13.57 -18.79
C GLU A 76 17.43 13.46 -18.23
N ALA A 77 18.13 14.59 -18.07
CA ALA A 77 19.46 14.71 -17.48
C ALA A 77 19.48 14.61 -15.94
N ALA A 78 18.30 14.75 -15.31
CA ALA A 78 18.10 14.77 -13.85
C ALA A 78 17.11 13.68 -13.41
N VAL A 79 17.35 12.44 -13.83
CA VAL A 79 16.50 11.28 -13.48
C VAL A 79 16.51 11.02 -11.96
N GLY A 80 17.55 11.50 -11.26
CA GLY A 80 17.64 11.55 -9.80
C GLY A 80 16.47 12.29 -9.12
N ASN A 81 15.73 13.15 -9.82
CA ASN A 81 14.47 13.73 -9.34
C ASN A 81 13.23 12.86 -9.69
N CYS A 82 13.14 12.34 -10.90
CA CYS A 82 11.96 11.62 -11.40
C CYS A 82 12.33 10.55 -12.45
N ALA A 83 11.68 9.39 -12.38
CA ALA A 83 11.76 8.32 -13.36
C ALA A 83 10.34 7.77 -13.66
N GLU A 84 10.06 7.45 -14.92
CA GLU A 84 8.67 7.31 -15.39
C GLU A 84 7.93 6.13 -14.74
N HIS A 85 8.52 4.93 -14.73
CA HIS A 85 7.83 3.72 -14.26
C HIS A 85 7.52 3.81 -12.76
N MET A 86 8.48 4.28 -11.95
CA MET A 86 8.33 4.42 -10.50
C MET A 86 7.29 5.46 -10.12
N ARG A 87 7.38 6.68 -10.68
CA ARG A 87 6.45 7.77 -10.32
C ARG A 87 5.03 7.50 -10.84
N ARG A 88 4.88 6.88 -12.02
CA ARG A 88 3.58 6.38 -12.54
C ARG A 88 2.98 5.33 -11.61
N PHE A 89 3.76 4.35 -11.15
CA PHE A 89 3.27 3.33 -10.23
C PHE A 89 2.86 3.93 -8.87
N LEU A 90 3.67 4.82 -8.28
CA LEU A 90 3.36 5.44 -6.99
C LEU A 90 2.05 6.25 -6.99
N GLN A 91 1.85 7.17 -7.94
CA GLN A 91 0.61 7.98 -7.95
C GLN A 91 -0.61 7.21 -8.49
N CYS A 92 -0.43 6.10 -9.19
CA CYS A 92 -1.52 5.20 -9.56
C CYS A 92 -1.93 4.27 -8.39
N ALA A 93 -0.97 3.79 -7.58
CA ALA A 93 -1.24 3.10 -6.30
C ALA A 93 -1.99 3.98 -5.29
N GLU A 94 -1.75 5.29 -5.34
CA GLU A 94 -2.44 6.36 -4.59
C GLU A 94 -3.84 6.70 -5.16
N GLN A 95 -4.20 6.14 -6.33
CA GLN A 95 -5.50 6.34 -7.00
C GLN A 95 -6.45 5.13 -6.83
N VAL A 96 -5.95 3.92 -6.56
CA VAL A 96 -6.79 2.75 -6.24
C VAL A 96 -7.14 2.71 -4.75
N TYR A 14 1.68 -8.79 -4.86
CA TYR A 14 2.56 -8.39 -3.76
C TYR A 14 3.85 -7.72 -4.26
N CYS A 15 4.60 -7.05 -3.39
CA CYS A 15 5.84 -6.34 -3.70
C CYS A 15 7.10 -7.07 -3.19
N GLY A 16 8.27 -6.86 -3.79
CA GLY A 16 9.54 -7.39 -3.26
C GLY A 16 9.86 -6.91 -1.84
N ARG A 17 9.66 -5.62 -1.56
CA ARG A 17 9.72 -5.03 -0.20
C ARG A 17 8.83 -5.75 0.82
N GLU A 18 7.73 -6.33 0.35
CA GLU A 18 6.71 -6.93 1.21
C GLU A 18 7.20 -8.27 1.78
N LEU A 19 8.17 -8.92 1.12
CA LEU A 19 8.91 -10.05 1.68
C LEU A 19 9.97 -9.57 2.68
N GLU A 20 10.77 -8.57 2.28
CA GLU A 20 11.93 -8.11 3.04
C GLU A 20 11.57 -7.58 4.43
N GLN A 21 10.60 -6.66 4.50
CA GLN A 21 10.20 -6.04 5.77
C GLN A 21 9.41 -7.03 6.63
N TYR A 22 8.59 -7.90 6.02
CA TYR A 22 7.86 -8.93 6.77
C TYR A 22 8.83 -9.92 7.45
N GLY A 23 9.86 -10.38 6.72
CA GLY A 23 10.87 -11.30 7.25
C GLY A 23 11.66 -10.74 8.44
N GLN A 24 12.03 -9.46 8.40
CA GLN A 24 12.72 -8.79 9.52
C GLN A 24 11.81 -8.65 10.73
N CYS A 25 10.59 -8.16 10.53
CA CYS A 25 9.68 -7.83 11.61
C CYS A 25 9.14 -9.09 12.32
N VAL A 26 8.92 -10.20 11.59
CA VAL A 26 8.52 -11.51 12.14
C VAL A 26 9.67 -12.28 12.80
N ALA A 27 10.92 -12.08 12.36
CA ALA A 27 12.10 -12.65 13.01
C ALA A 27 12.36 -12.00 14.39
N ALA A 28 12.11 -10.69 14.51
CA ALA A 28 12.28 -9.95 15.76
C ALA A 28 11.33 -10.48 16.87
N LYS A 29 10.01 -10.50 16.59
CA LYS A 29 8.97 -11.29 17.27
C LYS A 29 7.81 -11.57 16.30
N PRO A 30 6.99 -12.63 16.48
CA PRO A 30 5.76 -12.82 15.72
C PRO A 30 4.83 -11.58 15.64
N GLU A 31 4.62 -10.83 16.72
CA GLU A 31 3.82 -9.59 16.76
C GLU A 31 4.59 -8.34 16.32
N SER A 32 5.92 -8.41 16.34
CA SER A 32 6.77 -7.35 15.79
C SER A 32 6.63 -7.19 14.28
N TRP A 33 5.98 -8.13 13.57
CA TRP A 33 5.34 -7.91 12.26
C TRP A 33 4.69 -6.52 12.15
N GLN A 34 3.79 -6.18 13.08
CA GLN A 34 3.15 -4.86 13.14
C GLN A 34 3.92 -3.82 13.97
N ARG A 35 4.67 -4.28 15.00
CA ARG A 35 5.36 -3.37 15.96
C ARG A 35 6.78 -2.90 15.60
N ASP A 36 7.67 -3.67 14.97
CA ASP A 36 9.06 -3.25 14.65
C ASP A 36 9.10 -2.28 13.46
N CYS A 37 8.28 -2.54 12.44
CA CYS A 37 8.09 -1.67 11.29
C CYS A 37 6.64 -1.13 11.27
N HIS A 38 6.41 -0.02 11.96
CA HIS A 38 5.05 0.46 12.25
C HIS A 38 4.38 1.18 11.07
N TYR A 39 5.05 2.18 10.47
CA TYR A 39 4.56 2.80 9.23
C TYR A 39 4.97 2.01 8.00
N LEU A 40 6.06 1.23 8.09
CA LEU A 40 6.49 0.35 7.01
C LEU A 40 5.57 -0.87 6.79
N LYS A 41 4.96 -1.45 7.83
CA LYS A 41 3.87 -2.45 7.66
C LYS A 41 2.67 -1.84 6.93
N MET A 42 2.32 -0.59 7.26
CA MET A 42 1.27 0.14 6.53
C MET A 42 1.67 0.47 5.08
N SER A 43 2.96 0.68 4.80
CA SER A 43 3.49 0.92 3.45
C SER A 43 3.48 -0.34 2.57
N ILE A 44 3.98 -1.48 3.06
CA ILE A 44 3.96 -2.74 2.30
C ILE A 44 2.53 -3.26 2.08
N ALA A 45 1.63 -3.04 3.06
CA ALA A 45 0.21 -3.36 2.92
C ALA A 45 -0.47 -2.52 1.81
N GLN A 46 -0.24 -1.20 1.75
CA GLN A 46 -0.77 -0.38 0.66
C GLN A 46 -0.04 -0.62 -0.68
N CYS A 47 1.24 -1.05 -0.67
CA CYS A 47 1.98 -1.48 -1.86
C CYS A 47 1.30 -2.65 -2.60
N THR A 48 0.75 -3.63 -1.86
CA THR A 48 -0.04 -4.72 -2.45
C THR A 48 -1.51 -4.38 -2.66
N SER A 49 -2.07 -3.38 -1.95
CA SER A 49 -3.42 -2.86 -2.19
C SER A 49 -3.51 -2.04 -3.48
N SER A 50 -2.66 -1.02 -3.67
CA SER A 50 -2.45 -0.31 -4.94
C SER A 50 -0.98 -0.04 -5.26
N HIS A 51 -0.34 0.78 -4.43
CA HIS A 51 0.96 1.44 -4.57
C HIS A 51 1.52 1.81 -3.18
N PRO A 52 2.85 1.89 -2.96
CA PRO A 52 3.46 2.16 -1.64
C PRO A 52 3.13 3.56 -1.07
N ILE A 53 3.54 3.83 0.17
CA ILE A 53 3.22 5.08 0.91
C ILE A 53 3.57 6.35 0.12
N ILE A 54 2.70 7.35 0.16
CA ILE A 54 2.68 8.48 -0.79
C ILE A 54 3.90 9.41 -0.64
N ARG A 55 4.56 9.67 -1.77
CA ARG A 55 5.72 10.57 -1.91
C ARG A 55 5.34 12.04 -1.82
N GLN A 56 4.17 12.42 -2.32
CA GLN A 56 3.71 13.82 -2.33
C GLN A 56 3.47 14.41 -0.93
N ILE A 57 3.16 13.60 0.09
CA ILE A 57 3.07 14.09 1.48
C ILE A 57 4.46 14.27 2.13
N ARG A 58 5.49 13.54 1.65
CA ARG A 58 6.89 13.74 2.09
C ARG A 58 7.52 14.99 1.50
N GLN A 59 7.21 15.32 0.26
CA GLN A 59 7.69 16.53 -0.44
C GLN A 59 7.32 17.87 0.24
N ALA A 60 6.37 17.88 1.18
CA ALA A 60 6.09 19.02 2.05
C ALA A 60 6.86 18.98 3.39
N CYS A 61 6.86 17.85 4.10
CA CYS A 61 7.66 17.60 5.31
C CYS A 61 7.75 16.08 5.62
N ALA A 62 8.89 15.57 6.11
CA ALA A 62 9.06 14.11 6.36
C ALA A 62 10.10 13.71 7.43
N GLN A 63 11.35 14.20 7.38
CA GLN A 63 12.44 13.62 8.18
C GLN A 63 12.28 13.80 9.71
N PRO A 64 11.81 14.94 10.25
CA PRO A 64 11.37 15.07 11.64
C PRO A 64 9.99 14.42 11.92
N PHE A 65 9.22 14.07 10.88
CA PHE A 65 7.95 13.34 11.02
C PHE A 65 8.19 11.87 11.39
N GLU A 66 9.15 11.21 10.73
CA GLU A 66 9.59 9.85 11.11
C GLU A 66 10.02 9.78 12.58
N ALA A 67 10.73 10.81 13.08
CA ALA A 67 11.25 10.87 14.45
C ALA A 67 10.21 11.22 15.53
N PHE A 68 9.05 11.79 15.17
CA PHE A 68 7.95 12.02 16.11
C PHE A 68 6.93 10.89 16.05
N GLU A 69 6.57 10.41 14.87
CA GLU A 69 5.56 9.36 14.76
C GLU A 69 6.09 7.98 15.22
N GLU A 70 7.42 7.81 15.29
CA GLU A 70 8.08 6.74 16.05
C GLU A 70 7.98 6.89 17.58
N CYS A 71 7.89 8.10 18.14
CA CYS A 71 7.56 8.26 19.57
C CYS A 71 6.21 7.57 19.87
N LEU A 72 5.18 7.90 19.10
CA LEU A 72 3.84 7.32 19.21
C LEU A 72 3.82 5.79 18.97
N ARG A 73 4.75 5.20 18.20
CA ARG A 73 4.79 3.72 17.99
C ARG A 73 5.01 2.92 19.28
N GLN A 74 5.56 3.52 20.33
CA GLN A 74 5.59 2.97 21.70
C GLN A 74 4.85 3.82 22.75
N ASN A 75 4.42 5.05 22.42
CA ASN A 75 3.94 6.07 23.37
C ASN A 75 2.78 6.92 22.84
N GLU A 76 1.92 6.42 21.96
CA GLU A 76 0.80 7.21 21.40
C GLU A 76 -0.13 7.75 22.51
N ALA A 77 -0.14 7.08 23.66
CA ALA A 77 -0.89 7.42 24.87
C ALA A 77 -0.24 8.49 25.77
N ALA A 78 1.07 8.76 25.62
CA ALA A 78 1.86 9.57 26.56
C ALA A 78 2.29 10.92 25.95
N VAL A 79 1.32 11.64 25.38
CA VAL A 79 1.53 12.91 24.63
C VAL A 79 2.04 14.05 25.54
N GLY A 80 1.93 13.93 26.86
CA GLY A 80 2.64 14.79 27.81
C GLY A 80 4.17 14.70 27.69
N ASN A 81 4.71 13.56 27.23
CA ASN A 81 6.14 13.34 27.03
C ASN A 81 6.64 13.59 25.60
N CYS A 82 5.79 13.49 24.56
CA CYS A 82 6.11 14.00 23.22
C CYS A 82 4.89 14.61 22.50
N ALA A 83 5.08 15.78 21.88
CA ALA A 83 4.01 16.60 21.27
C ALA A 83 4.51 17.49 20.11
N GLU A 84 5.48 16.99 19.35
CA GLU A 84 6.14 17.65 18.22
C GLU A 84 5.17 17.92 17.05
N HIS A 85 3.98 17.28 17.03
CA HIS A 85 2.92 17.53 16.05
C HIS A 85 2.67 19.02 15.77
N MET A 86 2.86 19.92 16.76
CA MET A 86 2.68 21.35 16.54
C MET A 86 3.73 21.93 15.57
N ARG A 87 4.96 21.42 15.64
CA ARG A 87 6.07 21.75 14.73
C ARG A 87 6.02 20.95 13.44
N ARG A 88 5.49 19.72 13.42
CA ARG A 88 5.18 18.99 12.17
C ARG A 88 4.19 19.78 11.31
N PHE A 89 3.11 20.28 11.91
CA PHE A 89 2.11 21.11 11.23
C PHE A 89 2.74 22.40 10.68
N LEU A 90 3.58 23.07 11.47
CA LEU A 90 4.31 24.28 11.07
C LEU A 90 5.34 24.03 9.95
N GLN A 91 6.12 22.96 10.03
CA GLN A 91 7.17 22.65 9.04
C GLN A 91 6.60 22.31 7.65
N CYS A 92 5.40 21.72 7.59
CA CYS A 92 4.65 21.64 6.34
C CYS A 92 4.02 23.01 5.95
N ALA A 93 3.37 23.73 6.86
CA ALA A 93 2.65 24.98 6.54
C ALA A 93 3.56 26.15 6.12
N GLU A 94 4.79 26.23 6.65
CA GLU A 94 5.82 27.19 6.23
C GLU A 94 6.36 26.87 4.82
N GLN A 95 6.32 25.59 4.43
CA GLN A 95 6.85 25.09 3.17
C GLN A 95 5.84 25.16 2.01
N VAL A 96 4.56 24.88 2.27
CA VAL A 96 3.49 24.89 1.26
C VAL A 96 2.29 25.73 1.68
N TYR A 14 1.56 -9.02 -4.82
CA TYR A 14 3.02 -8.96 -4.69
C TYR A 14 3.56 -7.55 -4.39
N CYS A 15 4.52 -7.49 -3.47
CA CYS A 15 5.42 -6.36 -3.24
C CYS A 15 6.71 -6.88 -2.58
N GLY A 16 7.88 -6.52 -3.10
CA GLY A 16 9.19 -7.00 -2.58
C GLY A 16 9.47 -6.57 -1.14
N ARG A 17 9.01 -5.36 -0.78
CA ARG A 17 8.96 -4.83 0.59
C ARG A 17 8.47 -5.85 1.61
N GLU A 18 7.46 -6.62 1.22
CA GLU A 18 6.70 -7.47 2.13
C GLU A 18 7.47 -8.74 2.54
N LEU A 19 8.47 -9.15 1.75
CA LEU A 19 9.42 -10.21 2.10
C LEU A 19 10.57 -9.65 2.96
N GLU A 20 11.02 -8.42 2.67
CA GLU A 20 12.08 -7.75 3.44
C GLU A 20 11.61 -7.37 4.85
N GLN A 21 10.41 -6.78 5.00
CA GLN A 21 9.88 -6.38 6.32
C GLN A 21 9.44 -7.59 7.15
N TYR A 22 8.99 -8.68 6.51
CA TYR A 22 8.80 -9.97 7.18
C TYR A 22 10.12 -10.45 7.79
N GLY A 23 11.23 -10.36 7.07
CA GLY A 23 12.50 -10.90 7.56
C GLY A 23 13.23 -10.11 8.65
N GLN A 24 12.91 -8.84 8.90
CA GLN A 24 13.20 -8.25 10.23
C GLN A 24 12.08 -8.47 11.24
N CYS A 25 10.86 -8.07 10.89
CA CYS A 25 9.81 -7.84 11.87
C CYS A 25 9.01 -9.10 12.19
N VAL A 26 8.96 -10.13 11.34
CA VAL A 26 8.48 -11.46 11.78
C VAL A 26 9.63 -12.29 12.36
N ALA A 27 10.87 -12.09 11.90
CA ALA A 27 11.96 -13.01 12.24
C ALA A 27 12.35 -12.94 13.73
N ALA A 28 12.26 -11.76 14.36
CA ALA A 28 12.51 -11.65 15.80
C ALA A 28 11.38 -12.29 16.63
N LYS A 29 10.14 -11.83 16.43
CA LYS A 29 8.90 -12.28 17.11
C LYS A 29 7.69 -12.11 16.18
N PRO A 30 6.61 -12.90 16.29
CA PRO A 30 5.37 -12.64 15.57
C PRO A 30 4.79 -11.22 15.78
N GLU A 31 4.88 -10.68 16.99
CA GLU A 31 4.40 -9.32 17.32
C GLU A 31 5.38 -8.18 16.97
N SER A 32 6.65 -8.50 16.63
CA SER A 32 7.62 -7.48 16.19
C SER A 32 7.17 -6.83 14.86
N TRP A 33 6.29 -7.49 14.10
CA TRP A 33 5.58 -6.94 12.94
C TRP A 33 4.66 -5.76 13.28
N GLN A 34 4.12 -5.71 14.51
CA GLN A 34 3.45 -4.52 15.04
C GLN A 34 4.43 -3.51 15.66
N ARG A 35 5.46 -3.98 16.40
CA ARG A 35 6.36 -3.13 17.20
C ARG A 35 7.42 -2.37 16.38
N ASP A 36 8.04 -3.03 15.41
CA ASP A 36 9.35 -2.62 14.86
C ASP A 36 9.35 -2.13 13.40
N CYS A 37 8.27 -2.32 12.64
CA CYS A 37 8.07 -1.58 11.39
C CYS A 37 6.58 -1.32 11.07
N HIS A 38 6.05 -0.26 11.70
CA HIS A 38 4.63 0.10 11.67
C HIS A 38 4.20 0.95 10.45
N TYR A 39 5.11 1.71 9.84
CA TYR A 39 4.85 2.35 8.54
C TYR A 39 4.88 1.32 7.43
N LEU A 40 5.84 0.39 7.46
CA LEU A 40 6.03 -0.63 6.43
C LEU A 40 4.84 -1.59 6.36
N LYS A 41 4.25 -1.98 7.50
CA LYS A 41 3.05 -2.85 7.53
C LYS A 41 1.76 -2.17 7.04
N MET A 42 1.73 -0.83 6.97
CA MET A 42 0.73 -0.09 6.17
C MET A 42 1.15 0.01 4.69
N SER A 43 2.40 0.35 4.37
CA SER A 43 2.82 0.63 3.00
C SER A 43 2.93 -0.62 2.11
N ILE A 44 3.03 -1.84 2.66
CA ILE A 44 2.83 -3.09 1.89
C ILE A 44 1.41 -3.19 1.32
N ALA A 45 0.39 -2.79 2.09
CA ALA A 45 -1.00 -2.77 1.62
C ALA A 45 -1.25 -1.68 0.58
N GLN A 46 -0.56 -0.52 0.69
CA GLN A 46 -0.59 0.52 -0.34
C GLN A 46 0.16 0.14 -1.63
N CYS A 47 1.30 -0.54 -1.51
CA CYS A 47 2.04 -1.09 -2.65
C CYS A 47 1.18 -2.07 -3.45
N THR A 48 0.51 -3.00 -2.76
CA THR A 48 -0.42 -3.96 -3.36
C THR A 48 -1.82 -3.39 -3.65
N SER A 49 -2.08 -2.13 -3.30
CA SER A 49 -3.24 -1.35 -3.75
C SER A 49 -3.10 -0.82 -5.20
N SER A 50 -2.20 -1.43 -5.99
CA SER A 50 -1.91 -1.08 -7.39
C SER A 50 -2.43 -2.10 -8.42
N HIS A 51 -2.94 -3.27 -7.98
CA HIS A 51 -3.27 -4.40 -8.85
C HIS A 51 -4.61 -4.20 -9.60
N PRO A 52 -4.64 -4.10 -10.94
CA PRO A 52 -5.80 -3.64 -11.72
C PRO A 52 -7.02 -4.56 -11.71
N ILE A 53 -8.19 -3.99 -11.96
CA ILE A 53 -9.48 -4.68 -12.17
C ILE A 53 -9.61 -5.10 -13.65
N ILE A 54 -10.11 -6.30 -13.94
CA ILE A 54 -10.27 -6.82 -15.31
C ILE A 54 -11.22 -5.92 -16.13
N ARG A 55 -10.82 -5.51 -17.35
CA ARG A 55 -11.48 -4.41 -18.10
C ARG A 55 -12.99 -4.61 -18.32
N GLN A 56 -13.39 -5.82 -18.71
CA GLN A 56 -14.80 -6.19 -18.92
C GLN A 56 -15.68 -5.91 -17.68
N ILE A 57 -15.12 -6.14 -16.48
CA ILE A 57 -15.77 -5.89 -15.19
C ILE A 57 -15.63 -4.41 -14.81
N ARG A 58 -14.43 -3.83 -15.00
CA ARG A 58 -14.09 -2.41 -14.76
C ARG A 58 -15.03 -1.45 -15.51
N GLN A 59 -15.49 -1.82 -16.71
CA GLN A 59 -16.46 -1.04 -17.48
C GLN A 59 -17.87 -1.04 -16.84
N ALA A 60 -18.27 -2.14 -16.20
CA ALA A 60 -19.65 -2.38 -15.75
C ALA A 60 -19.91 -2.21 -14.24
N CYS A 61 -18.92 -2.44 -13.37
CA CYS A 61 -19.14 -2.50 -11.92
C CYS A 61 -19.20 -1.12 -11.21
N ALA A 62 -20.03 -0.22 -11.74
CA ALA A 62 -20.37 1.08 -11.17
C ALA A 62 -21.13 1.00 -9.84
N GLN A 63 -22.03 0.03 -9.64
CA GLN A 63 -22.72 -0.12 -8.35
C GLN A 63 -21.74 -0.51 -7.20
N PRO A 64 -20.76 -1.42 -7.42
CA PRO A 64 -19.59 -1.59 -6.57
C PRO A 64 -18.65 -0.38 -6.44
N PHE A 65 -18.64 0.56 -7.39
CA PHE A 65 -17.93 1.83 -7.22
C PHE A 65 -18.61 2.63 -6.10
N GLU A 66 -19.92 2.88 -6.22
CA GLU A 66 -20.68 3.61 -5.19
C GLU A 66 -20.53 2.96 -3.80
N ALA A 67 -20.48 1.62 -3.70
CA ALA A 67 -20.37 0.91 -2.42
C ALA A 67 -18.96 0.90 -1.78
N PHE A 68 -17.89 1.02 -2.56
CA PHE A 68 -16.53 1.34 -2.05
C PHE A 68 -16.43 2.80 -1.66
N GLU A 69 -16.90 3.70 -2.51
CA GLU A 69 -16.76 5.13 -2.33
C GLU A 69 -17.72 5.66 -1.24
N GLU A 70 -18.78 4.90 -0.87
CA GLU A 70 -19.57 5.07 0.36
C GLU A 70 -18.79 4.72 1.64
N CYS A 71 -17.75 3.86 1.58
CA CYS A 71 -16.83 3.67 2.71
C CYS A 71 -16.02 4.95 2.96
N LEU A 72 -15.35 5.45 1.91
CA LEU A 72 -14.67 6.75 1.87
C LEU A 72 -15.60 7.94 2.13
N ARG A 73 -16.93 7.81 2.04
CA ARG A 73 -17.88 8.89 2.41
C ARG A 73 -17.75 9.29 3.89
N GLN A 74 -17.60 8.31 4.78
CA GLN A 74 -17.38 8.52 6.21
C GLN A 74 -15.91 8.27 6.64
N ASN A 75 -15.03 7.85 5.72
CA ASN A 75 -13.67 7.38 6.01
C ASN A 75 -12.63 7.69 4.90
N GLU A 76 -12.79 8.74 4.08
CA GLU A 76 -11.84 8.98 2.95
C GLU A 76 -10.38 9.17 3.43
N ALA A 77 -10.21 9.53 4.71
CA ALA A 77 -8.94 9.63 5.43
C ALA A 77 -8.33 8.28 5.89
N ALA A 78 -9.14 7.24 6.06
CA ALA A 78 -8.76 6.00 6.74
C ALA A 78 -8.68 4.83 5.75
N VAL A 79 -7.91 5.02 4.67
CA VAL A 79 -7.74 4.04 3.58
C VAL A 79 -7.15 2.71 4.06
N GLY A 80 -6.43 2.73 5.19
CA GLY A 80 -6.01 1.55 5.93
C GLY A 80 -7.15 0.63 6.40
N ASN A 81 -8.40 1.12 6.46
CA ASN A 81 -9.59 0.30 6.71
C ASN A 81 -10.30 -0.14 5.42
N CYS A 82 -10.42 0.70 4.38
CA CYS A 82 -10.96 0.32 3.08
C CYS A 82 -10.28 1.08 1.92
N ALA A 83 -9.95 0.38 0.83
CA ALA A 83 -9.10 0.90 -0.25
C ALA A 83 -9.59 0.51 -1.66
N GLU A 84 -9.07 1.16 -2.70
CA GLU A 84 -9.67 1.19 -4.04
C GLU A 84 -9.55 -0.15 -4.78
N HIS A 85 -8.35 -0.57 -5.19
CA HIS A 85 -8.17 -1.84 -5.91
C HIS A 85 -8.51 -3.05 -5.03
N MET A 86 -8.48 -2.95 -3.70
CA MET A 86 -8.86 -4.05 -2.81
C MET A 86 -10.38 -4.19 -2.62
N ARG A 87 -11.12 -3.12 -2.32
CA ARG A 87 -12.58 -3.20 -2.13
C ARG A 87 -13.35 -3.18 -3.45
N ARG A 88 -12.86 -2.49 -4.50
CA ARG A 88 -13.45 -2.59 -5.85
C ARG A 88 -13.32 -4.03 -6.36
N PHE A 89 -12.17 -4.70 -6.24
CA PHE A 89 -12.02 -6.11 -6.64
C PHE A 89 -13.06 -7.00 -5.96
N LEU A 90 -13.19 -6.89 -4.62
CA LEU A 90 -14.11 -7.69 -3.82
C LEU A 90 -15.58 -7.51 -4.24
N GLN A 91 -16.06 -6.27 -4.32
CA GLN A 91 -17.47 -5.99 -4.63
C GLN A 91 -17.79 -6.11 -6.14
N CYS A 92 -16.81 -5.94 -7.04
CA CYS A 92 -16.95 -6.22 -8.47
C CYS A 92 -16.94 -7.74 -8.77
N ALA A 93 -16.09 -8.54 -8.11
CA ALA A 93 -16.10 -10.00 -8.23
C ALA A 93 -17.41 -10.63 -7.72
N GLU A 94 -18.11 -9.95 -6.81
CA GLU A 94 -19.45 -10.34 -6.35
C GLU A 94 -20.57 -9.92 -7.32
N GLN A 95 -20.33 -8.91 -8.17
CA GLN A 95 -21.31 -8.33 -9.09
C GLN A 95 -21.51 -9.14 -10.39
N VAL A 96 -20.49 -9.86 -10.85
CA VAL A 96 -20.54 -10.63 -12.11
C VAL A 96 -21.51 -11.83 -12.07
N TYR A 14 1.75 -7.13 -6.24
CA TYR A 14 2.29 -7.41 -4.90
C TYR A 14 3.69 -6.78 -4.79
N CYS A 15 4.23 -6.55 -3.58
CA CYS A 15 5.59 -6.02 -3.41
C CYS A 15 6.55 -6.99 -2.68
N GLY A 16 7.82 -7.01 -3.10
CA GLY A 16 8.88 -7.84 -2.52
C GLY A 16 9.50 -7.27 -1.24
N ARG A 17 9.33 -5.95 -0.97
CA ARG A 17 9.66 -5.36 0.34
C ARG A 17 8.91 -6.01 1.51
N GLU A 18 7.78 -6.65 1.23
CA GLU A 18 7.01 -7.43 2.20
C GLU A 18 7.75 -8.69 2.69
N LEU A 19 8.61 -9.29 1.87
CA LEU A 19 9.44 -10.42 2.27
C LEU A 19 10.73 -9.97 2.99
N GLU A 20 11.36 -8.88 2.55
CA GLU A 20 12.56 -8.38 3.25
C GLU A 20 12.21 -7.80 4.63
N GLN A 21 11.20 -6.94 4.73
CA GLN A 21 10.93 -6.22 5.98
C GLN A 21 10.19 -7.08 7.00
N TYR A 22 9.24 -7.95 6.61
CA TYR A 22 8.68 -8.91 7.58
C TYR A 22 9.68 -10.03 7.94
N GLY A 23 10.70 -10.26 7.11
CA GLY A 23 11.85 -11.10 7.47
C GLY A 23 12.77 -10.49 8.53
N GLN A 24 12.76 -9.17 8.74
CA GLN A 24 13.20 -8.57 10.02
C GLN A 24 12.12 -8.75 11.09
N CYS A 25 10.93 -8.21 10.83
CA CYS A 25 10.02 -7.86 11.91
C CYS A 25 9.32 -9.08 12.54
N VAL A 26 9.17 -10.22 11.84
CA VAL A 26 8.73 -11.48 12.48
C VAL A 26 9.90 -12.21 13.15
N ALA A 27 11.13 -12.02 12.66
CA ALA A 27 12.34 -12.65 13.24
C ALA A 27 12.79 -12.01 14.56
N ALA A 28 12.28 -10.81 14.88
CA ALA A 28 12.47 -10.12 16.16
C ALA A 28 11.53 -10.65 17.26
N LYS A 29 10.21 -10.63 17.01
CA LYS A 29 9.14 -11.30 17.78
C LYS A 29 8.03 -11.70 16.81
N PRO A 30 7.21 -12.74 17.06
CA PRO A 30 6.13 -13.13 16.15
C PRO A 30 5.00 -12.08 16.03
N GLU A 31 4.85 -11.17 17.00
CA GLU A 31 3.98 -9.98 16.95
C GLU A 31 4.62 -8.73 16.34
N SER A 32 5.94 -8.76 16.07
CA SER A 32 6.69 -7.56 15.69
C SER A 32 6.55 -7.15 14.24
N TRP A 33 5.84 -7.92 13.40
CA TRP A 33 5.30 -7.39 12.13
C TRP A 33 4.38 -6.18 12.35
N GLN A 34 3.64 -6.16 13.47
CA GLN A 34 2.97 -4.94 13.95
C GLN A 34 3.92 -4.07 14.77
N ARG A 35 4.62 -4.65 15.76
CA ARG A 35 5.30 -3.89 16.83
C ARG A 35 6.66 -3.26 16.46
N ASP A 36 7.41 -3.75 15.48
CA ASP A 36 8.78 -3.28 15.17
C ASP A 36 8.88 -2.36 13.94
N CYS A 37 8.09 -2.54 12.88
CA CYS A 37 8.17 -1.70 11.68
C CYS A 37 6.79 -1.32 11.09
N HIS A 38 6.20 -0.24 11.59
CA HIS A 38 4.81 0.12 11.30
C HIS A 38 4.62 0.81 9.94
N TYR A 39 5.56 1.68 9.54
CA TYR A 39 5.48 2.34 8.22
C TYR A 39 5.62 1.34 7.07
N LEU A 40 6.40 0.27 7.26
CA LEU A 40 6.55 -0.80 6.30
C LEU A 40 5.27 -1.64 6.20
N LYS A 41 4.63 -1.96 7.34
CA LYS A 41 3.28 -2.57 7.41
C LYS A 41 2.20 -1.75 6.68
N MET A 42 2.29 -0.42 6.71
CA MET A 42 1.42 0.48 5.94
C MET A 42 1.78 0.44 4.44
N SER A 43 3.06 0.58 4.09
CA SER A 43 3.48 0.73 2.69
C SER A 43 3.30 -0.55 1.87
N ILE A 44 3.52 -1.75 2.45
CA ILE A 44 3.25 -3.02 1.75
C ILE A 44 1.76 -3.21 1.44
N ALA A 45 0.87 -2.59 2.23
CA ALA A 45 -0.58 -2.61 2.03
C ALA A 45 -1.05 -1.55 1.02
N GLN A 46 -0.40 -0.39 0.97
CA GLN A 46 -0.64 0.55 -0.14
C GLN A 46 -0.19 -0.02 -1.49
N CYS A 47 0.82 -0.90 -1.53
CA CYS A 47 1.20 -1.62 -2.75
C CYS A 47 0.05 -2.50 -3.27
N THR A 48 -0.53 -3.36 -2.42
CA THR A 48 -1.69 -4.18 -2.79
C THR A 48 -2.96 -3.35 -3.06
N SER A 49 -3.09 -2.17 -2.42
CA SER A 49 -4.22 -1.24 -2.63
C SER A 49 -4.15 -0.44 -3.94
N SER A 50 -2.97 -0.18 -4.48
CA SER A 50 -2.80 0.80 -5.58
C SER A 50 -3.03 0.22 -6.99
N HIS A 51 -2.93 -1.10 -7.18
CA HIS A 51 -3.15 -1.70 -8.52
C HIS A 51 -4.58 -1.48 -9.06
N PRO A 52 -5.68 -1.58 -8.27
CA PRO A 52 -7.03 -1.16 -8.70
C PRO A 52 -7.31 0.34 -8.51
N ILE A 53 -6.30 1.17 -8.22
CA ILE A 53 -6.39 2.63 -7.92
C ILE A 53 -7.42 3.02 -6.84
N ILE A 54 -7.87 2.06 -6.02
CA ILE A 54 -9.07 2.23 -5.20
C ILE A 54 -8.87 3.17 -4.01
N ARG A 55 -7.65 3.27 -3.46
CA ARG A 55 -7.37 4.19 -2.34
C ARG A 55 -7.51 5.64 -2.80
N GLN A 56 -6.98 5.98 -3.97
CA GLN A 56 -7.08 7.34 -4.54
C GLN A 56 -8.53 7.78 -4.81
N ILE A 57 -9.41 6.83 -5.13
CA ILE A 57 -10.87 7.03 -5.25
C ILE A 57 -11.52 7.14 -3.86
N ARG A 58 -11.19 6.24 -2.92
CA ARG A 58 -11.77 6.12 -1.57
C ARG A 58 -11.50 7.35 -0.70
N GLN A 59 -10.27 7.88 -0.70
CA GLN A 59 -9.84 8.99 0.16
C GLN A 59 -10.61 10.31 -0.10
N ALA A 60 -11.29 10.44 -1.24
CA ALA A 60 -12.17 11.57 -1.55
C ALA A 60 -13.33 11.73 -0.55
N CYS A 61 -13.88 10.63 -0.02
CA CYS A 61 -14.95 10.62 0.98
C CYS A 61 -14.92 9.34 1.84
N ALA A 62 -13.78 9.06 2.48
CA ALA A 62 -13.54 7.82 3.22
C ALA A 62 -14.43 7.68 4.49
N GLN A 63 -14.60 8.75 5.27
CA GLN A 63 -15.46 8.78 6.47
C GLN A 63 -16.92 8.41 6.15
N PRO A 64 -17.66 9.12 5.27
CA PRO A 64 -19.08 8.86 5.05
C PRO A 64 -19.35 7.49 4.42
N PHE A 65 -18.43 6.93 3.61
CA PHE A 65 -18.62 5.57 3.10
C PHE A 65 -18.68 4.55 4.24
N GLU A 66 -17.69 4.58 5.14
CA GLU A 66 -17.67 3.67 6.30
C GLU A 66 -18.72 4.04 7.35
N ALA A 67 -19.18 5.30 7.45
CA ALA A 67 -20.20 5.72 8.41
C ALA A 67 -21.59 5.15 8.10
N PHE A 68 -21.92 4.96 6.82
CA PHE A 68 -23.23 4.44 6.40
C PHE A 68 -23.19 2.98 5.97
N GLU A 69 -22.03 2.42 5.63
CA GLU A 69 -21.85 0.96 5.68
C GLU A 69 -21.86 0.44 7.14
N GLU A 70 -21.34 1.21 8.10
CA GLU A 70 -21.39 0.85 9.53
C GLU A 70 -22.80 0.96 10.15
N CYS A 71 -23.74 1.67 9.51
CA CYS A 71 -25.17 1.48 9.78
C CYS A 71 -25.58 -0.01 9.68
N LEU A 72 -25.32 -0.66 8.53
CA LEU A 72 -25.58 -2.07 8.32
C LEU A 72 -24.60 -3.00 9.04
N ARG A 73 -23.37 -2.59 9.33
CA ARG A 73 -22.45 -3.40 10.17
C ARG A 73 -23.02 -3.62 11.58
N GLN A 74 -23.73 -2.63 12.14
CA GLN A 74 -24.28 -2.69 13.51
C GLN A 74 -25.80 -2.96 13.59
N ASN A 75 -26.58 -2.45 12.63
CA ASN A 75 -28.06 -2.44 12.61
C ASN A 75 -28.62 -2.66 11.19
N GLU A 76 -28.23 -3.75 10.51
CA GLU A 76 -28.72 -4.10 9.17
C GLU A 76 -30.26 -4.32 9.10
N ALA A 77 -30.89 -4.47 10.27
CA ALA A 77 -32.32 -4.68 10.44
C ALA A 77 -33.13 -3.38 10.72
N ALA A 78 -32.46 -2.29 11.12
CA ALA A 78 -33.09 -1.01 11.48
C ALA A 78 -32.85 0.04 10.38
N VAL A 79 -33.16 -0.30 9.13
CA VAL A 79 -32.86 0.57 7.98
C VAL A 79 -33.73 1.83 7.97
N GLY A 80 -34.83 1.86 8.76
CA GLY A 80 -35.59 3.07 9.09
C GLY A 80 -34.76 4.18 9.75
N ASN A 81 -33.59 3.85 10.33
CA ASN A 81 -32.63 4.82 10.89
C ASN A 81 -31.64 5.37 9.84
N CYS A 82 -31.25 4.56 8.86
CA CYS A 82 -30.17 4.80 7.89
C CYS A 82 -30.20 3.80 6.72
N ALA A 83 -29.98 4.26 5.48
CA ALA A 83 -29.88 3.41 4.28
C ALA A 83 -28.64 3.76 3.43
N GLU A 84 -27.85 2.76 3.03
CA GLU A 84 -26.44 2.99 2.70
C GLU A 84 -26.16 3.55 1.31
N HIS A 85 -26.74 3.06 0.22
CA HIS A 85 -26.54 3.67 -1.10
C HIS A 85 -27.05 5.12 -1.11
N MET A 86 -28.29 5.35 -0.67
CA MET A 86 -28.92 6.66 -0.75
C MET A 86 -28.21 7.72 0.11
N ARG A 87 -27.79 7.37 1.35
CA ARG A 87 -27.09 8.28 2.26
C ARG A 87 -25.62 8.48 1.88
N ARG A 88 -24.93 7.46 1.33
CA ARG A 88 -23.60 7.63 0.69
C ARG A 88 -23.68 8.58 -0.51
N PHE A 89 -24.63 8.38 -1.41
CA PHE A 89 -24.78 9.17 -2.65
C PHE A 89 -25.13 10.64 -2.39
N LEU A 90 -25.67 10.98 -1.21
CA LEU A 90 -25.77 12.35 -0.72
C LEU A 90 -24.43 12.80 -0.07
N GLN A 91 -23.99 12.10 0.97
CA GLN A 91 -22.90 12.55 1.85
C GLN A 91 -21.49 12.48 1.23
N CYS A 92 -21.29 11.76 0.12
CA CYS A 92 -20.07 11.85 -0.70
C CYS A 92 -20.16 12.95 -1.77
N ALA A 93 -21.32 13.13 -2.43
CA ALA A 93 -21.49 14.14 -3.49
C ALA A 93 -21.54 15.58 -2.97
N GLU A 94 -21.75 15.77 -1.66
CA GLU A 94 -21.59 17.05 -0.96
C GLU A 94 -20.19 17.27 -0.37
N GLN A 95 -19.38 16.21 -0.20
CA GLN A 95 -18.00 16.29 0.34
C GLN A 95 -16.95 16.55 -0.75
N VAL A 96 -17.23 16.13 -1.98
CA VAL A 96 -16.40 16.37 -3.17
C VAL A 96 -17.25 16.76 -4.38
N TYR A 14 2.79 -7.63 -7.64
CA TYR A 14 3.09 -7.31 -6.25
C TYR A 14 4.51 -6.74 -6.06
N CYS A 15 4.78 -6.11 -4.92
CA CYS A 15 6.11 -5.59 -4.57
C CYS A 15 6.82 -6.53 -3.57
N GLY A 16 8.04 -6.99 -3.91
CA GLY A 16 8.74 -8.07 -3.19
C GLY A 16 9.17 -7.73 -1.76
N ARG A 17 9.39 -6.44 -1.47
CA ARG A 17 9.64 -5.93 -0.12
C ARG A 17 8.45 -6.05 0.83
N GLU A 18 7.24 -6.33 0.34
CA GLU A 18 6.11 -6.61 1.24
C GLU A 18 6.28 -7.93 1.99
N LEU A 19 6.94 -8.93 1.39
CA LEU A 19 7.37 -10.12 2.10
C LEU A 19 8.63 -9.86 2.93
N GLU A 20 9.66 -9.26 2.32
CA GLU A 20 10.98 -9.13 2.99
C GLU A 20 10.92 -8.22 4.22
N GLN A 21 10.26 -7.07 4.15
CA GLN A 21 10.25 -6.10 5.25
C GLN A 21 9.33 -6.53 6.40
N TYR A 22 8.27 -7.32 6.13
CA TYR A 22 7.49 -7.97 7.18
C TYR A 22 8.22 -9.18 7.77
N GLY A 23 8.90 -9.97 6.93
CA GLY A 23 9.75 -11.10 7.33
C GLY A 23 10.83 -10.69 8.34
N GLN A 24 11.46 -9.53 8.14
CA GLN A 24 12.39 -8.90 9.09
C GLN A 24 11.74 -8.54 10.44
N CYS A 25 10.47 -8.13 10.45
CA CYS A 25 9.75 -7.78 11.68
C CYS A 25 9.37 -9.04 12.49
N VAL A 26 8.76 -10.04 11.86
CA VAL A 26 8.27 -11.24 12.56
C VAL A 26 9.40 -12.22 12.95
N ALA A 27 10.54 -12.19 12.26
CA ALA A 27 11.72 -12.96 12.67
C ALA A 27 12.39 -12.41 13.94
N ALA A 28 12.37 -11.09 14.13
CA ALA A 28 13.03 -10.44 15.26
C ALA A 28 12.37 -10.80 16.61
N LYS A 29 11.05 -10.61 16.72
CA LYS A 29 10.18 -11.04 17.83
C LYS A 29 8.78 -11.40 17.30
N PRO A 30 8.06 -12.35 17.90
CA PRO A 30 6.62 -12.53 17.67
C PRO A 30 5.78 -11.26 17.92
N GLU A 31 6.21 -10.37 18.81
CA GLU A 31 5.60 -9.04 19.05
C GLU A 31 6.07 -7.96 18.05
N SER A 32 7.22 -8.14 17.42
CA SER A 32 7.77 -7.20 16.43
C SER A 32 7.00 -7.16 15.12
N TRP A 33 6.07 -8.09 14.88
CA TRP A 33 5.08 -7.98 13.82
C TRP A 33 4.30 -6.65 13.86
N GLN A 34 4.00 -6.13 15.05
CA GLN A 34 3.60 -4.73 15.27
C GLN A 34 4.78 -3.79 15.58
N ARG A 35 5.74 -4.22 16.41
CA ARG A 35 6.72 -3.32 17.06
C ARG A 35 7.96 -2.94 16.22
N ASP A 36 8.35 -3.69 15.19
CA ASP A 36 9.37 -3.29 14.20
C ASP A 36 8.77 -2.63 12.95
N CYS A 37 7.52 -2.93 12.59
CA CYS A 37 6.82 -2.25 11.50
C CYS A 37 5.28 -2.26 11.62
N HIS A 38 4.66 -1.19 12.16
CA HIS A 38 3.24 -0.93 11.96
C HIS A 38 2.95 -0.12 10.68
N TYR A 39 3.44 1.13 10.58
CA TYR A 39 3.16 1.98 9.40
C TYR A 39 4.01 1.61 8.18
N LEU A 40 5.18 0.98 8.37
CA LEU A 40 5.94 0.38 7.27
C LEU A 40 5.26 -0.89 6.72
N LYS A 41 4.58 -1.68 7.57
CA LYS A 41 3.73 -2.81 7.12
C LYS A 41 2.52 -2.32 6.31
N MET A 42 1.90 -1.22 6.74
CA MET A 42 0.86 -0.54 5.97
C MET A 42 1.39 -0.05 4.61
N SER A 43 2.55 0.61 4.59
CA SER A 43 3.21 1.14 3.38
C SER A 43 3.56 0.06 2.35
N ILE A 44 4.16 -1.07 2.76
CA ILE A 44 4.49 -2.18 1.86
C ILE A 44 3.24 -2.95 1.41
N ALA A 45 2.20 -3.08 2.24
CA ALA A 45 0.91 -3.61 1.77
C ALA A 45 0.30 -2.72 0.67
N GLN A 46 0.45 -1.39 0.82
CA GLN A 46 -0.08 -0.39 -0.09
C GLN A 46 0.69 -0.25 -1.42
N CYS A 47 1.97 -0.64 -1.52
CA CYS A 47 2.63 -0.71 -2.84
C CYS A 47 2.02 -1.78 -3.77
N THR A 48 1.50 -2.87 -3.20
CA THR A 48 0.69 -3.87 -3.93
C THR A 48 -0.77 -3.44 -4.07
N SER A 49 -1.40 -2.86 -3.04
CA SER A 49 -2.87 -2.73 -2.93
C SER A 49 -3.47 -1.33 -3.17
N SER A 50 -2.69 -0.24 -3.06
CA SER A 50 -3.20 1.14 -3.08
C SER A 50 -2.49 2.09 -4.05
N HIS A 51 -1.26 1.77 -4.47
CA HIS A 51 -0.48 2.48 -5.49
C HIS A 51 0.05 3.87 -5.04
N PRO A 52 -0.61 5.05 -5.24
CA PRO A 52 -0.18 6.30 -4.60
C PRO A 52 -0.12 6.26 -3.07
N ILE A 53 0.66 7.17 -2.46
CA ILE A 53 0.82 7.29 -1.00
C ILE A 53 -0.54 7.64 -0.33
N ILE A 54 -0.91 6.91 0.73
CA ILE A 54 -2.18 7.06 1.45
C ILE A 54 -2.07 8.11 2.57
N ARG A 55 -3.15 8.86 2.81
CA ARG A 55 -3.25 10.03 3.72
C ARG A 55 -2.71 9.76 5.13
N GLN A 56 -2.92 8.56 5.67
CA GLN A 56 -2.50 8.19 7.03
C GLN A 56 -1.02 7.79 7.17
N ILE A 57 -0.35 7.35 6.08
CA ILE A 57 1.12 7.24 6.07
C ILE A 57 1.82 8.55 5.68
N ARG A 58 1.20 9.36 4.81
CA ARG A 58 1.72 10.69 4.38
C ARG A 58 1.90 11.66 5.56
N GLN A 59 1.12 11.48 6.63
CA GLN A 59 1.15 12.30 7.84
C GLN A 59 2.52 12.36 8.56
N ALA A 60 3.40 11.37 8.34
CA ALA A 60 4.77 11.39 8.84
C ALA A 60 5.68 12.44 8.15
N CYS A 61 5.32 12.85 6.93
CA CYS A 61 6.10 13.73 6.04
C CYS A 61 5.79 15.23 6.20
N ALA A 62 5.10 15.62 7.28
CA ALA A 62 4.56 16.96 7.51
C ALA A 62 5.58 18.12 7.47
N GLN A 63 6.84 17.92 7.88
CA GLN A 63 7.89 18.95 7.85
C GLN A 63 8.37 19.26 6.41
N PRO A 64 8.74 18.26 5.57
CA PRO A 64 8.90 18.45 4.13
C PRO A 64 7.64 18.98 3.43
N PHE A 65 6.44 18.56 3.83
CA PHE A 65 5.17 19.05 3.27
C PHE A 65 5.06 20.57 3.44
N GLU A 66 5.32 21.06 4.66
CA GLU A 66 5.35 22.48 5.00
C GLU A 66 6.49 23.24 4.30
N ALA A 67 7.67 22.61 4.16
CA ALA A 67 8.87 23.23 3.57
C ALA A 67 8.79 23.42 2.05
N PHE A 68 8.12 22.52 1.31
CA PHE A 68 7.90 22.68 -0.13
C PHE A 68 6.64 23.47 -0.48
N GLU A 69 5.62 23.49 0.40
CA GLU A 69 4.56 24.50 0.36
C GLU A 69 5.15 25.91 0.56
N GLU A 70 6.19 26.04 1.41
CA GLU A 70 6.92 27.28 1.67
C GLU A 70 7.74 27.77 0.46
N CYS A 71 8.24 26.89 -0.42
CA CYS A 71 8.94 27.31 -1.65
C CYS A 71 8.08 28.24 -2.53
N LEU A 72 6.80 27.90 -2.71
CA LEU A 72 5.78 28.71 -3.37
C LEU A 72 5.35 29.92 -2.53
N ARG A 73 5.40 29.83 -1.19
CA ARG A 73 5.07 30.97 -0.30
C ARG A 73 6.08 32.11 -0.43
N GLN A 74 7.38 31.82 -0.28
CA GLN A 74 8.42 32.86 -0.31
C GLN A 74 8.83 33.29 -1.73
N ASN A 75 8.83 32.37 -2.70
CA ASN A 75 9.41 32.59 -4.03
C ASN A 75 8.66 31.79 -5.12
N GLU A 76 7.35 32.01 -5.26
CA GLU A 76 6.49 31.27 -6.19
C GLU A 76 7.01 31.29 -7.65
N ALA A 77 7.71 32.35 -8.03
CA ALA A 77 8.27 32.57 -9.36
C ALA A 77 9.59 31.81 -9.63
N ALA A 78 10.26 31.30 -8.58
CA ALA A 78 11.55 30.61 -8.64
C ALA A 78 11.43 29.08 -8.47
N VAL A 79 10.22 28.53 -8.55
CA VAL A 79 9.91 27.11 -8.22
C VAL A 79 10.53 26.07 -9.17
N GLY A 80 11.17 26.50 -10.27
CA GLY A 80 12.19 25.69 -10.95
C GLY A 80 13.32 25.18 -10.03
N ASN A 81 13.56 25.84 -8.87
CA ASN A 81 14.50 25.40 -7.83
C ASN A 81 13.87 24.42 -6.82
N CYS A 82 12.64 24.66 -6.37
CA CYS A 82 11.83 23.69 -5.61
C CYS A 82 10.32 23.94 -5.79
N ALA A 83 9.54 22.87 -5.97
CA ALA A 83 8.10 22.90 -6.21
C ALA A 83 7.37 21.78 -5.44
N GLU A 84 6.09 22.00 -5.13
CA GLU A 84 5.41 21.22 -4.09
C GLU A 84 5.07 19.78 -4.48
N HIS A 85 4.33 19.53 -5.57
CA HIS A 85 3.78 18.19 -5.81
C HIS A 85 4.87 17.16 -6.12
N MET A 86 5.91 17.53 -6.86
CA MET A 86 7.05 16.64 -7.12
C MET A 86 7.89 16.42 -5.87
N ARG A 87 8.34 17.49 -5.18
CA ARG A 87 9.31 17.31 -4.08
C ARG A 87 8.68 16.84 -2.77
N ARG A 88 7.38 17.07 -2.55
CA ARG A 88 6.65 16.38 -1.46
C ARG A 88 6.65 14.87 -1.67
N PHE A 89 6.29 14.36 -2.86
CA PHE A 89 6.30 12.91 -3.11
C PHE A 89 7.72 12.33 -3.15
N LEU A 90 8.70 13.04 -3.72
CA LEU A 90 10.08 12.58 -3.79
C LEU A 90 10.74 12.45 -2.40
N GLN A 91 10.54 13.44 -1.51
CA GLN A 91 11.08 13.37 -0.15
C GLN A 91 10.24 12.48 0.77
N CYS A 92 8.92 12.42 0.62
CA CYS A 92 8.09 11.53 1.42
C CYS A 92 8.35 10.05 1.10
N ALA A 93 8.51 9.69 -0.18
CA ALA A 93 8.93 8.34 -0.59
C ALA A 93 10.38 7.97 -0.17
N GLU A 94 11.19 8.95 0.24
CA GLU A 94 12.49 8.72 0.89
C GLU A 94 12.41 8.72 2.44
N GLN A 95 11.25 9.04 3.03
CA GLN A 95 11.00 9.11 4.48
C GLN A 95 10.08 8.01 5.02
N VAL A 96 9.06 7.58 4.26
CA VAL A 96 8.27 6.38 4.53
C VAL A 96 8.66 5.28 3.55
N TYR A 14 2.10 -9.02 -6.30
CA TYR A 14 3.51 -8.95 -5.90
C TYR A 14 3.90 -7.55 -5.39
N CYS A 15 4.83 -7.49 -4.44
CA CYS A 15 5.77 -6.37 -4.25
C CYS A 15 6.99 -6.88 -3.46
N GLY A 16 8.21 -6.67 -3.96
CA GLY A 16 9.41 -7.36 -3.45
C GLY A 16 9.74 -7.04 -1.98
N ARG A 17 9.63 -5.76 -1.57
CA ARG A 17 9.86 -5.36 -0.18
C ARG A 17 8.75 -5.76 0.79
N GLU A 18 7.56 -6.15 0.30
CA GLU A 18 6.46 -6.62 1.17
C GLU A 18 6.70 -8.03 1.72
N LEU A 19 7.57 -8.81 1.07
CA LEU A 19 8.16 -10.03 1.61
C LEU A 19 9.32 -9.69 2.54
N GLU A 20 10.28 -8.89 2.07
CA GLU A 20 11.54 -8.68 2.80
C GLU A 20 11.32 -8.02 4.18
N GLN A 21 10.50 -6.96 4.27
CA GLN A 21 10.26 -6.28 5.55
C GLN A 21 9.30 -7.04 6.47
N TYR A 22 8.35 -7.84 5.93
CA TYR A 22 7.55 -8.75 6.77
C TYR A 22 8.45 -9.78 7.45
N GLY A 23 9.45 -10.31 6.73
CA GLY A 23 10.51 -11.15 7.28
C GLY A 23 11.28 -10.45 8.41
N GLN A 24 11.74 -9.21 8.22
CA GLN A 24 12.45 -8.46 9.27
C GLN A 24 11.63 -8.26 10.55
N CYS A 25 10.33 -8.01 10.43
CA CYS A 25 9.48 -7.78 11.60
C CYS A 25 9.12 -9.08 12.34
N VAL A 26 8.84 -10.19 11.63
CA VAL A 26 8.50 -11.48 12.27
C VAL A 26 9.73 -12.24 12.77
N ALA A 27 10.88 -12.12 12.10
CA ALA A 27 12.14 -12.77 12.53
C ALA A 27 12.67 -12.19 13.86
N ALA A 28 12.33 -10.95 14.17
CA ALA A 28 12.69 -10.33 15.45
C ALA A 28 11.87 -10.93 16.61
N LYS A 29 10.52 -10.89 16.55
CA LYS A 29 9.56 -11.57 17.45
C LYS A 29 8.19 -11.82 16.79
N PRO A 30 7.38 -12.76 17.32
CA PRO A 30 5.94 -12.83 17.07
C PRO A 30 5.14 -11.55 17.45
N GLU A 31 5.59 -10.74 18.41
CA GLU A 31 5.01 -9.39 18.66
C GLU A 31 5.58 -8.29 17.74
N SER A 32 6.84 -8.42 17.31
CA SER A 32 7.49 -7.49 16.37
C SER A 32 6.81 -7.45 14.99
N TRP A 33 6.06 -8.50 14.64
CA TRP A 33 5.04 -8.54 13.59
C TRP A 33 4.16 -7.27 13.51
N GLN A 34 3.70 -6.76 14.66
CA GLN A 34 3.14 -5.40 14.79
C GLN A 34 4.19 -4.34 15.19
N ARG A 35 5.09 -4.69 16.12
CA ARG A 35 5.86 -3.73 16.94
C ARG A 35 7.14 -3.17 16.32
N ASP A 36 7.81 -3.88 15.40
CA ASP A 36 9.02 -3.39 14.71
C ASP A 36 8.75 -2.59 13.42
N CYS A 37 7.50 -2.60 12.93
CA CYS A 37 7.04 -1.80 11.80
C CYS A 37 5.52 -1.51 11.83
N HIS A 38 5.11 -0.29 12.20
CA HIS A 38 3.78 0.24 11.85
C HIS A 38 3.77 0.96 10.50
N TYR A 39 4.49 2.07 10.39
CA TYR A 39 4.31 3.06 9.32
C TYR A 39 4.72 2.51 7.95
N LEU A 40 5.79 1.72 7.94
CA LEU A 40 6.30 1.07 6.74
C LEU A 40 5.59 -0.27 6.48
N LYS A 41 4.95 -0.90 7.48
CA LYS A 41 4.01 -2.01 7.25
C LYS A 41 2.76 -1.53 6.50
N MET A 42 2.24 -0.34 6.83
CA MET A 42 1.22 0.33 6.00
C MET A 42 1.78 0.66 4.60
N SER A 43 3.05 1.06 4.50
CA SER A 43 3.67 1.44 3.22
C SER A 43 3.99 0.28 2.27
N ILE A 44 4.26 -0.93 2.78
CA ILE A 44 4.31 -2.14 1.95
C ILE A 44 2.91 -2.64 1.60
N ALA A 45 1.94 -2.53 2.51
CA ALA A 45 0.57 -2.94 2.25
C ALA A 45 -0.08 -2.12 1.11
N GLN A 46 0.14 -0.80 1.01
CA GLN A 46 -0.36 0.01 -0.12
C GLN A 46 0.32 -0.32 -1.47
N CYS A 47 1.49 -0.96 -1.48
CA CYS A 47 2.09 -1.51 -2.70
C CYS A 47 1.23 -2.63 -3.30
N THR A 48 0.86 -3.64 -2.49
CA THR A 48 0.05 -4.79 -2.92
C THR A 48 -1.47 -4.57 -2.86
N SER A 49 -1.95 -3.61 -2.05
CA SER A 49 -3.35 -3.17 -1.95
C SER A 49 -3.79 -2.20 -3.07
N SER A 50 -2.95 -1.99 -4.08
CA SER A 50 -3.18 -1.08 -5.21
C SER A 50 -4.22 -1.55 -6.25
N HIS A 51 -4.83 -2.73 -6.04
CA HIS A 51 -5.82 -3.38 -6.90
C HIS A 51 -7.24 -3.37 -6.28
N PRO A 52 -7.47 -3.81 -5.02
CA PRO A 52 -8.76 -3.66 -4.32
C PRO A 52 -9.07 -2.18 -3.97
N ILE A 53 -10.29 -1.92 -3.48
CA ILE A 53 -10.85 -0.57 -3.22
C ILE A 53 -11.33 -0.41 -1.76
N ILE A 54 -10.40 -0.52 -0.81
CA ILE A 54 -10.68 -0.57 0.64
C ILE A 54 -10.91 0.85 1.21
N ARG A 55 -12.17 1.20 1.46
CA ARG A 55 -12.57 2.58 1.80
C ARG A 55 -11.97 3.11 3.11
N GLN A 56 -11.74 2.24 4.09
CA GLN A 56 -11.25 2.61 5.43
C GLN A 56 -9.84 3.22 5.39
N ILE A 57 -8.97 2.70 4.51
CA ILE A 57 -7.62 3.26 4.28
C ILE A 57 -7.66 4.42 3.27
N ARG A 58 -8.52 4.36 2.25
CA ARG A 58 -8.67 5.45 1.27
C ARG A 58 -9.18 6.74 1.91
N GLN A 59 -10.10 6.66 2.89
CA GLN A 59 -10.56 7.79 3.69
C GLN A 59 -9.43 8.36 4.59
N ALA A 60 -8.64 7.49 5.23
CA ALA A 60 -7.53 7.91 6.10
C ALA A 60 -6.38 8.58 5.33
N CYS A 61 -6.17 8.20 4.07
CA CYS A 61 -5.08 8.64 3.20
C CYS A 61 -5.44 9.87 2.32
N ALA A 62 -6.54 10.58 2.60
CA ALA A 62 -7.12 11.58 1.70
C ALA A 62 -6.23 12.80 1.38
N GLN A 63 -5.53 13.40 2.36
CA GLN A 63 -4.61 14.53 2.08
C GLN A 63 -3.30 14.11 1.37
N PRO A 64 -2.73 12.92 1.61
CA PRO A 64 -1.72 12.30 0.76
C PRO A 64 -2.18 12.05 -0.69
N PHE A 65 -3.43 11.59 -0.90
CA PHE A 65 -4.03 11.50 -2.23
C PHE A 65 -4.12 12.90 -2.88
N GLU A 66 -4.65 13.90 -2.17
CA GLU A 66 -4.81 15.27 -2.67
C GLU A 66 -3.49 15.88 -3.19
N ALA A 67 -2.36 15.57 -2.56
CA ALA A 67 -1.03 16.03 -2.96
C ALA A 67 -0.42 15.28 -4.16
N PHE A 68 -0.84 14.03 -4.43
CA PHE A 68 -0.39 13.25 -5.59
C PHE A 68 -1.19 13.62 -6.84
N GLU A 69 -2.50 13.77 -6.67
CA GLU A 69 -3.42 14.04 -7.78
C GLU A 69 -3.30 15.51 -8.26
N GLU A 70 -2.72 16.39 -7.43
CA GLU A 70 -2.25 17.75 -7.76
C GLU A 70 -0.92 17.77 -8.54
N CYS A 71 -0.05 16.76 -8.39
CA CYS A 71 1.19 16.67 -9.18
C CYS A 71 0.87 16.43 -10.67
N LEU A 72 0.12 15.38 -11.00
CA LEU A 72 -0.26 15.07 -12.38
C LEU A 72 -1.20 16.13 -13.00
N ARG A 73 -1.89 16.94 -12.19
CA ARG A 73 -2.66 18.11 -12.67
C ARG A 73 -1.77 19.16 -13.35
N GLN A 74 -0.54 19.36 -12.87
CA GLN A 74 0.44 20.30 -13.43
C GLN A 74 1.51 19.63 -14.31
N ASN A 75 2.01 18.45 -13.91
CA ASN A 75 3.17 17.76 -14.48
C ASN A 75 2.98 16.24 -14.65
N GLU A 76 1.97 15.83 -15.42
CA GLU A 76 1.61 14.41 -15.64
C GLU A 76 2.74 13.54 -16.24
N ALA A 77 3.64 14.14 -17.03
CA ALA A 77 4.81 13.50 -17.66
C ALA A 77 6.16 14.11 -17.24
N ALA A 78 6.18 15.34 -16.73
CA ALA A 78 7.33 16.02 -16.13
C ALA A 78 7.53 15.57 -14.66
N VAL A 79 7.51 14.24 -14.50
CA VAL A 79 7.50 13.49 -13.25
C VAL A 79 8.86 13.53 -12.53
N GLY A 80 9.91 14.08 -13.16
CA GLY A 80 11.12 14.54 -12.48
C GLY A 80 10.88 15.68 -11.49
N ASN A 81 9.78 16.43 -11.59
CA ASN A 81 9.39 17.45 -10.59
C ASN A 81 8.62 16.86 -9.38
N CYS A 82 7.80 15.82 -9.59
CA CYS A 82 7.30 14.91 -8.55
C CYS A 82 6.70 13.64 -9.18
N ALA A 83 6.86 12.48 -8.52
CA ALA A 83 6.44 11.17 -9.03
C ALA A 83 5.20 10.62 -8.29
N GLU A 84 4.32 9.94 -9.04
CA GLU A 84 2.94 9.68 -8.58
C GLU A 84 2.83 8.66 -7.44
N HIS A 85 3.36 7.44 -7.61
CA HIS A 85 3.40 6.44 -6.54
C HIS A 85 4.18 6.97 -5.33
N MET A 86 5.37 7.55 -5.56
CA MET A 86 6.29 7.93 -4.50
C MET A 86 5.73 9.06 -3.62
N ARG A 87 5.15 10.12 -4.20
CA ARG A 87 4.48 11.16 -3.40
C ARG A 87 3.33 10.59 -2.59
N ARG A 88 2.43 9.81 -3.20
CA ARG A 88 1.27 9.26 -2.49
C ARG A 88 1.69 8.33 -1.36
N PHE A 89 2.64 7.43 -1.62
CA PHE A 89 3.10 6.45 -0.65
C PHE A 89 3.82 7.11 0.54
N LEU A 90 4.81 7.97 0.27
CA LEU A 90 5.62 8.60 1.33
C LEU A 90 4.84 9.64 2.14
N GLN A 91 3.90 10.36 1.52
CA GLN A 91 3.06 11.30 2.27
C GLN A 91 2.05 10.54 3.14
N CYS A 92 1.56 9.38 2.71
CA CYS A 92 0.65 8.57 3.51
C CYS A 92 1.34 7.87 4.69
N ALA A 93 2.56 7.38 4.52
CA ALA A 93 3.39 6.85 5.61
C ALA A 93 3.73 7.90 6.69
N GLU A 94 3.71 9.19 6.34
CA GLU A 94 3.87 10.33 7.26
C GLU A 94 2.53 10.92 7.78
N GLN A 95 1.39 10.45 7.25
CA GLN A 95 0.03 10.86 7.65
C GLN A 95 -0.59 9.89 8.67
N VAL A 96 -0.32 8.58 8.56
CA VAL A 96 -0.95 7.56 9.44
C VAL A 96 -0.29 7.47 10.82
N TYR A 14 3.05 -9.59 -6.97
CA TYR A 14 3.23 -8.69 -5.82
C TYR A 14 4.72 -8.34 -5.62
N CYS A 15 5.00 -7.32 -4.81
CA CYS A 15 6.30 -6.64 -4.78
C CYS A 15 7.17 -7.13 -3.60
N GLY A 16 8.47 -7.30 -3.85
CA GLY A 16 9.40 -7.97 -2.94
C GLY A 16 9.49 -7.33 -1.55
N ARG A 17 9.32 -6.01 -1.45
CA ARG A 17 9.32 -5.29 -0.16
C ARG A 17 8.25 -5.76 0.82
N GLU A 18 7.14 -6.37 0.38
CA GLU A 18 6.12 -6.90 1.30
C GLU A 18 6.52 -8.22 1.98
N LEU A 19 7.40 -8.99 1.34
CA LEU A 19 8.01 -10.21 1.92
C LEU A 19 9.27 -9.88 2.72
N GLU A 20 10.13 -8.99 2.20
CA GLU A 20 11.37 -8.58 2.86
C GLU A 20 11.12 -7.81 4.16
N GLN A 21 10.23 -6.82 4.15
CA GLN A 21 9.99 -5.99 5.34
C GLN A 21 9.10 -6.70 6.36
N TYR A 22 8.19 -7.58 5.92
CA TYR A 22 7.57 -8.59 6.80
C TYR A 22 8.63 -9.46 7.48
N GLY A 23 9.60 -9.96 6.70
CA GLY A 23 10.69 -10.83 7.18
C GLY A 23 11.51 -10.23 8.32
N GLN A 24 11.90 -8.96 8.23
CA GLN A 24 12.62 -8.24 9.30
C GLN A 24 11.82 -8.18 10.60
N CYS A 25 10.56 -7.75 10.50
CA CYS A 25 9.72 -7.51 11.67
C CYS A 25 9.27 -8.82 12.33
N VAL A 26 8.98 -9.88 11.56
CA VAL A 26 8.58 -11.19 12.12
C VAL A 26 9.76 -12.03 12.63
N ALA A 27 10.97 -11.90 12.07
CA ALA A 27 12.15 -12.63 12.54
C ALA A 27 12.73 -12.08 13.85
N ALA A 28 12.36 -10.86 14.23
CA ALA A 28 12.73 -10.23 15.51
C ALA A 28 11.91 -10.80 16.67
N LYS A 29 10.56 -10.77 16.55
CA LYS A 29 9.57 -11.55 17.32
C LYS A 29 8.35 -11.81 16.43
N PRO A 30 7.53 -12.85 16.71
CA PRO A 30 6.16 -12.91 16.19
C PRO A 30 5.34 -11.64 16.53
N GLU A 31 5.54 -11.08 17.73
CA GLU A 31 4.90 -9.82 18.17
C GLU A 31 5.41 -8.57 17.42
N SER A 32 6.63 -8.63 16.87
CA SER A 32 7.30 -7.50 16.24
C SER A 32 6.86 -7.25 14.80
N TRP A 33 6.07 -8.15 14.19
CA TRP A 33 5.26 -7.82 13.01
C TRP A 33 4.37 -6.59 13.26
N GLN A 34 3.75 -6.49 14.44
CA GLN A 34 3.04 -5.27 14.84
C GLN A 34 4.00 -4.22 15.45
N ARG A 35 4.97 -4.63 16.29
CA ARG A 35 5.78 -3.71 17.11
C ARG A 35 6.87 -2.96 16.32
N ASP A 36 7.67 -3.66 15.51
CA ASP A 36 8.83 -3.10 14.77
C ASP A 36 8.46 -2.52 13.40
N CYS A 37 7.25 -2.78 12.92
CA CYS A 37 6.68 -2.23 11.69
C CYS A 37 5.36 -1.48 12.00
N HIS A 38 5.41 -0.19 12.35
CA HIS A 38 4.24 0.71 12.31
C HIS A 38 4.09 1.45 10.98
N TYR A 39 5.13 2.15 10.55
CA TYR A 39 5.18 2.83 9.25
C TYR A 39 5.31 1.79 8.13
N LEU A 40 6.21 0.82 8.30
CA LEU A 40 6.50 -0.20 7.29
C LEU A 40 5.27 -1.07 6.99
N LYS A 41 4.47 -1.45 8.01
CA LYS A 41 3.24 -2.26 7.82
C LYS A 41 2.15 -1.52 7.01
N MET A 42 2.12 -0.19 7.06
CA MET A 42 1.27 0.64 6.19
C MET A 42 1.83 0.73 4.76
N SER A 43 3.14 0.94 4.64
CA SER A 43 3.86 1.16 3.37
C SER A 43 3.95 -0.11 2.50
N ILE A 44 4.18 -1.31 3.08
CA ILE A 44 4.09 -2.57 2.33
C ILE A 44 2.68 -2.79 1.76
N ALA A 45 1.64 -2.44 2.54
CA ALA A 45 0.25 -2.73 2.23
C ALA A 45 -0.34 -1.83 1.15
N GLN A 46 0.22 -0.65 0.92
CA GLN A 46 -0.13 0.21 -0.23
C GLN A 46 0.56 -0.20 -1.53
N CYS A 47 1.66 -0.97 -1.45
CA CYS A 47 2.18 -1.65 -2.63
C CYS A 47 1.26 -2.80 -3.07
N THR A 48 0.75 -3.60 -2.12
CA THR A 48 -0.17 -4.72 -2.41
C THR A 48 -1.64 -4.31 -2.61
N SER A 49 -2.05 -3.08 -2.26
CA SER A 49 -3.37 -2.52 -2.62
C SER A 49 -3.53 -2.22 -4.12
N SER A 50 -2.45 -2.25 -4.91
CA SER A 50 -2.42 -1.87 -6.33
C SER A 50 -3.22 -2.80 -7.26
N HIS A 51 -3.48 -4.05 -6.85
CA HIS A 51 -4.31 -4.99 -7.62
C HIS A 51 -5.82 -4.71 -7.43
N PRO A 52 -6.66 -4.77 -8.49
CA PRO A 52 -8.11 -4.53 -8.44
C PRO A 52 -8.90 -5.70 -7.80
N ILE A 53 -8.52 -6.10 -6.58
CA ILE A 53 -9.13 -7.19 -5.81
C ILE A 53 -10.60 -6.89 -5.49
N ILE A 54 -10.91 -5.62 -5.22
CA ILE A 54 -12.25 -5.06 -4.96
C ILE A 54 -12.49 -3.80 -5.83
N ARG A 55 -13.76 -3.40 -6.00
CA ARG A 55 -14.19 -2.30 -6.90
C ARG A 55 -13.62 -0.93 -6.51
N GLN A 56 -13.37 -0.69 -5.21
CA GLN A 56 -12.83 0.58 -4.68
C GLN A 56 -11.54 1.02 -5.41
N ILE A 57 -10.71 0.08 -5.86
CA ILE A 57 -9.46 0.38 -6.56
C ILE A 57 -9.72 1.11 -7.88
N ARG A 58 -10.71 0.69 -8.68
CA ARG A 58 -11.10 1.38 -9.92
C ARG A 58 -11.96 2.63 -9.65
N GLN A 59 -12.65 2.69 -8.51
CA GLN A 59 -13.24 3.94 -8.02
C GLN A 59 -12.16 5.00 -7.68
N ALA A 60 -10.93 4.59 -7.33
CA ALA A 60 -9.83 5.50 -7.00
C ALA A 60 -8.84 5.82 -8.14
N CYS A 61 -8.30 4.81 -8.85
CA CYS A 61 -7.12 4.95 -9.74
C CYS A 61 -7.38 4.46 -11.18
N ALA A 62 -8.31 5.11 -11.90
CA ALA A 62 -8.74 4.73 -13.25
C ALA A 62 -8.53 5.80 -14.34
N GLN A 63 -8.54 7.10 -14.01
CA GLN A 63 -8.38 8.16 -15.03
C GLN A 63 -6.94 8.27 -15.56
N PRO A 64 -5.87 8.28 -14.71
CA PRO A 64 -4.49 8.24 -15.19
C PRO A 64 -4.11 6.91 -15.84
N PHE A 65 -4.72 5.80 -15.41
CA PHE A 65 -4.54 4.46 -15.98
C PHE A 65 -4.85 4.41 -17.49
N GLU A 66 -5.90 5.11 -17.90
CA GLU A 66 -6.28 5.33 -19.31
C GLU A 66 -5.42 6.40 -19.98
N ALA A 67 -5.00 7.46 -19.26
CA ALA A 67 -4.17 8.53 -19.82
C ALA A 67 -2.76 8.04 -20.20
N PHE A 68 -2.18 7.09 -19.46
CA PHE A 68 -0.92 6.43 -19.83
C PHE A 68 -1.07 5.47 -21.02
N GLU A 69 -2.24 4.83 -21.18
CA GLU A 69 -2.56 4.06 -22.40
C GLU A 69 -2.75 4.98 -23.62
N GLU A 70 -3.28 6.20 -23.41
CA GLU A 70 -3.38 7.25 -24.41
C GLU A 70 -2.01 7.89 -24.74
N CYS A 71 -1.03 7.79 -23.83
CA CYS A 71 0.32 8.29 -24.06
C CYS A 71 1.02 7.56 -25.22
N LEU A 72 0.89 6.22 -25.33
CA LEU A 72 1.29 5.40 -26.47
C LEU A 72 0.30 5.43 -27.63
N ARG A 73 -0.94 5.89 -27.44
CA ARG A 73 -1.84 6.27 -28.56
C ARG A 73 -1.34 7.50 -29.33
N GLN A 74 -0.61 8.40 -28.64
CA GLN A 74 0.13 9.53 -29.25
C GLN A 74 1.59 9.21 -29.61
N ASN A 75 2.32 8.49 -28.74
CA ASN A 75 3.79 8.38 -28.73
C ASN A 75 4.26 6.93 -28.53
N GLU A 76 3.67 5.94 -29.22
CA GLU A 76 3.93 4.52 -28.98
C GLU A 76 5.44 4.14 -29.06
N ALA A 77 6.19 4.97 -29.80
CA ALA A 77 7.60 4.87 -30.17
C ALA A 77 8.59 5.61 -29.24
N ALA A 78 8.12 6.26 -28.16
CA ALA A 78 8.94 7.08 -27.25
C ALA A 78 8.72 6.71 -25.77
N VAL A 79 8.80 5.42 -25.47
CA VAL A 79 8.41 4.82 -24.16
C VAL A 79 9.28 5.32 -23.00
N GLY A 80 10.45 5.90 -23.27
CA GLY A 80 11.27 6.58 -22.25
C GLY A 80 10.52 7.72 -21.53
N ASN A 81 9.63 8.43 -22.23
CA ASN A 81 8.84 9.52 -21.63
C ASN A 81 7.61 9.02 -20.85
N CYS A 82 7.00 7.91 -21.27
CA CYS A 82 5.95 7.22 -20.51
C CYS A 82 5.93 5.71 -20.80
N ALA A 83 5.80 4.89 -19.74
CA ALA A 83 5.78 3.43 -19.80
C ALA A 83 4.52 2.89 -19.12
N GLU A 84 3.69 2.14 -19.85
CA GLU A 84 2.30 1.94 -19.46
C GLU A 84 2.10 1.12 -18.18
N HIS A 85 2.51 -0.15 -18.13
CA HIS A 85 2.31 -1.02 -16.95
C HIS A 85 2.91 -0.44 -15.67
N MET A 86 4.11 0.15 -15.75
CA MET A 86 4.81 0.78 -14.63
C MET A 86 4.00 1.95 -14.06
N ARG A 87 3.58 2.88 -14.94
CA ARG A 87 2.86 4.09 -14.54
C ARG A 87 1.41 3.81 -14.13
N ARG A 88 0.77 2.80 -14.74
CA ARG A 88 -0.54 2.24 -14.32
C ARG A 88 -0.50 1.58 -12.95
N PHE A 89 0.62 0.99 -12.54
CA PHE A 89 0.82 0.47 -11.19
C PHE A 89 1.09 1.61 -10.20
N LEU A 90 2.01 2.53 -10.52
CA LEU A 90 2.38 3.71 -9.71
C LEU A 90 1.13 4.49 -9.27
N GLN A 91 0.29 4.88 -10.23
CA GLN A 91 -0.90 5.71 -9.99
C GLN A 91 -2.00 5.03 -9.16
N CYS A 92 -1.94 3.70 -8.96
CA CYS A 92 -2.67 3.04 -7.87
C CYS A 92 -1.84 2.96 -6.57
N ALA A 93 -0.61 2.45 -6.61
CA ALA A 93 0.20 2.13 -5.43
C ALA A 93 0.67 3.34 -4.61
N GLU A 94 0.74 4.53 -5.20
CA GLU A 94 0.96 5.80 -4.48
C GLU A 94 -0.34 6.52 -4.08
N GLN A 95 -1.51 6.00 -4.48
CA GLN A 95 -2.82 6.68 -4.38
C GLN A 95 -3.77 6.04 -3.36
N VAL A 96 -3.78 4.70 -3.20
CA VAL A 96 -4.87 3.99 -2.50
C VAL A 96 -4.39 3.20 -1.29
N TYR A 14 1.87 -9.03 -5.85
CA TYR A 14 2.38 -8.32 -4.67
C TYR A 14 3.73 -7.64 -5.01
N CYS A 15 4.25 -6.83 -4.09
CA CYS A 15 5.58 -6.23 -4.20
C CYS A 15 6.55 -6.90 -3.20
N GLY A 16 7.72 -7.37 -3.66
CA GLY A 16 8.68 -8.13 -2.82
C GLY A 16 9.18 -7.38 -1.58
N ARG A 17 9.11 -6.04 -1.59
CA ARG A 17 9.24 -5.18 -0.40
C ARG A 17 8.42 -5.61 0.81
N GLU A 18 7.31 -6.34 0.63
CA GLU A 18 6.51 -6.84 1.77
C GLU A 18 7.13 -8.04 2.49
N LEU A 19 7.89 -8.88 1.77
CA LEU A 19 8.62 -10.02 2.34
C LEU A 19 9.83 -9.53 3.14
N GLU A 20 10.51 -8.50 2.62
CA GLU A 20 11.76 -7.96 3.17
C GLU A 20 11.55 -7.17 4.48
N GLN A 21 10.40 -6.50 4.63
CA GLN A 21 10.00 -5.87 5.89
C GLN A 21 9.46 -6.87 6.93
N TYR A 22 8.61 -7.81 6.52
CA TYR A 22 7.97 -8.75 7.47
C TYR A 22 8.99 -9.70 8.09
N GLY A 23 9.93 -10.22 7.29
CA GLY A 23 10.94 -11.18 7.75
C GLY A 23 11.79 -10.63 8.90
N GLN A 24 12.12 -9.33 8.88
CA GLN A 24 12.84 -8.68 9.97
C GLN A 24 12.03 -8.70 11.27
N CYS A 25 10.77 -8.30 11.17
CA CYS A 25 9.87 -8.11 12.29
C CYS A 25 9.57 -9.42 13.01
N VAL A 26 9.16 -10.47 12.28
CA VAL A 26 8.83 -11.76 12.91
C VAL A 26 10.06 -12.60 13.26
N ALA A 27 11.21 -12.39 12.60
CA ALA A 27 12.44 -13.07 13.01
C ALA A 27 12.96 -12.58 14.35
N ALA A 28 12.79 -11.30 14.70
CA ALA A 28 13.22 -10.81 16.01
C ALA A 28 12.30 -11.28 17.16
N LYS A 29 10.99 -11.00 17.10
CA LYS A 29 9.93 -11.52 18.01
C LYS A 29 8.54 -11.54 17.33
N PRO A 30 7.74 -12.62 17.42
CA PRO A 30 6.45 -12.73 16.69
C PRO A 30 5.34 -11.73 17.07
N GLU A 31 5.20 -11.32 18.34
CA GLU A 31 4.27 -10.23 18.74
C GLU A 31 4.91 -8.84 18.84
N SER A 32 5.94 -8.69 19.66
CA SER A 32 6.42 -7.37 20.12
C SER A 32 7.39 -6.72 19.14
N TRP A 33 7.91 -7.48 18.18
CA TRP A 33 8.73 -7.00 17.07
C TRP A 33 8.02 -7.09 15.70
N GLN A 34 6.91 -7.85 15.57
CA GLN A 34 5.90 -7.62 14.52
C GLN A 34 5.43 -6.15 14.48
N ARG A 35 5.40 -5.50 15.65
CA ARG A 35 5.17 -4.06 15.83
C ARG A 35 6.26 -3.14 15.22
N ASP A 36 7.46 -3.65 14.90
CA ASP A 36 8.59 -2.86 14.35
C ASP A 36 8.43 -2.51 12.86
N CYS A 37 7.40 -3.03 12.16
CA CYS A 37 6.98 -2.54 10.86
C CYS A 37 5.49 -2.21 10.88
N HIS A 38 5.15 -0.99 11.29
CA HIS A 38 3.84 -0.35 11.18
C HIS A 38 3.68 0.41 9.85
N TYR A 39 4.65 1.27 9.53
CA TYR A 39 4.60 2.15 8.35
C TYR A 39 4.85 1.38 7.05
N LEU A 40 5.72 0.37 7.11
CA LEU A 40 5.97 -0.56 6.00
C LEU A 40 4.73 -1.42 5.73
N LYS A 41 4.04 -1.90 6.79
CA LYS A 41 2.77 -2.64 6.74
C LYS A 41 1.61 -1.84 6.12
N MET A 42 1.68 -0.51 6.11
CA MET A 42 0.79 0.35 5.31
C MET A 42 1.31 0.53 3.86
N SER A 43 2.61 0.78 3.69
CA SER A 43 3.23 1.02 2.37
C SER A 43 3.13 -0.17 1.41
N ILE A 44 3.22 -1.40 1.92
CA ILE A 44 3.06 -2.64 1.13
C ILE A 44 1.65 -2.78 0.53
N ALA A 45 0.62 -2.29 1.25
CA ALA A 45 -0.75 -2.24 0.77
C ALA A 45 -0.97 -1.12 -0.25
N GLN A 46 -0.26 0.00 -0.14
CA GLN A 46 -0.29 1.06 -1.16
C GLN A 46 0.42 0.65 -2.45
N CYS A 47 1.47 -0.18 -2.40
CA CYS A 47 2.14 -0.72 -3.59
C CYS A 47 1.20 -1.57 -4.47
N THR A 48 0.21 -2.26 -3.87
CA THR A 48 -0.90 -2.94 -4.57
C THR A 48 -2.13 -2.05 -4.82
N SER A 49 -2.50 -1.15 -3.91
CA SER A 49 -3.74 -0.34 -3.96
C SER A 49 -3.64 0.91 -4.85
N SER A 50 -2.71 1.83 -4.57
CA SER A 50 -2.65 3.19 -5.17
C SER A 50 -1.39 3.47 -6.01
N HIS A 51 -0.38 2.60 -5.90
CA HIS A 51 0.87 2.55 -6.64
C HIS A 51 1.65 3.90 -6.75
N PRO A 52 1.96 4.58 -5.63
CA PRO A 52 2.92 5.68 -5.60
C PRO A 52 4.36 5.17 -5.78
N ILE A 53 5.19 5.91 -6.50
CA ILE A 53 6.60 5.57 -6.76
C ILE A 53 7.51 6.81 -6.70
N ILE A 54 8.72 6.64 -6.15
CA ILE A 54 9.73 7.70 -5.96
C ILE A 54 10.50 8.02 -7.26
N ARG A 55 11.07 9.24 -7.38
CA ARG A 55 11.82 9.70 -8.57
C ARG A 55 12.91 8.73 -9.04
N GLN A 56 13.67 8.09 -8.13
CA GLN A 56 14.68 7.06 -8.48
C GLN A 56 14.12 5.86 -9.25
N ILE A 57 12.86 5.47 -9.00
CA ILE A 57 12.16 4.43 -9.77
C ILE A 57 11.58 5.01 -11.06
N ARG A 58 10.96 6.20 -11.00
CA ARG A 58 10.37 6.86 -12.17
C ARG A 58 11.38 7.05 -13.31
N GLN A 59 12.62 7.45 -13.00
CA GLN A 59 13.69 7.59 -14.02
C GLN A 59 14.12 6.26 -14.66
N ALA A 60 14.06 5.14 -13.93
CA ALA A 60 14.45 3.81 -14.41
C ALA A 60 13.33 3.07 -15.18
N CYS A 61 12.10 3.59 -15.11
CA CYS A 61 10.95 3.13 -15.90
C CYS A 61 10.64 4.05 -17.10
N ALA A 62 11.39 5.15 -17.28
CA ALA A 62 11.00 6.29 -18.12
C ALA A 62 11.07 6.07 -19.64
N GLN A 63 12.03 5.30 -20.16
CA GLN A 63 12.18 5.13 -21.61
C GLN A 63 11.02 4.36 -22.27
N PRO A 64 10.57 3.19 -21.76
CA PRO A 64 9.33 2.57 -22.23
C PRO A 64 8.11 3.46 -21.96
N PHE A 65 8.10 4.25 -20.87
CA PHE A 65 7.05 5.25 -20.61
C PHE A 65 6.90 6.24 -21.77
N GLU A 66 8.01 6.79 -22.28
CA GLU A 66 8.00 7.84 -23.31
C GLU A 66 7.52 7.37 -24.68
N ALA A 67 7.63 6.08 -24.99
CA ALA A 67 7.00 5.47 -26.18
C ALA A 67 5.57 5.00 -25.93
N PHE A 68 5.31 4.32 -24.80
CA PHE A 68 4.05 3.62 -24.54
C PHE A 68 2.97 4.50 -23.90
N GLU A 69 3.28 5.66 -23.29
CA GLU A 69 2.24 6.65 -23.01
C GLU A 69 1.87 7.45 -24.27
N GLU A 70 2.83 7.66 -25.19
CA GLU A 70 2.70 8.52 -26.39
C GLU A 70 1.79 7.92 -27.47
N CYS A 71 1.63 6.59 -27.49
CA CYS A 71 0.66 5.94 -28.37
C CYS A 71 -0.80 6.24 -27.96
N LEU A 72 -1.14 6.01 -26.69
CA LEU A 72 -2.41 6.39 -26.07
C LEU A 72 -2.60 7.92 -25.97
N ARG A 73 -1.53 8.73 -25.96
CA ARG A 73 -1.65 10.19 -25.96
C ARG A 73 -2.42 10.69 -27.19
N GLN A 74 -2.29 10.00 -28.33
CA GLN A 74 -3.03 10.25 -29.57
C GLN A 74 -4.26 9.33 -29.79
N ASN A 75 -4.28 8.11 -29.23
CA ASN A 75 -5.34 7.11 -29.47
C ASN A 75 -5.71 6.24 -28.24
N GLU A 76 -5.71 6.77 -27.01
CA GLU A 76 -6.06 6.03 -25.79
C GLU A 76 -7.45 5.36 -25.87
N ALA A 77 -8.36 5.93 -26.66
CA ALA A 77 -9.72 5.44 -26.89
C ALA A 77 -9.80 4.20 -27.81
N ALA A 78 -8.77 3.96 -28.62
CA ALA A 78 -8.71 2.91 -29.65
C ALA A 78 -7.65 1.87 -29.27
N VAL A 79 -7.85 1.22 -28.12
CA VAL A 79 -6.85 0.37 -27.45
C VAL A 79 -6.49 -0.87 -28.29
N GLY A 80 -7.34 -1.29 -29.23
CA GLY A 80 -7.03 -2.31 -30.23
C GLY A 80 -5.90 -1.92 -31.19
N ASN A 81 -5.65 -0.63 -31.41
CA ASN A 81 -4.45 -0.15 -32.11
C ASN A 81 -3.23 -0.18 -31.18
N CYS A 82 -3.32 0.30 -29.93
CA CYS A 82 -2.28 0.08 -28.92
C CYS A 82 -2.79 0.14 -27.46
N ALA A 83 -2.31 -0.79 -26.63
CA ALA A 83 -2.64 -0.94 -25.20
C ALA A 83 -1.42 -0.76 -24.28
N GLU A 84 -0.27 -0.42 -24.84
CA GLU A 84 1.05 -0.72 -24.26
C GLU A 84 1.31 -0.09 -22.88
N HIS A 85 0.63 1.00 -22.51
CA HIS A 85 0.73 1.58 -21.16
C HIS A 85 0.30 0.57 -20.06
N MET A 86 -0.64 -0.34 -20.34
CA MET A 86 -1.06 -1.38 -19.39
C MET A 86 0.06 -2.41 -19.14
N ARG A 87 0.95 -2.65 -20.12
CA ARG A 87 2.14 -3.51 -19.95
C ARG A 87 3.32 -2.75 -19.32
N ARG A 88 3.52 -1.49 -19.71
CA ARG A 88 4.45 -0.50 -19.10
C ARG A 88 4.23 -0.38 -17.60
N PHE A 89 2.97 -0.28 -17.16
CA PHE A 89 2.62 -0.22 -15.74
C PHE A 89 3.04 -1.48 -14.98
N LEU A 90 2.71 -2.67 -15.52
CA LEU A 90 2.97 -3.96 -14.89
C LEU A 90 4.47 -4.31 -14.87
N GLN A 91 5.20 -4.07 -15.96
CA GLN A 91 6.64 -4.30 -16.04
C GLN A 91 7.41 -3.38 -15.07
N CYS A 92 6.97 -2.13 -14.86
CA CYS A 92 7.54 -1.26 -13.82
C CYS A 92 7.15 -1.73 -12.40
N ALA A 93 5.92 -2.21 -12.20
CA ALA A 93 5.45 -2.78 -10.92
C ALA A 93 6.15 -4.11 -10.54
N GLU A 94 6.77 -4.79 -11.50
CA GLU A 94 7.67 -5.94 -11.26
C GLU A 94 9.15 -5.51 -11.12
N GLN A 95 9.56 -4.42 -11.79
CA GLN A 95 10.91 -3.84 -11.72
C GLN A 95 11.27 -3.31 -10.32
N VAL A 96 10.27 -2.94 -9.49
CA VAL A 96 10.46 -2.69 -8.04
C VAL A 96 10.59 -4.02 -7.29
N TYR A 14 2.83 -9.97 -7.15
CA TYR A 14 2.89 -8.76 -6.32
C TYR A 14 4.35 -8.42 -5.95
N CYS A 15 4.57 -7.33 -5.21
CA CYS A 15 5.93 -6.83 -4.98
C CYS A 15 6.55 -7.42 -3.69
N GLY A 16 7.87 -7.60 -3.68
CA GLY A 16 8.62 -8.43 -2.73
C GLY A 16 8.61 -7.93 -1.29
N ARG A 17 8.29 -6.64 -1.09
CA ARG A 17 8.17 -5.97 0.21
C ARG A 17 7.34 -6.73 1.26
N GLU A 18 6.38 -7.56 0.84
CA GLU A 18 5.51 -8.28 1.81
C GLU A 18 6.15 -9.54 2.39
N LEU A 19 7.16 -10.10 1.71
CA LEU A 19 8.12 -11.05 2.28
C LEU A 19 9.31 -10.35 2.94
N GLU A 20 9.81 -9.26 2.34
CA GLU A 20 11.06 -8.62 2.78
C GLU A 20 10.90 -7.78 4.05
N GLN A 21 9.82 -7.02 4.23
CA GLN A 21 9.55 -6.28 5.47
C GLN A 21 9.00 -7.17 6.59
N TYR A 22 8.23 -8.23 6.25
CA TYR A 22 7.84 -9.30 7.19
C TYR A 22 9.10 -9.98 7.74
N GLY A 23 10.05 -10.30 6.86
CA GLY A 23 11.33 -10.91 7.21
C GLY A 23 12.28 -10.04 8.03
N GLN A 24 12.02 -8.73 8.15
CA GLN A 24 12.58 -7.96 9.27
C GLN A 24 11.76 -8.15 10.54
N CYS A 25 10.49 -7.70 10.56
CA CYS A 25 9.81 -7.50 11.84
C CYS A 25 9.33 -8.80 12.50
N VAL A 26 9.10 -9.89 11.75
CA VAL A 26 8.80 -11.21 12.30
C VAL A 26 10.07 -12.00 12.63
N ALA A 27 11.20 -11.72 11.97
CA ALA A 27 12.47 -12.36 12.28
C ALA A 27 13.13 -11.78 13.55
N ALA A 28 12.90 -10.49 13.85
CA ALA A 28 13.39 -9.89 15.08
C ALA A 28 12.76 -10.55 16.33
N LYS A 29 11.42 -10.55 16.42
CA LYS A 29 10.62 -11.24 17.45
C LYS A 29 9.22 -11.60 16.91
N PRO A 30 8.54 -12.64 17.43
CA PRO A 30 7.08 -12.81 17.21
C PRO A 30 6.27 -11.60 17.68
N GLU A 31 6.71 -10.94 18.76
CA GLU A 31 6.18 -9.69 19.32
C GLU A 31 6.43 -8.45 18.42
N SER A 32 7.47 -8.49 17.60
CA SER A 32 7.88 -7.38 16.72
C SER A 32 6.99 -7.25 15.47
N TRP A 33 6.14 -8.23 15.16
CA TRP A 33 5.04 -8.06 14.21
C TRP A 33 4.10 -6.89 14.59
N GLN A 34 3.88 -6.66 15.89
CA GLN A 34 3.22 -5.45 16.40
C GLN A 34 4.20 -4.29 16.71
N ARG A 35 5.42 -4.57 17.24
CA ARG A 35 6.35 -3.52 17.73
C ARG A 35 7.29 -2.87 16.70
N ASP A 36 7.80 -3.61 15.71
CA ASP A 36 8.80 -3.11 14.73
C ASP A 36 8.16 -2.52 13.45
N CYS A 37 6.89 -2.83 13.14
CA CYS A 37 6.26 -2.44 11.86
C CYS A 37 4.74 -2.11 11.97
N HIS A 38 4.40 -0.87 12.32
CA HIS A 38 3.06 -0.28 12.13
C HIS A 38 2.88 0.40 10.77
N TYR A 39 3.69 1.42 10.48
CA TYR A 39 3.61 2.17 9.24
C TYR A 39 4.26 1.43 8.07
N LEU A 40 5.28 0.59 8.32
CA LEU A 40 5.79 -0.32 7.29
C LEU A 40 4.71 -1.32 6.83
N LYS A 41 3.80 -1.73 7.72
CA LYS A 41 2.64 -2.60 7.42
C LYS A 41 1.54 -1.87 6.63
N MET A 42 1.46 -0.55 6.75
CA MET A 42 0.74 0.30 5.78
C MET A 42 1.52 0.45 4.44
N SER A 43 2.84 0.63 4.48
CA SER A 43 3.69 0.78 3.27
C SER A 43 3.68 -0.46 2.36
N ILE A 44 3.52 -1.67 2.90
CA ILE A 44 3.35 -2.87 2.05
C ILE A 44 2.04 -2.83 1.25
N ALA A 45 0.95 -2.26 1.79
CA ALA A 45 -0.27 -2.03 1.02
C ALA A 45 -0.10 -0.91 -0.02
N GLN A 46 0.72 0.11 0.27
CA GLN A 46 0.98 1.23 -0.65
C GLN A 46 1.73 0.81 -1.93
N CYS A 47 2.71 -0.11 -1.85
CA CYS A 47 3.37 -0.67 -3.05
C CYS A 47 2.38 -1.34 -4.02
N THR A 48 1.41 -2.10 -3.50
CA THR A 48 0.44 -2.86 -4.30
C THR A 48 -0.83 -2.09 -4.69
N SER A 49 -1.04 -0.86 -4.19
CA SER A 49 -2.29 -0.09 -4.33
C SER A 49 -2.73 0.24 -5.77
N SER A 50 -1.83 0.25 -6.76
CA SER A 50 -2.16 0.37 -8.19
C SER A 50 -2.94 -0.83 -8.76
N HIS A 51 -2.79 -2.00 -8.13
CA HIS A 51 -3.38 -3.30 -8.50
C HIS A 51 -2.96 -3.83 -9.90
N PRO A 52 -3.11 -5.15 -10.19
CA PRO A 52 -2.63 -5.72 -11.46
C PRO A 52 -3.34 -5.18 -12.72
N ILE A 53 -4.50 -4.53 -12.56
CA ILE A 53 -5.22 -3.74 -13.58
C ILE A 53 -4.34 -2.77 -14.39
N ILE A 54 -3.15 -2.39 -13.89
CA ILE A 54 -2.12 -1.69 -14.68
C ILE A 54 -1.79 -2.40 -16.02
N ARG A 55 -2.04 -3.72 -16.10
CA ARG A 55 -2.06 -4.51 -17.34
C ARG A 55 -2.88 -3.87 -18.46
N GLN A 56 -3.95 -3.12 -18.16
CA GLN A 56 -4.81 -2.54 -19.20
C GLN A 56 -4.09 -1.46 -20.02
N ILE A 57 -3.21 -0.65 -19.41
CA ILE A 57 -2.35 0.28 -20.14
C ILE A 57 -1.04 -0.37 -20.65
N ARG A 58 -0.60 -1.48 -20.03
CA ARG A 58 0.60 -2.26 -20.39
C ARG A 58 0.43 -3.37 -21.45
N GLN A 59 -0.75 -3.94 -21.70
CA GLN A 59 -0.94 -5.13 -22.56
C GLN A 59 -0.52 -4.94 -24.03
N ALA A 60 -0.49 -3.70 -24.53
CA ALA A 60 0.07 -3.37 -25.84
C ALA A 60 1.61 -3.55 -25.92
N CYS A 61 2.32 -3.57 -24.78
CA CYS A 61 3.77 -3.77 -24.67
C CYS A 61 4.14 -5.28 -24.73
N ALA A 62 3.58 -5.97 -25.73
CA ALA A 62 3.14 -7.36 -25.61
C ALA A 62 4.24 -8.39 -25.31
N GLN A 63 5.39 -8.38 -26.00
CA GLN A 63 6.45 -9.37 -25.77
C GLN A 63 7.14 -9.19 -24.40
N PRO A 64 7.64 -7.99 -24.02
CA PRO A 64 8.22 -7.75 -22.70
C PRO A 64 7.23 -7.96 -21.53
N PHE A 65 5.95 -7.64 -21.72
CA PHE A 65 4.93 -7.83 -20.69
C PHE A 65 4.57 -9.31 -20.45
N GLU A 66 4.75 -10.16 -21.45
CA GLU A 66 4.75 -11.61 -21.25
C GLU A 66 6.09 -12.11 -20.68
N ALA A 67 7.22 -11.55 -21.13
CA ALA A 67 8.57 -12.04 -20.84
C ALA A 67 8.92 -12.05 -19.34
N PHE A 68 8.48 -11.04 -18.58
CA PHE A 68 8.74 -11.01 -17.13
C PHE A 68 7.94 -12.06 -16.37
N GLU A 69 6.63 -12.15 -16.61
CA GLU A 69 5.80 -13.17 -15.96
C GLU A 69 6.19 -14.60 -16.44
N GLU A 70 6.73 -14.73 -17.67
CA GLU A 70 7.29 -15.96 -18.23
C GLU A 70 8.59 -16.38 -17.52
N CYS A 71 9.56 -15.47 -17.30
CA CYS A 71 10.76 -15.75 -16.51
C CYS A 71 10.39 -16.31 -15.12
N LEU A 72 9.44 -15.67 -14.45
CA LEU A 72 8.92 -16.05 -13.15
C LEU A 72 7.99 -17.28 -13.19
N ARG A 73 7.55 -17.77 -14.35
CA ARG A 73 6.93 -19.10 -14.50
C ARG A 73 7.98 -20.20 -14.67
N GLN A 74 8.95 -20.03 -15.58
CA GLN A 74 9.97 -21.04 -15.88
C GLN A 74 11.02 -21.15 -14.76
N ASN A 75 11.38 -20.02 -14.14
CA ASN A 75 12.40 -19.88 -13.10
C ASN A 75 11.99 -18.79 -12.07
N GLU A 76 10.83 -18.98 -11.43
CA GLU A 76 10.29 -18.12 -10.35
C GLU A 76 11.32 -17.80 -9.24
N ALA A 77 12.31 -18.69 -9.05
CA ALA A 77 13.33 -18.68 -8.01
C ALA A 77 14.73 -18.21 -8.45
N ALA A 78 14.91 -17.86 -9.74
CA ALA A 78 16.19 -17.43 -10.30
C ALA A 78 16.09 -16.02 -10.91
N VAL A 79 15.59 -15.06 -10.13
CA VAL A 79 15.43 -13.66 -10.57
C VAL A 79 16.81 -12.97 -10.79
N GLY A 80 17.89 -13.57 -10.26
CA GLY A 80 19.27 -13.24 -10.61
C GLY A 80 19.60 -13.37 -12.11
N ASN A 81 18.80 -14.13 -12.86
CA ASN A 81 18.97 -14.36 -14.31
C ASN A 81 18.04 -13.47 -15.18
N CYS A 82 16.92 -12.96 -14.62
CA CYS A 82 15.96 -12.11 -15.34
C CYS A 82 15.15 -11.24 -14.37
N ALA A 83 15.00 -9.94 -14.67
CA ALA A 83 14.28 -8.95 -13.86
C ALA A 83 13.72 -7.78 -14.71
N GLU A 84 12.87 -8.15 -15.64
CA GLU A 84 12.29 -7.39 -16.76
C GLU A 84 11.21 -6.38 -16.33
N HIS A 85 10.74 -6.42 -15.07
CA HIS A 85 9.82 -5.42 -14.51
C HIS A 85 10.19 -3.96 -14.88
N MET A 86 11.49 -3.66 -15.05
CA MET A 86 11.93 -2.34 -15.51
C MET A 86 11.53 -2.09 -16.97
N ARG A 87 11.79 -3.04 -17.88
CA ARG A 87 11.26 -3.06 -19.25
C ARG A 87 9.73 -2.98 -19.29
N ARG A 88 8.99 -3.62 -18.36
CA ARG A 88 7.51 -3.48 -18.30
C ARG A 88 7.03 -2.07 -17.97
N PHE A 89 7.83 -1.25 -17.28
CA PHE A 89 7.58 0.19 -17.12
C PHE A 89 8.07 0.99 -18.35
N LEU A 90 9.33 0.79 -18.75
CA LEU A 90 10.00 1.58 -19.80
C LEU A 90 9.40 1.39 -21.19
N GLN A 91 8.98 0.17 -21.55
CA GLN A 91 8.39 -0.10 -22.87
C GLN A 91 6.99 0.51 -23.00
N CYS A 92 6.27 0.72 -21.88
CA CYS A 92 4.97 1.37 -21.87
C CYS A 92 5.06 2.89 -21.68
N ALA A 93 6.14 3.40 -21.09
CA ALA A 93 6.52 4.81 -21.16
C ALA A 93 6.98 5.23 -22.56
N GLU A 94 7.54 4.30 -23.35
CA GLU A 94 7.82 4.50 -24.79
C GLU A 94 6.53 4.38 -25.65
N GLN A 95 5.52 3.64 -25.20
CA GLN A 95 4.25 3.41 -25.91
C GLN A 95 3.22 4.56 -25.78
N VAL A 96 3.61 5.66 -25.13
CA VAL A 96 2.84 6.92 -25.02
C VAL A 96 3.64 8.11 -25.58
N TYR A 14 2.96 -9.31 -8.12
CA TYR A 14 3.19 -8.76 -6.78
C TYR A 14 4.59 -8.13 -6.58
N CYS A 15 4.70 -7.29 -5.55
CA CYS A 15 5.93 -6.66 -5.07
C CYS A 15 6.41 -7.35 -3.77
N GLY A 16 7.71 -7.62 -3.69
CA GLY A 16 8.38 -8.50 -2.71
C GLY A 16 8.53 -7.91 -1.31
N ARG A 17 8.20 -6.61 -1.13
CA ARG A 17 8.10 -5.92 0.16
C ARG A 17 7.40 -6.72 1.27
N GLU A 18 6.49 -7.63 0.91
CA GLU A 18 5.63 -8.34 1.85
C GLU A 18 6.33 -9.53 2.52
N LEU A 19 7.37 -10.08 1.89
CA LEU A 19 8.29 -11.04 2.51
C LEU A 19 9.42 -10.30 3.25
N GLU A 20 9.92 -9.23 2.65
CA GLU A 20 11.14 -8.55 3.07
C GLU A 20 10.95 -7.69 4.33
N GLN A 21 9.82 -6.99 4.45
CA GLN A 21 9.54 -6.20 5.65
C GLN A 21 8.98 -7.06 6.79
N TYR A 22 8.33 -8.20 6.48
CA TYR A 22 8.03 -9.21 7.49
C TYR A 22 9.32 -9.79 8.09
N GLY A 23 10.33 -10.05 7.25
CA GLY A 23 11.60 -10.67 7.63
C GLY A 23 12.36 -9.97 8.76
N GLN A 24 12.49 -8.64 8.74
CA GLN A 24 13.13 -7.91 9.86
C GLN A 24 12.32 -8.04 11.16
N CYS A 25 11.00 -7.88 11.05
CA CYS A 25 10.12 -7.83 12.20
C CYS A 25 9.97 -9.21 12.86
N VAL A 26 9.74 -10.28 12.10
CA VAL A 26 9.58 -11.65 12.63
C VAL A 26 10.89 -12.24 13.17
N ALA A 27 12.04 -11.82 12.64
CA ALA A 27 13.34 -12.26 13.12
C ALA A 27 13.81 -11.53 14.40
N ALA A 28 13.18 -10.41 14.75
CA ALA A 28 13.40 -9.74 16.02
C ALA A 28 12.58 -10.40 17.14
N LYS A 29 11.24 -10.48 16.98
CA LYS A 29 10.30 -11.33 17.75
C LYS A 29 9.08 -11.69 16.87
N PRO A 30 8.37 -12.82 17.07
CA PRO A 30 7.08 -13.08 16.40
C PRO A 30 6.00 -12.00 16.64
N GLU A 31 6.06 -11.33 17.79
CA GLU A 31 5.25 -10.18 18.21
C GLU A 31 5.76 -8.81 17.72
N SER A 32 6.96 -8.75 17.14
CA SER A 32 7.51 -7.49 16.60
C SER A 32 7.01 -7.17 15.18
N TRP A 33 6.19 -8.01 14.55
CA TRP A 33 5.40 -7.56 13.38
C TRP A 33 4.20 -6.69 13.79
N GLN A 34 3.73 -6.77 15.04
CA GLN A 34 2.81 -5.79 15.64
C GLN A 34 3.56 -4.52 16.06
N ARG A 35 4.72 -4.66 16.74
CA ARG A 35 5.46 -3.52 17.32
C ARG A 35 6.48 -2.80 16.43
N ASP A 36 7.38 -3.49 15.72
CA ASP A 36 8.44 -2.87 14.88
C ASP A 36 7.94 -2.52 13.46
N CYS A 37 6.89 -3.21 12.97
CA CYS A 37 6.24 -2.90 11.70
C CYS A 37 4.84 -2.27 11.92
N HIS A 38 4.77 -0.96 12.14
CA HIS A 38 3.61 -0.11 11.84
C HIS A 38 3.72 0.58 10.47
N TYR A 39 4.75 1.43 10.29
CA TYR A 39 4.95 2.17 9.04
C TYR A 39 5.16 1.22 7.85
N LEU A 40 5.80 0.07 8.07
CA LEU A 40 5.95 -0.98 7.05
C LEU A 40 4.62 -1.66 6.69
N LYS A 41 3.63 -1.73 7.58
CA LYS A 41 2.28 -2.22 7.24
C LYS A 41 1.51 -1.24 6.34
N MET A 42 1.86 0.05 6.36
CA MET A 42 1.48 0.98 5.29
C MET A 42 2.35 0.78 4.02
N SER A 43 3.67 0.57 4.13
CA SER A 43 4.55 0.39 2.95
C SER A 43 4.21 -0.83 2.10
N ILE A 44 3.73 -1.92 2.68
CA ILE A 44 3.20 -3.06 1.90
C ILE A 44 1.85 -2.76 1.26
N ALA A 45 0.97 -2.03 1.95
CA ALA A 45 -0.36 -1.69 1.45
C ALA A 45 -0.31 -0.69 0.29
N GLN A 46 0.51 0.36 0.37
CA GLN A 46 0.57 1.40 -0.68
C GLN A 46 0.99 0.85 -2.06
N CYS A 47 1.90 -0.13 -2.10
CA CYS A 47 2.31 -0.78 -3.36
C CYS A 47 1.11 -1.43 -4.05
N THR A 48 0.34 -2.27 -3.33
CA THR A 48 -0.87 -2.91 -3.89
C THR A 48 -2.12 -2.01 -3.95
N SER A 49 -2.13 -0.89 -3.24
CA SER A 49 -3.20 0.12 -3.28
C SER A 49 -3.31 0.78 -4.67
N SER A 50 -2.18 1.26 -5.22
CA SER A 50 -2.14 1.73 -6.62
C SER A 50 -1.94 0.56 -7.60
N HIS A 51 -1.18 -0.46 -7.18
CA HIS A 51 -0.81 -1.69 -7.90
C HIS A 51 0.06 -1.45 -9.16
N PRO A 52 1.29 -2.02 -9.22
CA PRO A 52 2.14 -1.93 -10.42
C PRO A 52 1.48 -2.50 -11.68
N ILE A 53 1.71 -1.87 -12.83
CA ILE A 53 1.04 -2.21 -14.11
C ILE A 53 1.89 -3.05 -15.07
N ILE A 54 1.22 -3.98 -15.77
CA ILE A 54 1.86 -5.01 -16.62
C ILE A 54 2.76 -4.43 -17.73
N ARG A 55 2.43 -3.26 -18.33
CA ARG A 55 3.32 -2.65 -19.33
C ARG A 55 4.61 -2.09 -18.72
N GLN A 56 4.52 -1.41 -17.58
CA GLN A 56 5.68 -0.80 -16.93
C GLN A 56 6.66 -1.86 -16.42
N ILE A 57 6.17 -2.98 -15.85
CA ILE A 57 7.03 -4.11 -15.47
C ILE A 57 7.58 -4.87 -16.70
N ARG A 58 6.80 -5.02 -17.79
CA ARG A 58 7.30 -5.61 -19.05
C ARG A 58 8.43 -4.78 -19.69
N GLN A 59 8.41 -3.46 -19.50
CA GLN A 59 9.48 -2.54 -19.89
C GLN A 59 10.70 -2.63 -18.92
N ALA A 60 10.45 -2.51 -17.60
CA ALA A 60 11.48 -2.43 -16.56
C ALA A 60 12.18 -3.77 -16.23
N CYS A 61 11.58 -4.90 -16.60
CA CYS A 61 12.06 -6.26 -16.32
C CYS A 61 12.38 -7.08 -17.59
N ALA A 62 12.56 -6.39 -18.72
CA ALA A 62 12.75 -6.92 -20.07
C ALA A 62 13.73 -8.11 -20.21
N GLN A 63 14.89 -8.08 -19.56
CA GLN A 63 15.96 -9.06 -19.82
C GLN A 63 15.63 -10.47 -19.28
N PRO A 64 15.17 -10.65 -18.02
CA PRO A 64 14.61 -11.92 -17.59
C PRO A 64 13.19 -12.18 -18.13
N PHE A 65 12.44 -11.16 -18.56
CA PHE A 65 11.18 -11.37 -19.31
C PHE A 65 11.41 -12.02 -20.69
N GLU A 66 12.58 -11.84 -21.28
CA GLU A 66 13.05 -12.58 -22.44
C GLU A 66 13.60 -13.97 -22.03
N ALA A 67 14.56 -14.01 -21.11
CA ALA A 67 15.29 -15.25 -20.77
C ALA A 67 14.41 -16.35 -20.12
N PHE A 68 13.37 -15.99 -19.35
CA PHE A 68 12.38 -16.95 -18.83
C PHE A 68 11.59 -17.60 -19.96
N GLU A 69 10.99 -16.76 -20.80
CA GLU A 69 9.98 -17.18 -21.77
C GLU A 69 10.61 -17.85 -23.01
N GLU A 70 11.87 -17.49 -23.32
CA GLU A 70 12.75 -18.22 -24.23
C GLU A 70 12.97 -19.67 -23.80
N CYS A 71 13.18 -19.94 -22.50
CA CYS A 71 13.38 -21.32 -22.04
C CYS A 71 12.07 -22.12 -22.08
N LEU A 72 10.92 -21.53 -21.73
CA LEU A 72 9.61 -22.16 -21.85
C LEU A 72 9.21 -22.43 -23.33
N ARG A 73 9.69 -21.65 -24.31
CA ARG A 73 9.54 -21.97 -25.75
C ARG A 73 10.11 -23.34 -26.14
N GLN A 74 11.08 -23.82 -25.34
CA GLN A 74 11.68 -25.15 -25.42
C GLN A 74 11.17 -26.14 -24.35
N ASN A 75 10.72 -25.65 -23.18
CA ASN A 75 10.48 -26.43 -21.95
C ASN A 75 9.34 -25.89 -21.04
N GLU A 76 8.19 -25.41 -21.55
CA GLU A 76 7.17 -24.72 -20.72
C GLU A 76 6.59 -25.60 -19.57
N ALA A 77 6.74 -26.92 -19.69
CA ALA A 77 6.35 -27.93 -18.72
C ALA A 77 7.41 -28.21 -17.63
N ALA A 78 8.69 -27.87 -17.87
CA ALA A 78 9.85 -28.42 -17.17
C ALA A 78 10.70 -27.35 -16.47
N VAL A 79 10.05 -26.52 -15.66
CA VAL A 79 10.64 -25.40 -14.89
C VAL A 79 11.67 -25.87 -13.84
N GLY A 80 11.78 -27.17 -13.58
CA GLY A 80 12.91 -27.75 -12.84
C GLY A 80 14.28 -27.47 -13.50
N ASN A 81 14.34 -27.47 -14.85
CA ASN A 81 15.57 -27.30 -15.62
C ASN A 81 16.00 -25.83 -15.79
N CYS A 82 15.05 -24.88 -15.81
CA CYS A 82 15.32 -23.45 -15.83
C CYS A 82 14.20 -22.69 -15.12
N ALA A 83 14.54 -21.73 -14.26
CA ALA A 83 13.61 -21.00 -13.40
C ALA A 83 14.04 -19.54 -13.20
N GLU A 84 14.04 -18.78 -14.29
CA GLU A 84 14.39 -17.35 -14.33
C GLU A 84 13.22 -16.45 -13.90
N HIS A 85 11.98 -16.98 -13.87
CA HIS A 85 10.81 -16.27 -13.33
C HIS A 85 11.06 -15.61 -11.96
N MET A 86 11.80 -16.25 -11.05
CA MET A 86 12.11 -15.66 -9.75
C MET A 86 12.98 -14.39 -9.85
N ARG A 87 13.81 -14.27 -10.91
CA ARG A 87 14.54 -13.03 -11.22
C ARG A 87 13.62 -11.98 -11.83
N ARG A 88 12.61 -12.35 -12.64
CA ARG A 88 11.54 -11.41 -13.05
C ARG A 88 10.86 -10.82 -11.80
N PHE A 89 10.39 -11.69 -10.89
CA PHE A 89 9.68 -11.26 -9.67
C PHE A 89 10.54 -10.36 -8.76
N LEU A 90 11.83 -10.73 -8.57
CA LEU A 90 12.80 -10.00 -7.75
C LEU A 90 13.13 -8.63 -8.35
N GLN A 91 13.50 -8.57 -9.63
CA GLN A 91 13.97 -7.33 -10.24
C GLN A 91 12.82 -6.38 -10.61
N CYS A 92 11.57 -6.83 -10.66
CA CYS A 92 10.42 -5.93 -10.65
C CYS A 92 10.19 -5.36 -9.23
N ALA A 93 10.25 -6.21 -8.19
CA ALA A 93 10.06 -5.79 -6.79
C ALA A 93 11.12 -4.80 -6.29
N GLU A 94 12.38 -4.93 -6.71
CA GLU A 94 13.47 -4.00 -6.38
C GLU A 94 13.36 -2.65 -7.12
N GLN A 95 12.55 -2.57 -8.17
CA GLN A 95 12.44 -1.40 -9.05
C GLN A 95 11.11 -0.62 -8.85
N VAL A 96 10.01 -1.30 -8.54
CA VAL A 96 8.64 -0.74 -8.66
C VAL A 96 7.82 -0.89 -7.36
N TYR A 14 1.38 -9.72 -4.19
CA TYR A 14 2.30 -9.25 -3.14
C TYR A 14 3.58 -8.60 -3.70
N CYS A 15 4.22 -7.72 -2.94
CA CYS A 15 5.39 -6.94 -3.40
C CYS A 15 6.73 -7.48 -2.85
N GLY A 16 7.81 -7.38 -3.63
CA GLY A 16 9.17 -7.68 -3.17
C GLY A 16 9.61 -6.88 -1.94
N ARG A 17 9.15 -5.62 -1.84
CA ARG A 17 9.20 -4.74 -0.64
C ARG A 17 8.63 -5.42 0.61
N GLU A 18 7.51 -6.11 0.42
CA GLU A 18 6.68 -6.68 1.48
C GLU A 18 7.44 -7.81 2.19
N LEU A 19 8.04 -8.69 1.40
CA LEU A 19 8.75 -9.88 1.85
C LEU A 19 10.06 -9.57 2.59
N GLU A 20 10.71 -8.43 2.29
CA GLU A 20 11.94 -8.00 2.99
C GLU A 20 11.67 -7.39 4.37
N GLN A 21 10.63 -6.56 4.50
CA GLN A 21 10.29 -5.89 5.76
C GLN A 21 9.53 -6.81 6.72
N TYR A 22 8.60 -7.63 6.20
CA TYR A 22 7.92 -8.68 6.97
C TYR A 22 8.94 -9.66 7.58
N GLY A 23 9.98 -10.03 6.81
CA GLY A 23 11.09 -10.86 7.26
C GLY A 23 11.82 -10.31 8.49
N GLN A 24 12.27 -9.05 8.47
CA GLN A 24 12.96 -8.45 9.61
C GLN A 24 12.12 -8.43 10.89
N CYS A 25 10.83 -8.14 10.75
CA CYS A 25 9.92 -8.07 11.87
C CYS A 25 9.57 -9.46 12.43
N VAL A 26 9.17 -10.41 11.58
CA VAL A 26 8.78 -11.76 12.00
C VAL A 26 9.98 -12.60 12.49
N ALA A 27 11.19 -12.37 11.96
CA ALA A 27 12.40 -13.03 12.46
C ALA A 27 12.82 -12.51 13.85
N ALA A 28 12.39 -11.32 14.25
CA ALA A 28 12.56 -10.82 15.60
C ALA A 28 11.46 -11.35 16.55
N LYS A 29 10.18 -11.13 16.23
CA LYS A 29 9.00 -11.71 16.91
C LYS A 29 7.80 -11.82 15.95
N PRO A 30 6.87 -12.79 16.11
CA PRO A 30 5.53 -12.71 15.51
C PRO A 30 4.77 -11.42 15.85
N GLU A 31 4.98 -10.89 17.07
CA GLU A 31 4.44 -9.60 17.54
C GLU A 31 5.08 -8.37 16.90
N SER A 32 6.28 -8.52 16.35
CA SER A 32 7.08 -7.43 15.81
C SER A 32 6.63 -6.97 14.43
N TRP A 33 5.76 -7.73 13.75
CA TRP A 33 5.05 -7.24 12.56
C TRP A 33 4.22 -5.99 12.86
N GLN A 34 3.58 -5.92 14.03
CA GLN A 34 2.93 -4.71 14.55
C GLN A 34 3.89 -3.77 15.29
N ARG A 35 4.93 -4.29 15.97
CA ARG A 35 5.82 -3.48 16.84
C ARG A 35 6.99 -2.77 16.12
N ASP A 36 7.76 -3.49 15.31
CA ASP A 36 9.07 -3.06 14.78
C ASP A 36 8.96 -2.41 13.39
N CYS A 37 7.84 -2.61 12.68
CA CYS A 37 7.54 -1.91 11.42
C CYS A 37 6.07 -1.44 11.39
N HIS A 38 5.77 -0.29 12.01
CA HIS A 38 4.39 0.18 12.15
C HIS A 38 3.87 0.94 10.91
N TYR A 39 4.60 1.98 10.48
CA TYR A 39 4.30 2.68 9.22
C TYR A 39 4.85 1.93 8.01
N LEU A 40 5.84 1.07 8.22
CA LEU A 40 6.34 0.14 7.19
C LEU A 40 5.30 -0.92 6.82
N LYS A 41 4.58 -1.52 7.79
CA LYS A 41 3.44 -2.45 7.54
C LYS A 41 2.38 -1.80 6.65
N MET A 42 2.00 -0.56 6.94
CA MET A 42 1.08 0.23 6.09
C MET A 42 1.70 0.52 4.70
N SER A 43 2.98 0.91 4.64
CA SER A 43 3.68 1.21 3.38
C SER A 43 3.75 0.01 2.43
N ILE A 44 4.01 -1.20 2.93
CA ILE A 44 4.00 -2.43 2.11
C ILE A 44 2.58 -2.89 1.76
N ALA A 45 1.60 -2.72 2.66
CA ALA A 45 0.20 -3.02 2.35
C ALA A 45 -0.35 -2.16 1.21
N GLN A 46 0.01 -0.86 1.17
CA GLN A 46 -0.34 0.06 0.06
C GLN A 46 0.35 -0.31 -1.26
N CYS A 47 1.57 -0.90 -1.23
CA CYS A 47 2.23 -1.40 -2.43
C CYS A 47 1.39 -2.49 -3.11
N THR A 48 1.04 -3.56 -2.38
CA THR A 48 0.22 -4.65 -2.93
C THR A 48 -1.22 -4.20 -3.22
N SER A 49 -1.74 -3.19 -2.51
CA SER A 49 -3.03 -2.55 -2.81
C SER A 49 -3.07 -1.80 -4.17
N SER A 50 -1.92 -1.47 -4.75
CA SER A 50 -1.81 -0.69 -6.00
C SER A 50 -1.86 -1.52 -7.29
N HIS A 51 -1.76 -2.86 -7.18
CA HIS A 51 -1.89 -3.89 -8.23
C HIS A 51 -0.94 -3.85 -9.45
N PRO A 52 -0.67 -5.00 -10.11
CA PRO A 52 0.01 -5.06 -11.41
C PRO A 52 -0.79 -4.40 -12.54
N ILE A 53 -0.14 -4.21 -13.69
CA ILE A 53 -0.61 -3.39 -14.82
C ILE A 53 -2.00 -3.76 -15.37
N ILE A 54 -2.46 -5.01 -15.20
CA ILE A 54 -3.80 -5.46 -15.61
C ILE A 54 -4.95 -4.70 -14.92
N ARG A 55 -4.67 -3.94 -13.84
CA ARG A 55 -5.57 -2.91 -13.27
C ARG A 55 -6.18 -2.01 -14.37
N GLN A 56 -5.44 -1.70 -15.43
CA GLN A 56 -5.91 -0.92 -16.60
C GLN A 56 -7.05 -1.61 -17.37
N ILE A 57 -7.04 -2.95 -17.47
CA ILE A 57 -8.07 -3.76 -18.13
C ILE A 57 -9.26 -4.01 -17.19
N ARG A 58 -9.00 -4.20 -15.89
CA ARG A 58 -10.07 -4.35 -14.88
C ARG A 58 -10.89 -3.07 -14.70
N GLN A 59 -10.25 -1.91 -14.85
CA GLN A 59 -10.88 -0.58 -14.83
C GLN A 59 -11.92 -0.38 -15.95
N ALA A 60 -11.83 -1.17 -17.03
CA ALA A 60 -12.74 -1.12 -18.18
C ALA A 60 -14.06 -1.91 -18.00
N CYS A 61 -14.33 -2.46 -16.80
CA CYS A 61 -15.55 -3.22 -16.48
C CYS A 61 -16.85 -2.44 -16.75
N ALA A 62 -17.88 -3.14 -17.26
CA ALA A 62 -19.13 -2.53 -17.73
C ALA A 62 -20.40 -3.22 -17.20
N GLN A 63 -20.44 -4.55 -17.11
CA GLN A 63 -21.62 -5.29 -16.63
C GLN A 63 -22.14 -4.85 -15.23
N PRO A 64 -21.29 -4.58 -14.22
CA PRO A 64 -21.76 -4.06 -12.92
C PRO A 64 -22.15 -2.57 -12.95
N PHE A 65 -21.79 -1.81 -13.99
CA PHE A 65 -22.28 -0.44 -14.18
C PHE A 65 -23.70 -0.46 -14.77
N GLU A 66 -23.93 -1.24 -15.85
CA GLU A 66 -25.23 -1.33 -16.51
C GLU A 66 -26.35 -1.78 -15.55
N ALA A 67 -26.08 -2.77 -14.68
CA ALA A 67 -27.07 -3.27 -13.73
C ALA A 67 -27.53 -2.23 -12.69
N PHE A 68 -26.71 -1.22 -12.40
CA PHE A 68 -27.08 -0.07 -11.56
C PHE A 68 -27.68 1.08 -12.36
N GLU A 69 -27.13 1.41 -13.52
CA GLU A 69 -27.67 2.49 -14.33
C GLU A 69 -29.09 2.14 -14.82
N GLU A 70 -29.40 0.84 -14.96
CA GLU A 70 -30.74 0.27 -15.11
C GLU A 70 -31.68 0.55 -13.92
N CYS A 71 -31.18 0.48 -12.68
CA CYS A 71 -31.93 0.86 -11.47
C CYS A 71 -32.47 2.30 -11.62
N LEU A 72 -31.58 3.27 -11.83
CA LEU A 72 -31.89 4.68 -12.12
C LEU A 72 -32.67 4.91 -13.44
N ARG A 73 -32.68 3.95 -14.37
CA ARG A 73 -33.39 4.05 -15.66
C ARG A 73 -34.84 3.58 -15.56
N GLN A 74 -35.09 2.36 -15.09
CA GLN A 74 -36.40 1.68 -15.16
C GLN A 74 -37.08 1.46 -13.79
N ASN A 75 -36.35 1.55 -12.68
CA ASN A 75 -36.90 1.47 -11.32
C ASN A 75 -36.39 2.64 -10.44
N GLU A 76 -36.26 3.82 -11.04
CA GLU A 76 -35.71 5.04 -10.42
C GLU A 76 -36.51 5.47 -9.18
N ALA A 77 -37.77 5.05 -9.11
CA ALA A 77 -38.71 5.23 -8.00
C ALA A 77 -38.47 4.28 -6.80
N ALA A 78 -37.47 3.39 -6.88
CA ALA A 78 -37.22 2.31 -5.92
C ALA A 78 -35.70 2.13 -5.62
N VAL A 79 -34.95 3.24 -5.65
CA VAL A 79 -33.47 3.31 -5.60
C VAL A 79 -32.87 3.05 -4.20
N GLY A 80 -33.65 3.02 -3.12
CA GLY A 80 -33.17 2.69 -1.76
C GLY A 80 -32.34 1.40 -1.62
N ASN A 81 -32.41 0.49 -2.59
CA ASN A 81 -31.63 -0.75 -2.68
C ASN A 81 -30.28 -0.62 -3.44
N CYS A 82 -30.02 0.45 -4.19
CA CYS A 82 -28.92 0.55 -5.16
C CYS A 82 -28.18 1.92 -5.08
N ALA A 83 -26.87 1.97 -5.35
CA ALA A 83 -26.07 3.22 -5.30
C ALA A 83 -24.82 3.17 -6.20
N GLU A 84 -24.15 4.31 -6.42
CA GLU A 84 -23.00 4.38 -7.32
C GLU A 84 -21.61 4.15 -6.73
N HIS A 85 -21.05 5.07 -5.94
CA HIS A 85 -19.61 5.27 -6.03
C HIS A 85 -18.78 4.22 -5.27
N MET A 86 -19.36 3.63 -4.23
CA MET A 86 -18.82 2.43 -3.59
C MET A 86 -19.30 1.14 -4.28
N ARG A 87 -20.55 1.10 -4.78
CA ARG A 87 -21.13 -0.19 -5.23
C ARG A 87 -20.70 -0.56 -6.65
N ARG A 88 -20.46 0.41 -7.55
CA ARG A 88 -19.84 0.12 -8.87
C ARG A 88 -18.38 -0.34 -8.69
N PHE A 89 -17.64 0.32 -7.79
CA PHE A 89 -16.29 -0.08 -7.42
C PHE A 89 -16.22 -1.52 -6.88
N LEU A 90 -17.03 -1.86 -5.87
CA LEU A 90 -16.98 -3.17 -5.22
C LEU A 90 -17.56 -4.27 -6.13
N GLN A 91 -18.67 -4.02 -6.82
CA GLN A 91 -19.26 -5.05 -7.70
C GLN A 91 -18.44 -5.28 -8.99
N CYS A 92 -17.59 -4.32 -9.40
CA CYS A 92 -16.50 -4.60 -10.32
C CYS A 92 -15.38 -5.43 -9.67
N ALA A 93 -14.93 -5.10 -8.46
CA ALA A 93 -13.92 -5.88 -7.74
C ALA A 93 -14.32 -7.33 -7.43
N GLU A 94 -15.63 -7.60 -7.35
CA GLU A 94 -16.23 -8.93 -7.20
C GLU A 94 -16.31 -9.71 -8.53
N GLN A 95 -16.51 -9.06 -9.67
CA GLN A 95 -16.67 -9.75 -10.98
C GLN A 95 -15.34 -10.06 -11.69
N VAL A 96 -14.21 -9.48 -11.29
CA VAL A 96 -12.94 -9.60 -12.04
C VAL A 96 -12.13 -10.87 -11.70
N TYR A 14 2.94 -6.73 -7.84
CA TYR A 14 3.27 -6.87 -6.42
C TYR A 14 4.77 -6.67 -6.13
N CYS A 15 5.12 -6.39 -4.86
CA CYS A 15 6.40 -5.78 -4.48
C CYS A 15 7.10 -6.45 -3.29
N GLY A 16 8.41 -6.24 -3.14
CA GLY A 16 9.35 -6.92 -2.22
C GLY A 16 9.23 -6.54 -0.74
N ARG A 17 8.38 -5.54 -0.44
CA ARG A 17 8.11 -4.99 0.90
C ARG A 17 7.52 -6.00 1.88
N GLU A 18 6.87 -7.05 1.37
CA GLU A 18 6.19 -8.05 2.19
C GLU A 18 7.20 -9.06 2.74
N LEU A 19 8.08 -9.60 1.88
CA LEU A 19 9.16 -10.51 2.30
C LEU A 19 10.25 -9.77 3.12
N GLU A 20 10.39 -8.45 2.95
CA GLU A 20 11.18 -7.59 3.85
C GLU A 20 10.53 -7.51 5.25
N GLN A 21 9.23 -7.21 5.33
CA GLN A 21 8.54 -7.12 6.63
C GLN A 21 8.60 -8.45 7.39
N TYR A 22 8.43 -9.60 6.74
CA TYR A 22 8.61 -10.88 7.43
C TYR A 22 10.05 -11.09 7.93
N GLY A 23 11.07 -10.68 7.17
CA GLY A 23 12.46 -10.99 7.52
C GLY A 23 13.15 -10.09 8.52
N GLN A 24 12.68 -8.86 8.77
CA GLN A 24 12.93 -8.19 10.05
C GLN A 24 11.88 -8.57 11.10
N CYS A 25 10.61 -8.32 10.80
CA CYS A 25 9.56 -8.19 11.80
C CYS A 25 8.87 -9.51 12.20
N VAL A 26 9.04 -10.63 11.49
CA VAL A 26 8.84 -11.96 12.14
C VAL A 26 10.14 -12.52 12.76
N ALA A 27 11.32 -12.08 12.29
CA ALA A 27 12.58 -12.71 12.64
C ALA A 27 13.09 -12.38 14.06
N ALA A 28 12.77 -11.20 14.60
CA ALA A 28 13.08 -10.85 15.99
C ALA A 28 12.07 -11.47 16.98
N LYS A 29 10.77 -11.20 16.75
CA LYS A 29 9.59 -11.81 17.40
C LYS A 29 8.42 -11.80 16.38
N PRO A 30 7.47 -12.74 16.37
CA PRO A 30 6.22 -12.61 15.59
C PRO A 30 5.37 -11.37 15.96
N GLU A 31 5.54 -10.80 17.16
CA GLU A 31 4.97 -9.49 17.56
C GLU A 31 5.82 -8.25 17.19
N SER A 32 7.04 -8.40 16.67
CA SER A 32 7.82 -7.27 16.12
C SER A 32 7.11 -6.65 14.89
N TRP A 33 6.28 -7.45 14.22
CA TRP A 33 5.23 -7.04 13.27
C TRP A 33 4.31 -5.93 13.82
N GLN A 34 3.95 -5.98 15.10
CA GLN A 34 3.21 -4.91 15.79
C GLN A 34 4.12 -3.80 16.33
N ARG A 35 5.25 -4.15 16.94
CA ARG A 35 6.08 -3.23 17.74
C ARG A 35 7.09 -2.39 16.95
N ASP A 36 7.67 -2.94 15.88
CA ASP A 36 8.79 -2.34 15.14
C ASP A 36 8.42 -1.86 13.72
N CYS A 37 7.56 -2.58 12.99
CA CYS A 37 7.22 -2.25 11.60
C CYS A 37 5.98 -1.36 11.48
N HIS A 38 6.17 -0.03 11.51
CA HIS A 38 5.11 0.96 11.24
C HIS A 38 4.98 1.36 9.75
N TYR A 39 6.07 1.76 9.11
CA TYR A 39 6.09 2.19 7.71
C TYR A 39 5.83 1.00 6.77
N LEU A 40 6.36 -0.17 7.10
CA LEU A 40 6.19 -1.39 6.32
C LEU A 40 4.72 -1.88 6.35
N LYS A 41 4.00 -1.70 7.47
CA LYS A 41 2.59 -2.13 7.63
C LYS A 41 1.65 -1.34 6.72
N MET A 42 1.91 -0.04 6.56
CA MET A 42 1.26 0.78 5.54
C MET A 42 1.67 0.32 4.13
N SER A 43 2.97 0.12 3.88
CA SER A 43 3.50 -0.31 2.58
C SER A 43 2.96 -1.65 2.08
N ILE A 44 2.74 -2.65 2.95
CA ILE A 44 2.21 -3.93 2.48
C ILE A 44 0.83 -3.82 1.86
N ALA A 45 -0.08 -2.98 2.39
CA ALA A 45 -1.38 -2.74 1.76
C ALA A 45 -1.28 -1.75 0.58
N GLN A 46 -0.60 -0.62 0.80
CA GLN A 46 -0.55 0.50 -0.14
C GLN A 46 0.34 0.28 -1.37
N CYS A 47 1.25 -0.71 -1.34
CA CYS A 47 2.05 -1.07 -2.53
C CYS A 47 1.31 -2.04 -3.48
N THR A 48 0.37 -2.86 -2.99
CA THR A 48 -0.51 -3.70 -3.86
C THR A 48 -1.80 -3.03 -4.32
N SER A 49 -2.25 -1.97 -3.64
CA SER A 49 -3.60 -1.37 -3.77
C SER A 49 -4.02 -0.92 -5.18
N SER A 50 -3.09 -0.44 -6.00
CA SER A 50 -3.28 -0.25 -7.45
C SER A 50 -2.13 -0.89 -8.24
N HIS A 51 -0.93 -0.34 -8.09
CA HIS A 51 0.36 -0.83 -8.59
C HIS A 51 1.49 -0.42 -7.61
N PRO A 52 2.72 -0.98 -7.73
CA PRO A 52 3.85 -0.71 -6.84
C PRO A 52 4.42 0.72 -6.79
N ILE A 53 3.74 1.72 -7.36
CA ILE A 53 4.07 3.14 -7.17
C ILE A 53 3.60 3.60 -5.78
N ILE A 54 4.56 3.88 -4.90
CA ILE A 54 4.33 4.33 -3.52
C ILE A 54 5.50 5.19 -3.06
N ARG A 55 5.23 6.34 -2.42
CA ARG A 55 6.25 7.36 -2.10
C ARG A 55 7.42 6.88 -1.23
N GLN A 56 7.29 5.77 -0.51
CA GLN A 56 8.41 5.11 0.17
C GLN A 56 9.53 4.65 -0.79
N ILE A 57 9.26 4.46 -2.08
CA ILE A 57 10.29 4.15 -3.10
C ILE A 57 11.15 5.38 -3.39
N ARG A 58 10.55 6.57 -3.59
CA ARG A 58 11.34 7.81 -3.67
C ARG A 58 12.01 8.18 -2.35
N GLN A 59 11.36 7.94 -1.21
CA GLN A 59 11.91 8.24 0.12
C GLN A 59 13.17 7.40 0.46
N ALA A 60 13.26 6.16 -0.03
CA ALA A 60 14.47 5.33 0.05
C ALA A 60 15.58 5.72 -0.96
N CYS A 61 15.27 6.60 -1.91
CA CYS A 61 16.06 6.96 -3.09
C CYS A 61 16.29 8.50 -3.17
N ALA A 62 16.20 9.20 -2.03
CA ALA A 62 15.69 10.57 -1.98
C ALA A 62 16.73 11.67 -2.23
N GLN A 63 17.99 11.51 -1.81
CA GLN A 63 18.96 12.61 -1.85
C GLN A 63 19.22 13.16 -3.28
N PRO A 64 19.47 12.34 -4.32
CA PRO A 64 19.54 12.81 -5.72
C PRO A 64 18.16 13.15 -6.32
N PHE A 65 17.07 12.72 -5.69
CA PHE A 65 15.69 13.09 -6.08
C PHE A 65 15.40 14.56 -5.70
N GLU A 66 15.66 14.91 -4.45
CA GLU A 66 15.54 16.27 -3.88
C GLU A 66 16.38 17.31 -4.64
N ALA A 67 17.49 16.89 -5.23
CA ALA A 67 18.37 17.74 -6.03
C ALA A 67 18.00 17.86 -7.51
N PHE A 68 17.29 16.88 -8.09
CA PHE A 68 16.79 17.00 -9.47
C PHE A 68 15.44 17.71 -9.52
N GLU A 69 14.55 17.43 -8.56
CA GLU A 69 13.22 18.04 -8.57
C GLU A 69 13.28 19.56 -8.27
N GLU A 70 14.36 20.01 -7.64
CA GLU A 70 14.72 21.43 -7.48
C GLU A 70 15.20 22.09 -8.80
N CYS A 71 15.80 21.32 -9.73
CA CYS A 71 16.06 21.82 -11.09
C CYS A 71 14.73 22.19 -11.80
N LEU A 72 13.74 21.29 -11.78
CA LEU A 72 12.40 21.53 -12.30
C LEU A 72 11.64 22.62 -11.53
N ARG A 73 11.82 22.76 -10.21
CA ARG A 73 11.22 23.85 -9.41
C ARG A 73 11.53 25.23 -10.00
N GLN A 74 12.72 25.41 -10.58
CA GLN A 74 13.11 26.61 -11.33
C GLN A 74 12.86 26.51 -12.85
N ASN A 75 12.98 25.33 -13.46
CA ASN A 75 13.10 25.16 -14.92
C ASN A 75 12.27 23.98 -15.51
N GLU A 76 11.16 23.56 -14.90
CA GLU A 76 10.41 22.33 -15.27
C GLU A 76 9.99 22.23 -16.76
N ALA A 77 9.97 23.38 -17.45
CA ALA A 77 9.62 23.58 -18.85
C ALA A 77 10.80 23.39 -19.83
N ALA A 78 12.04 23.49 -19.34
CA ALA A 78 13.28 23.58 -20.13
C ALA A 78 14.13 22.29 -19.95
N VAL A 79 13.50 21.15 -20.23
CA VAL A 79 14.05 19.81 -19.95
C VAL A 79 15.30 19.49 -20.81
N GLY A 80 15.53 20.21 -21.90
CA GLY A 80 16.82 20.21 -22.62
C GLY A 80 18.02 20.62 -21.74
N ASN A 81 17.78 21.31 -20.62
CA ASN A 81 18.78 21.72 -19.64
C ASN A 81 18.91 20.75 -18.44
N CYS A 82 17.85 20.04 -18.02
CA CYS A 82 17.95 18.90 -17.09
C CYS A 82 16.80 17.87 -17.27
N ALA A 83 17.11 16.56 -17.23
CA ALA A 83 16.22 15.48 -17.70
C ALA A 83 16.41 14.12 -16.97
N GLU A 84 16.68 14.14 -15.67
CA GLU A 84 16.99 12.95 -14.85
C GLU A 84 15.76 12.07 -14.59
N HIS A 85 14.53 12.56 -14.81
CA HIS A 85 13.27 11.84 -14.56
C HIS A 85 13.19 10.43 -15.20
N MET A 86 13.99 10.15 -16.23
CA MET A 86 14.10 8.77 -16.76
C MET A 86 14.95 7.91 -15.81
N ARG A 87 16.16 8.39 -15.47
CA ARG A 87 17.03 7.75 -14.46
C ARG A 87 16.40 7.71 -13.05
N ARG A 88 15.51 8.64 -12.68
CA ARG A 88 14.75 8.60 -11.39
C ARG A 88 13.75 7.46 -11.29
N PHE A 89 13.34 6.84 -12.39
CA PHE A 89 12.70 5.52 -12.36
C PHE A 89 13.74 4.39 -12.35
N LEU A 90 14.67 4.41 -13.32
CA LEU A 90 15.66 3.35 -13.54
C LEU A 90 16.51 3.05 -12.30
N GLN A 91 16.97 4.08 -11.60
CA GLN A 91 17.85 3.99 -10.43
C GLN A 91 17.10 3.48 -9.21
N CYS A 92 15.88 3.96 -8.92
CA CYS A 92 15.15 3.51 -7.74
C CYS A 92 14.64 2.05 -7.90
N ALA A 93 14.51 1.55 -9.14
CA ALA A 93 14.32 0.14 -9.44
C ALA A 93 15.62 -0.71 -9.33
N GLU A 94 16.80 -0.09 -9.45
CA GLU A 94 18.13 -0.71 -9.33
C GLU A 94 18.70 -0.65 -7.88
N GLN A 95 18.11 0.18 -7.01
CA GLN A 95 18.60 0.48 -5.66
C GLN A 95 17.72 -0.06 -4.52
N VAL A 96 16.43 -0.33 -4.78
CA VAL A 96 15.43 -0.71 -3.77
C VAL A 96 14.55 -1.86 -4.26
N TYR A 14 3.27 -4.66 -8.53
CA TYR A 14 3.32 -5.56 -7.36
C TYR A 14 4.53 -5.23 -6.48
N CYS A 15 4.53 -5.69 -5.21
CA CYS A 15 5.68 -5.57 -4.31
C CYS A 15 5.98 -6.88 -3.57
N GLY A 16 7.24 -7.33 -3.64
CA GLY A 16 7.83 -8.39 -2.82
C GLY A 16 8.52 -7.84 -1.57
N ARG A 17 8.78 -6.52 -1.50
CA ARG A 17 9.28 -5.82 -0.31
C ARG A 17 8.41 -6.01 0.94
N GLU A 18 7.14 -6.36 0.75
CA GLU A 18 6.17 -6.64 1.82
C GLU A 18 6.42 -7.99 2.50
N LEU A 19 6.89 -9.00 1.77
CA LEU A 19 7.36 -10.26 2.34
C LEU A 19 8.68 -10.06 3.09
N GLU A 20 9.62 -9.29 2.52
CA GLU A 20 10.91 -9.02 3.15
C GLU A 20 10.76 -8.29 4.49
N GLN A 21 9.93 -7.23 4.54
CA GLN A 21 9.66 -6.49 5.76
C GLN A 21 8.84 -7.31 6.79
N TYR A 22 7.85 -8.09 6.36
CA TYR A 22 7.11 -8.99 7.27
C TYR A 22 8.04 -10.04 7.89
N GLY A 23 8.88 -10.67 7.07
CA GLY A 23 9.91 -11.61 7.53
C GLY A 23 10.83 -10.98 8.58
N GLN A 24 11.25 -9.72 8.39
CA GLN A 24 12.07 -9.01 9.39
C GLN A 24 11.32 -8.77 10.71
N CYS A 25 10.03 -8.45 10.62
CA CYS A 25 9.20 -8.15 11.77
C CYS A 25 8.72 -9.40 12.55
N VAL A 26 8.67 -10.59 11.93
CA VAL A 26 8.50 -11.88 12.64
C VAL A 26 9.84 -12.47 13.14
N ALA A 27 10.89 -12.44 12.32
CA ALA A 27 12.17 -13.08 12.64
C ALA A 27 12.94 -12.38 13.78
N ALA A 28 12.72 -11.08 14.00
CA ALA A 28 13.31 -10.38 15.15
C ALA A 28 12.68 -10.84 16.47
N LYS A 29 11.34 -10.72 16.58
CA LYS A 29 10.48 -11.14 17.70
C LYS A 29 9.10 -11.52 17.15
N PRO A 30 8.31 -12.41 17.79
CA PRO A 30 6.88 -12.56 17.46
C PRO A 30 6.08 -11.27 17.73
N GLU A 31 6.60 -10.37 18.57
CA GLU A 31 6.05 -9.04 18.86
C GLU A 31 6.45 -7.97 17.84
N SER A 32 7.51 -8.16 17.04
CA SER A 32 8.06 -7.10 16.17
C SER A 32 7.15 -6.75 14.99
N TRP A 33 6.14 -7.59 14.70
CA TRP A 33 4.99 -7.23 13.88
C TRP A 33 4.23 -5.99 14.39
N GLN A 34 4.18 -5.80 15.72
CA GLN A 34 3.79 -4.52 16.34
C GLN A 34 4.98 -3.55 16.51
N ARG A 35 6.12 -4.02 17.05
CA ARG A 35 7.21 -3.14 17.53
C ARG A 35 8.11 -2.53 16.46
N ASP A 36 8.31 -3.19 15.33
CA ASP A 36 9.22 -2.77 14.26
C ASP A 36 8.50 -2.18 13.03
N CYS A 37 7.40 -2.78 12.55
CA CYS A 37 6.69 -2.26 11.38
C CYS A 37 5.16 -2.41 11.40
N HIS A 38 4.42 -1.43 11.94
CA HIS A 38 2.98 -1.31 11.72
C HIS A 38 2.65 -0.49 10.45
N TYR A 39 3.00 0.80 10.40
CA TYR A 39 2.82 1.63 9.19
C TYR A 39 3.89 1.33 8.12
N LEU A 40 5.09 0.93 8.55
CA LEU A 40 6.13 0.36 7.67
C LEU A 40 5.75 -1.00 7.07
N LYS A 41 4.70 -1.67 7.57
CA LYS A 41 3.97 -2.71 6.81
C LYS A 41 2.86 -2.12 5.96
N MET A 42 2.08 -1.18 6.47
CA MET A 42 0.91 -0.63 5.77
C MET A 42 1.23 0.04 4.42
N SER A 43 2.14 1.01 4.35
CA SER A 43 2.39 1.75 3.07
C SER A 43 3.16 0.91 2.04
N ILE A 44 3.82 -0.14 2.51
CA ILE A 44 4.52 -1.20 1.76
C ILE A 44 3.47 -2.18 1.24
N ALA A 45 2.45 -2.48 2.04
CA ALA A 45 1.35 -3.33 1.64
C ALA A 45 0.46 -2.66 0.57
N GLN A 46 0.27 -1.34 0.65
CA GLN A 46 -0.38 -0.55 -0.39
C GLN A 46 0.39 -0.54 -1.73
N CYS A 47 1.72 -0.72 -1.74
CA CYS A 47 2.48 -0.81 -3.00
C CYS A 47 2.28 -2.15 -3.72
N THR A 48 1.96 -3.22 -2.97
CA THR A 48 1.42 -4.48 -3.52
C THR A 48 -0.02 -4.30 -4.02
N SER A 49 -0.85 -3.53 -3.30
CA SER A 49 -2.26 -3.29 -3.65
C SER A 49 -2.46 -2.31 -4.83
N SER A 50 -1.38 -1.99 -5.55
CA SER A 50 -1.44 -1.48 -6.93
C SER A 50 -1.86 -2.55 -7.95
N HIS A 51 -1.85 -3.85 -7.60
CA HIS A 51 -2.69 -4.86 -8.24
C HIS A 51 -4.12 -4.84 -7.65
N PRO A 52 -5.15 -5.26 -8.40
CA PRO A 52 -6.43 -5.65 -7.82
C PRO A 52 -6.23 -6.90 -6.93
N ILE A 53 -7.03 -7.07 -5.88
CA ILE A 53 -6.99 -8.29 -5.05
C ILE A 53 -7.61 -9.52 -5.76
N ILE A 54 -8.49 -9.27 -6.74
CA ILE A 54 -9.33 -10.26 -7.42
C ILE A 54 -10.23 -10.98 -6.41
N ARG A 55 -11.24 -10.25 -5.89
CA ARG A 55 -12.09 -10.68 -4.77
C ARG A 55 -12.80 -12.02 -5.00
N GLN A 56 -13.09 -12.40 -6.24
CA GLN A 56 -13.68 -13.70 -6.58
C GLN A 56 -12.69 -14.88 -6.47
N ILE A 57 -11.38 -14.62 -6.56
CA ILE A 57 -10.28 -15.55 -6.24
C ILE A 57 -9.96 -15.54 -4.74
N ARG A 58 -10.06 -14.37 -4.08
CA ARG A 58 -9.86 -14.22 -2.62
C ARG A 58 -10.94 -14.90 -1.76
N GLN A 59 -12.09 -15.24 -2.34
CA GLN A 59 -13.16 -16.08 -1.76
C GLN A 59 -12.66 -17.34 -1.01
N ALA A 60 -11.44 -17.82 -1.28
CA ALA A 60 -10.76 -18.88 -0.52
C ALA A 60 -10.50 -18.59 0.98
N CYS A 61 -10.87 -17.41 1.51
CA CYS A 61 -10.74 -17.03 2.93
C CYS A 61 -11.38 -18.06 3.88
N ALA A 62 -10.61 -18.58 4.83
CA ALA A 62 -10.98 -19.75 5.65
C ALA A 62 -11.14 -19.43 7.14
N GLN A 63 -10.31 -18.55 7.73
CA GLN A 63 -10.49 -18.13 9.13
C GLN A 63 -11.85 -17.47 9.42
N PRO A 64 -12.44 -16.63 8.53
CA PRO A 64 -13.79 -16.10 8.73
C PRO A 64 -14.88 -17.18 8.84
N PHE A 65 -14.69 -18.32 8.16
CA PHE A 65 -15.58 -19.47 8.22
C PHE A 65 -15.39 -20.33 9.47
N GLU A 66 -14.25 -20.26 10.16
CA GLU A 66 -14.10 -20.79 11.52
C GLU A 66 -14.72 -19.83 12.56
N ALA A 67 -14.50 -18.53 12.40
CA ALA A 67 -14.96 -17.52 13.36
C ALA A 67 -16.49 -17.35 13.44
N PHE A 68 -17.22 -17.71 12.38
CA PHE A 68 -18.68 -17.84 12.41
C PHE A 68 -19.08 -19.13 13.10
N GLU A 69 -18.45 -20.24 12.73
CA GLU A 69 -18.95 -21.54 13.13
C GLU A 69 -18.70 -21.76 14.63
N GLU A 70 -17.64 -21.17 15.20
CA GLU A 70 -17.38 -21.12 16.64
C GLU A 70 -18.34 -20.20 17.43
N CYS A 71 -19.04 -19.26 16.80
CA CYS A 71 -20.18 -18.60 17.46
C CYS A 71 -21.28 -19.62 17.75
N LEU A 72 -21.81 -20.29 16.72
CA LEU A 72 -22.92 -21.25 16.81
C LEU A 72 -22.52 -22.58 17.48
N ARG A 73 -21.25 -22.99 17.42
CA ARG A 73 -20.73 -24.22 18.07
C ARG A 73 -20.82 -24.16 19.59
N GLN A 74 -20.64 -22.97 20.16
CA GLN A 74 -20.80 -22.71 21.60
C GLN A 74 -22.14 -22.01 21.96
N ASN A 75 -22.78 -21.32 21.01
CA ASN A 75 -23.97 -20.47 21.21
C ASN A 75 -24.93 -20.53 20.00
N GLU A 76 -25.42 -21.70 19.62
CA GLU A 76 -26.26 -21.85 18.42
C GLU A 76 -27.54 -20.98 18.50
N ALA A 77 -28.04 -20.71 19.70
CA ALA A 77 -29.29 -19.98 19.97
C ALA A 77 -29.11 -18.47 20.17
N ALA A 78 -27.93 -18.00 20.60
CA ALA A 78 -27.70 -16.61 21.05
C ALA A 78 -27.11 -15.74 19.92
N VAL A 79 -27.76 -15.78 18.76
CA VAL A 79 -27.35 -15.11 17.52
C VAL A 79 -27.41 -13.58 17.64
N GLY A 80 -28.12 -13.04 18.64
CA GLY A 80 -28.06 -11.63 19.04
C GLY A 80 -26.65 -11.13 19.39
N ASN A 81 -25.75 -12.02 19.86
CA ASN A 81 -24.36 -11.69 20.20
C ASN A 81 -23.35 -12.00 19.07
N CYS A 82 -23.72 -12.77 18.03
CA CYS A 82 -22.96 -12.95 16.79
C CYS A 82 -23.86 -13.51 15.67
N ALA A 83 -23.80 -12.94 14.46
CA ALA A 83 -24.66 -13.30 13.32
C ALA A 83 -23.89 -13.95 12.16
N GLU A 84 -24.52 -14.91 11.49
CA GLU A 84 -23.84 -15.93 10.69
C GLU A 84 -23.23 -15.46 9.37
N HIS A 85 -24.01 -14.81 8.49
CA HIS A 85 -23.49 -14.23 7.25
C HIS A 85 -22.55 -13.04 7.55
N MET A 86 -22.93 -12.21 8.51
CA MET A 86 -22.24 -10.97 8.87
C MET A 86 -20.82 -11.21 9.37
N ARG A 87 -20.59 -12.21 10.25
CA ARG A 87 -19.24 -12.52 10.76
C ARG A 87 -18.28 -12.94 9.65
N ARG A 88 -18.75 -13.78 8.72
CA ARG A 88 -17.97 -14.25 7.55
C ARG A 88 -17.65 -13.10 6.59
N PHE A 89 -18.67 -12.30 6.26
CA PHE A 89 -18.58 -11.14 5.38
C PHE A 89 -17.60 -10.07 5.91
N LEU A 90 -17.71 -9.71 7.21
CA LEU A 90 -16.88 -8.69 7.83
C LEU A 90 -15.41 -9.11 7.91
N GLN A 91 -15.13 -10.34 8.37
CA GLN A 91 -13.74 -10.78 8.54
C GLN A 91 -13.06 -11.16 7.21
N CYS A 92 -13.79 -11.60 6.18
CA CYS A 92 -13.20 -11.82 4.85
C CYS A 92 -12.86 -10.50 4.12
N ALA A 93 -13.52 -9.39 4.46
CA ALA A 93 -13.14 -8.04 4.02
C ALA A 93 -11.96 -7.46 4.83
N GLU A 94 -11.88 -7.75 6.14
CA GLU A 94 -10.76 -7.30 6.99
C GLU A 94 -9.46 -8.07 6.73
N GLN A 95 -9.53 -9.34 6.33
CA GLN A 95 -8.36 -10.19 6.07
C GLN A 95 -7.51 -9.72 4.89
N VAL A 96 -8.12 -9.12 3.86
CA VAL A 96 -7.48 -8.92 2.54
C VAL A 96 -6.86 -7.53 2.32
N TYR A 14 0.59 -8.80 -6.70
CA TYR A 14 1.41 -8.68 -5.50
C TYR A 14 2.89 -8.36 -5.82
N CYS A 15 3.64 -7.91 -4.81
CA CYS A 15 5.05 -7.49 -4.90
C CYS A 15 5.90 -8.05 -3.74
N GLY A 16 7.22 -7.87 -3.80
CA GLY A 16 8.21 -8.31 -2.82
C GLY A 16 8.05 -7.74 -1.40
N ARG A 17 7.08 -6.83 -1.20
CA ARG A 17 6.57 -6.36 0.10
C ARG A 17 6.32 -7.50 1.10
N GLU A 18 5.91 -8.67 0.62
CA GLU A 18 5.55 -9.78 1.51
C GLU A 18 6.79 -10.41 2.21
N LEU A 19 7.95 -10.40 1.54
CA LEU A 19 9.26 -10.77 2.10
C LEU A 19 9.99 -9.58 2.77
N GLU A 20 9.79 -8.36 2.28
CA GLU A 20 10.40 -7.14 2.84
C GLU A 20 9.82 -6.79 4.21
N GLN A 21 8.53 -7.04 4.42
CA GLN A 21 7.90 -7.04 5.75
C GLN A 21 8.49 -8.14 6.63
N TYR A 22 8.62 -9.36 6.10
CA TYR A 22 9.03 -10.54 6.87
C TYR A 22 10.39 -10.34 7.55
N GLY A 23 11.36 -9.79 6.83
CA GLY A 23 12.75 -9.69 7.30
C GLY A 23 13.05 -8.57 8.29
N GLN A 24 12.21 -7.54 8.42
CA GLN A 24 12.14 -6.77 9.67
C GLN A 24 11.29 -7.49 10.71
N CYS A 25 10.02 -7.73 10.38
CA CYS A 25 8.99 -7.86 11.38
C CYS A 25 8.94 -9.26 12.02
N VAL A 26 9.48 -10.30 11.39
CA VAL A 26 9.76 -11.60 12.06
C VAL A 26 11.15 -11.64 12.70
N ALA A 27 12.10 -10.82 12.22
CA ALA A 27 13.50 -10.93 12.65
C ALA A 27 13.77 -10.36 14.05
N ALA A 28 13.04 -9.31 14.46
CA ALA A 28 13.17 -8.79 15.82
C ALA A 28 12.51 -9.71 16.86
N LYS A 29 11.23 -10.06 16.65
CA LYS A 29 10.38 -10.93 17.51
C LYS A 29 9.34 -11.67 16.65
N PRO A 30 8.67 -12.73 17.15
CA PRO A 30 7.37 -13.16 16.59
C PRO A 30 6.28 -12.08 16.75
N GLU A 31 6.41 -11.21 17.76
CA GLU A 31 5.48 -10.13 18.09
C GLU A 31 5.58 -8.91 17.16
N SER A 32 6.76 -8.62 16.59
CA SER A 32 7.02 -7.37 15.86
C SER A 32 6.20 -7.20 14.57
N TRP A 33 5.65 -8.31 14.07
CA TRP A 33 4.66 -8.39 12.98
C TRP A 33 3.39 -7.59 13.27
N GLN A 34 2.92 -7.64 14.52
CA GLN A 34 1.92 -6.73 15.06
C GLN A 34 2.56 -5.43 15.58
N ARG A 35 3.53 -5.56 16.49
CA ARG A 35 3.88 -4.52 17.47
C ARG A 35 4.91 -3.47 17.03
N ASP A 36 5.88 -3.83 16.18
CA ASP A 36 7.01 -2.93 15.83
C ASP A 36 6.75 -2.16 14.52
N CYS A 37 6.30 -2.90 13.50
CA CYS A 37 6.19 -2.40 12.14
C CYS A 37 4.90 -1.59 11.94
N HIS A 38 4.98 -0.27 12.13
CA HIS A 38 3.95 0.68 11.72
C HIS A 38 4.19 1.18 10.28
N TYR A 39 5.29 1.92 10.07
CA TYR A 39 5.67 2.43 8.75
C TYR A 39 6.12 1.29 7.83
N LEU A 40 6.77 0.28 8.41
CA LEU A 40 7.21 -0.90 7.69
C LEU A 40 6.05 -1.82 7.25
N LYS A 41 4.86 -1.74 7.87
CA LYS A 41 3.64 -2.37 7.32
C LYS A 41 2.86 -1.48 6.35
N MET A 42 2.86 -0.15 6.56
CA MET A 42 2.08 0.78 5.75
C MET A 42 2.73 1.11 4.39
N SER A 43 4.06 1.26 4.34
CA SER A 43 4.81 1.41 3.06
C SER A 43 4.70 0.16 2.19
N ILE A 44 4.74 -1.01 2.84
CA ILE A 44 4.47 -2.35 2.29
C ILE A 44 3.05 -2.46 1.75
N ALA A 45 2.07 -1.87 2.46
CA ALA A 45 0.71 -1.85 1.98
C ALA A 45 0.56 -0.96 0.72
N GLN A 46 1.23 0.19 0.68
CA GLN A 46 1.24 1.09 -0.48
C GLN A 46 1.90 0.45 -1.72
N CYS A 47 2.79 -0.55 -1.57
CA CYS A 47 3.30 -1.34 -2.71
C CYS A 47 2.17 -2.16 -3.38
N THR A 48 1.29 -2.77 -2.58
CA THR A 48 0.14 -3.56 -3.07
C THR A 48 -1.14 -2.75 -3.35
N SER A 49 -1.31 -1.56 -2.76
CA SER A 49 -2.52 -0.73 -2.89
C SER A 49 -2.76 -0.06 -4.26
N SER A 50 -2.01 -0.44 -5.29
CA SER A 50 -2.28 -0.04 -6.68
C SER A 50 -3.63 -0.56 -7.20
N HIS A 51 -4.06 -1.74 -6.75
CA HIS A 51 -5.43 -2.24 -6.87
C HIS A 51 -6.20 -2.07 -5.53
N PRO A 52 -7.54 -2.20 -5.50
CA PRO A 52 -8.35 -1.94 -4.31
C PRO A 52 -8.31 -3.11 -3.29
N ILE A 53 -7.11 -3.49 -2.85
CA ILE A 53 -6.83 -4.65 -1.98
C ILE A 53 -7.44 -4.52 -0.58
N ILE A 54 -7.57 -3.30 -0.04
CA ILE A 54 -8.13 -3.03 1.31
C ILE A 54 -9.19 -1.91 1.31
N ARG A 55 -9.76 -1.56 0.15
CA ARG A 55 -10.64 -0.39 0.01
C ARG A 55 -12.00 -0.57 0.71
N GLN A 56 -12.74 -1.65 0.45
CA GLN A 56 -14.08 -1.83 1.04
C GLN A 56 -14.03 -1.95 2.57
N ILE A 57 -13.03 -2.65 3.14
CA ILE A 57 -12.88 -2.74 4.60
C ILE A 57 -12.48 -1.40 5.27
N ARG A 58 -11.91 -0.45 4.52
CA ARG A 58 -11.70 0.94 4.97
C ARG A 58 -12.95 1.81 4.79
N GLN A 59 -13.61 1.73 3.63
CA GLN A 59 -14.86 2.43 3.31
C GLN A 59 -15.98 2.10 4.32
N ALA A 60 -16.25 0.80 4.49
CA ALA A 60 -17.27 0.22 5.37
C ALA A 60 -16.90 0.18 6.86
N CYS A 61 -16.02 1.09 7.31
CA CYS A 61 -15.58 1.28 8.71
C CYS A 61 -15.02 0.04 9.45
N ALA A 62 -14.69 -1.04 8.74
CA ALA A 62 -14.38 -2.34 9.32
C ALA A 62 -12.95 -2.44 9.91
N GLN A 63 -11.93 -1.94 9.20
CA GLN A 63 -10.55 -1.86 9.72
C GLN A 63 -10.44 -0.99 10.98
N PRO A 64 -11.11 0.19 11.08
CA PRO A 64 -11.29 0.90 12.34
C PRO A 64 -11.93 0.05 13.45
N PHE A 65 -13.01 -0.68 13.16
CA PHE A 65 -13.62 -1.59 14.14
C PHE A 65 -12.64 -2.66 14.63
N GLU A 66 -11.86 -3.29 13.74
CA GLU A 66 -10.92 -4.36 14.11
C GLU A 66 -9.91 -3.97 15.19
N ALA A 67 -9.48 -2.70 15.24
CA ALA A 67 -8.53 -2.20 16.23
C ALA A 67 -9.19 -1.81 17.57
N PHE A 68 -10.43 -1.31 17.54
CA PHE A 68 -11.17 -0.98 18.76
C PHE A 68 -11.73 -2.23 19.42
N GLU A 69 -12.29 -3.13 18.62
CA GLU A 69 -13.02 -4.29 19.10
C GLU A 69 -12.09 -5.41 19.61
N GLU A 70 -10.81 -5.39 19.18
CA GLU A 70 -9.71 -6.17 19.76
C GLU A 70 -9.21 -5.62 21.11
N CYS A 71 -9.43 -4.32 21.40
CA CYS A 71 -9.20 -3.81 22.76
C CYS A 71 -10.21 -4.41 23.75
N LEU A 72 -11.52 -4.26 23.50
CA LEU A 72 -12.58 -4.82 24.35
C LEU A 72 -12.62 -6.36 24.32
N ARG A 73 -12.03 -7.04 23.32
CA ARG A 73 -11.82 -8.51 23.33
C ARG A 73 -11.11 -9.00 24.61
N GLN A 74 -10.25 -8.18 25.23
CA GLN A 74 -9.70 -8.41 26.58
C GLN A 74 -10.17 -7.39 27.65
N ASN A 75 -10.57 -6.17 27.26
CA ASN A 75 -10.84 -5.04 28.17
C ASN A 75 -12.29 -4.52 28.09
N GLU A 76 -13.29 -5.34 27.74
CA GLU A 76 -14.66 -4.83 27.51
C GLU A 76 -15.27 -4.17 28.77
N ALA A 77 -14.71 -4.49 29.95
CA ALA A 77 -15.06 -3.97 31.27
C ALA A 77 -14.46 -2.59 31.61
N ALA A 78 -13.55 -2.08 30.78
CA ALA A 78 -12.73 -0.90 31.05
C ALA A 78 -12.80 0.10 29.89
N VAL A 79 -14.00 0.57 29.57
CA VAL A 79 -14.26 1.51 28.47
C VAL A 79 -13.63 2.90 28.72
N GLY A 80 -13.20 3.20 29.95
CA GLY A 80 -12.29 4.32 30.23
C GLY A 80 -10.91 4.19 29.56
N ASN A 81 -10.48 2.97 29.20
CA ASN A 81 -9.16 2.68 28.59
C ASN A 81 -9.21 2.52 27.06
N CYS A 82 -10.37 2.27 26.46
CA CYS A 82 -10.63 2.34 25.01
C CYS A 82 -12.08 2.75 24.73
N ALA A 83 -12.30 3.70 23.81
CA ALA A 83 -13.63 4.25 23.48
C ALA A 83 -13.76 4.77 22.02
N GLU A 84 -12.82 4.40 21.14
CA GLU A 84 -12.77 4.76 19.71
C GLU A 84 -14.02 4.40 18.90
N HIS A 85 -14.92 3.52 19.40
CA HIS A 85 -16.29 3.30 18.86
C HIS A 85 -16.94 4.61 18.36
N MET A 86 -16.73 5.72 19.05
CA MET A 86 -17.28 7.04 18.68
C MET A 86 -16.74 7.53 17.30
N ARG A 87 -15.46 7.28 16.98
CA ARG A 87 -14.91 7.49 15.63
C ARG A 87 -15.32 6.39 14.65
N ARG A 88 -15.50 5.14 15.08
CA ARG A 88 -16.06 4.10 14.17
C ARG A 88 -17.44 4.52 13.66
N PHE A 89 -18.33 4.98 14.55
CA PHE A 89 -19.65 5.52 14.21
C PHE A 89 -19.55 6.69 13.20
N LEU A 90 -18.65 7.64 13.44
CA LEU A 90 -18.35 8.75 12.50
C LEU A 90 -17.87 8.29 11.12
N GLN A 91 -17.06 7.22 11.05
CA GLN A 91 -16.55 6.65 9.80
C GLN A 91 -17.62 5.83 9.05
N CYS A 92 -18.53 5.15 9.76
CA CYS A 92 -19.69 4.52 9.14
C CYS A 92 -20.70 5.55 8.63
N ALA A 93 -20.87 6.67 9.35
CA ALA A 93 -21.68 7.81 8.95
C ALA A 93 -21.07 8.61 7.77
N GLU A 94 -19.75 8.55 7.59
CA GLU A 94 -19.07 9.14 6.43
C GLU A 94 -19.40 8.40 5.12
N GLN A 95 -19.58 7.08 5.17
CA GLN A 95 -19.80 6.25 3.99
C GLN A 95 -21.24 6.27 3.45
N VAL A 96 -22.25 6.47 4.32
CA VAL A 96 -23.65 6.67 3.89
C VAL A 96 -23.85 8.00 3.15
N TYR A 14 3.26 -7.90 -8.89
CA TYR A 14 3.26 -7.55 -7.46
C TYR A 14 4.68 -7.45 -6.87
N CYS A 15 4.80 -7.01 -5.62
CA CYS A 15 6.05 -6.58 -5.00
C CYS A 15 6.45 -7.46 -3.79
N GLY A 16 7.74 -7.75 -3.65
CA GLY A 16 8.34 -8.69 -2.68
C GLY A 16 8.55 -8.12 -1.27
N ARG A 17 8.21 -6.84 -1.06
CA ARG A 17 8.14 -6.16 0.26
C ARG A 17 7.42 -6.94 1.36
N GLU A 18 6.56 -7.89 1.00
CA GLU A 18 5.79 -8.70 1.96
C GLU A 18 6.61 -9.88 2.55
N LEU A 19 7.67 -10.36 1.89
CA LEU A 19 8.72 -11.16 2.53
C LEU A 19 9.88 -10.31 3.09
N GLU A 20 10.24 -9.22 2.43
CA GLU A 20 11.44 -8.44 2.79
C GLU A 20 11.24 -7.50 3.98
N GLN A 21 10.04 -6.93 4.20
CA GLN A 21 9.79 -6.15 5.41
C GLN A 21 9.52 -7.10 6.60
N TYR A 22 8.68 -8.13 6.40
CA TYR A 22 8.37 -9.10 7.45
C TYR A 22 9.57 -9.98 7.81
N GLY A 23 10.56 -10.11 6.92
CA GLY A 23 11.81 -10.81 7.22
C GLY A 23 12.77 -10.06 8.15
N GLN A 24 12.59 -8.75 8.37
CA GLN A 24 12.96 -8.17 9.67
C GLN A 24 11.85 -8.39 10.72
N CYS A 25 10.67 -7.85 10.46
CA CYS A 25 9.73 -7.51 11.53
C CYS A 25 9.04 -8.71 12.19
N VAL A 26 8.91 -9.87 11.51
CA VAL A 26 8.54 -11.15 12.15
C VAL A 26 9.77 -11.92 12.63
N ALA A 27 10.92 -11.78 11.94
CA ALA A 27 12.10 -12.61 12.17
C ALA A 27 12.90 -12.22 13.42
N ALA A 28 12.72 -11.00 13.95
CA ALA A 28 13.22 -10.66 15.27
C ALA A 28 12.34 -11.34 16.34
N LYS A 29 11.02 -11.07 16.35
CA LYS A 29 10.03 -11.75 17.18
C LYS A 29 8.66 -11.85 16.50
N PRO A 30 7.85 -12.88 16.80
CA PRO A 30 6.42 -12.89 16.49
C PRO A 30 5.65 -11.63 16.95
N GLU A 31 6.07 -11.02 18.07
CA GLU A 31 5.50 -9.77 18.61
C GLU A 31 6.09 -8.49 17.99
N SER A 32 7.31 -8.50 17.44
CA SER A 32 7.86 -7.30 16.77
C SER A 32 7.04 -6.91 15.54
N TRP A 33 6.24 -7.83 14.99
CA TRP A 33 5.26 -7.55 13.94
C TRP A 33 4.21 -6.49 14.35
N GLN A 34 3.91 -6.35 15.65
CA GLN A 34 3.16 -5.21 16.19
C GLN A 34 4.05 -4.01 16.58
N ARG A 35 5.25 -4.26 17.15
CA ARG A 35 6.09 -3.19 17.74
C ARG A 35 7.04 -2.43 16.80
N ASP A 36 7.64 -3.08 15.80
CA ASP A 36 8.78 -2.55 15.03
C ASP A 36 8.40 -1.86 13.70
N CYS A 37 7.28 -2.26 13.10
CA CYS A 37 6.82 -1.76 11.79
C CYS A 37 5.32 -1.38 11.84
N HIS A 38 4.96 -0.15 12.21
CA HIS A 38 3.55 0.30 12.17
C HIS A 38 3.16 0.90 10.81
N TYR A 39 3.78 2.01 10.39
CA TYR A 39 3.55 2.58 9.05
C TYR A 39 4.31 1.80 7.98
N LEU A 40 5.40 1.11 8.34
CA LEU A 40 6.08 0.17 7.45
C LEU A 40 5.14 -0.99 7.03
N LYS A 41 4.31 -1.53 7.94
CA LYS A 41 3.29 -2.54 7.59
C LYS A 41 2.19 -1.98 6.67
N MET A 42 1.80 -0.71 6.84
CA MET A 42 0.90 -0.02 5.90
C MET A 42 1.53 0.17 4.52
N SER A 43 2.83 0.44 4.47
CA SER A 43 3.59 0.66 3.24
C SER A 43 3.68 -0.58 2.34
N ILE A 44 3.57 -1.79 2.92
CA ILE A 44 3.41 -3.06 2.20
C ILE A 44 2.04 -3.13 1.52
N ALA A 45 0.97 -2.77 2.24
CA ALA A 45 -0.38 -2.73 1.67
C ALA A 45 -0.50 -1.69 0.53
N GLN A 46 0.08 -0.51 0.73
CA GLN A 46 0.14 0.58 -0.27
C GLN A 46 0.90 0.18 -1.55
N CYS A 47 1.87 -0.74 -1.49
CA CYS A 47 2.52 -1.28 -2.70
C CYS A 47 1.56 -2.14 -3.53
N THR A 48 0.68 -2.92 -2.89
CA THR A 48 -0.44 -3.58 -3.60
C THR A 48 -1.38 -2.55 -4.24
N SER A 49 -1.66 -1.44 -3.57
CA SER A 49 -2.48 -0.34 -4.11
C SER A 49 -1.85 0.37 -5.33
N SER A 50 -0.52 0.31 -5.46
CA SER A 50 0.23 0.82 -6.63
C SER A 50 0.25 -0.14 -7.84
N HIS A 51 -0.32 -1.36 -7.72
CA HIS A 51 -0.31 -2.41 -8.76
C HIS A 51 -1.69 -3.12 -8.89
N PRO A 52 -2.78 -2.40 -9.21
CA PRO A 52 -4.14 -2.93 -9.23
C PRO A 52 -4.45 -3.87 -10.42
N ILE A 53 -5.47 -4.72 -10.22
CA ILE A 53 -6.07 -5.68 -11.17
C ILE A 53 -7.58 -5.83 -10.89
N ILE A 54 -8.30 -6.53 -11.79
CA ILE A 54 -9.72 -6.88 -11.68
C ILE A 54 -10.64 -5.65 -11.53
N ARG A 55 -11.00 -5.06 -12.67
CA ARG A 55 -11.85 -3.85 -12.78
C ARG A 55 -13.11 -3.90 -11.91
N GLN A 56 -13.81 -5.04 -11.88
CA GLN A 56 -15.04 -5.19 -11.06
C GLN A 56 -14.81 -4.93 -9.56
N ILE A 57 -13.66 -5.34 -9.01
CA ILE A 57 -13.31 -5.16 -7.59
C ILE A 57 -12.83 -3.73 -7.35
N ARG A 58 -12.05 -3.16 -8.28
CA ARG A 58 -11.65 -1.73 -8.25
C ARG A 58 -12.89 -0.82 -8.21
N GLN A 59 -13.92 -1.16 -8.98
CA GLN A 59 -15.19 -0.45 -9.08
C GLN A 59 -16.16 -0.69 -7.91
N ALA A 60 -15.99 -1.77 -7.13
CA ALA A 60 -16.94 -2.20 -6.09
C ALA A 60 -17.14 -1.19 -4.93
N CYS A 61 -16.31 -0.15 -4.84
CA CYS A 61 -16.47 1.03 -3.99
C CYS A 61 -17.71 1.91 -4.31
N ALA A 62 -18.56 1.50 -5.25
CA ALA A 62 -19.59 2.30 -5.92
C ALA A 62 -20.58 3.07 -5.01
N GLN A 63 -20.96 2.56 -3.84
CA GLN A 63 -21.88 3.26 -2.92
C GLN A 63 -21.23 4.47 -2.21
N PRO A 64 -20.13 4.32 -1.44
CA PRO A 64 -19.43 5.47 -0.85
C PRO A 64 -18.77 6.38 -1.89
N PHE A 65 -18.36 5.84 -3.05
CA PHE A 65 -17.88 6.62 -4.20
C PHE A 65 -18.93 7.63 -4.69
N GLU A 66 -20.22 7.26 -4.73
CA GLU A 66 -21.32 8.19 -5.00
C GLU A 66 -21.69 9.10 -3.80
N ALA A 67 -21.39 8.72 -2.56
CA ALA A 67 -21.69 9.53 -1.38
C ALA A 67 -20.75 10.74 -1.22
N PHE A 68 -19.46 10.58 -1.55
CA PHE A 68 -18.52 11.71 -1.62
C PHE A 68 -18.82 12.62 -2.83
N GLU A 69 -19.23 12.05 -3.97
CA GLU A 69 -19.74 12.81 -5.11
C GLU A 69 -20.94 13.69 -4.71
N GLU A 70 -21.91 13.12 -3.99
CA GLU A 70 -23.12 13.79 -3.49
C GLU A 70 -22.79 14.93 -2.51
N CYS A 71 -21.68 14.86 -1.76
CA CYS A 71 -21.31 15.94 -0.83
C CYS A 71 -20.96 17.25 -1.58
N LEU A 72 -20.28 17.18 -2.72
CA LEU A 72 -20.04 18.27 -3.67
C LEU A 72 -21.22 18.49 -4.63
N ARG A 73 -22.20 17.57 -4.73
CA ARG A 73 -23.52 17.92 -5.32
C ARG A 73 -24.28 18.91 -4.42
N GLN A 74 -24.23 18.69 -3.12
CA GLN A 74 -24.80 19.57 -2.09
C GLN A 74 -23.95 20.81 -1.76
N ASN A 75 -22.62 20.74 -1.84
CA ASN A 75 -21.68 21.78 -1.37
C ASN A 75 -20.47 22.00 -2.31
N GLU A 76 -20.64 21.98 -3.63
CA GLU A 76 -19.56 21.84 -4.63
C GLU A 76 -18.34 22.78 -4.42
N ALA A 77 -18.58 23.96 -3.86
CA ALA A 77 -17.64 25.04 -3.59
C ALA A 77 -16.95 25.00 -2.20
N ALA A 78 -17.57 24.36 -1.20
CA ALA A 78 -17.18 24.41 0.21
C ALA A 78 -16.24 23.25 0.57
N VAL A 79 -15.13 23.14 -0.17
CA VAL A 79 -14.29 21.92 -0.20
C VAL A 79 -13.54 21.67 1.14
N GLY A 80 -13.53 22.64 2.06
CA GLY A 80 -13.13 22.41 3.46
C GLY A 80 -14.13 21.54 4.23
N ASN A 81 -15.42 21.67 3.95
CA ASN A 81 -16.51 20.88 4.54
C ASN A 81 -16.36 19.39 4.18
N CYS A 82 -16.20 19.10 2.88
CA CYS A 82 -15.90 17.78 2.33
C CYS A 82 -15.17 17.86 0.97
N ALA A 83 -14.25 16.92 0.69
CA ALA A 83 -13.48 16.86 -0.57
C ALA A 83 -13.52 15.45 -1.20
N GLU A 84 -13.87 15.34 -2.49
CA GLU A 84 -14.12 14.06 -3.17
C GLU A 84 -12.91 13.38 -3.84
N HIS A 85 -12.08 14.09 -4.60
CA HIS A 85 -11.29 13.46 -5.67
C HIS A 85 -10.27 12.43 -5.16
N MET A 86 -9.65 12.70 -4.00
CA MET A 86 -8.67 11.81 -3.39
C MET A 86 -9.35 10.67 -2.61
N ARG A 87 -10.46 10.94 -1.93
CA ARG A 87 -11.21 9.91 -1.17
C ARG A 87 -11.93 8.92 -2.09
N ARG A 88 -12.41 9.40 -3.26
CA ARG A 88 -12.93 8.55 -4.37
C ARG A 88 -11.84 7.73 -5.06
N PHE A 89 -10.57 8.07 -4.92
CA PHE A 89 -9.45 7.18 -5.29
C PHE A 89 -9.15 6.17 -4.17
N LEU A 90 -9.03 6.64 -2.92
CA LEU A 90 -8.59 5.86 -1.76
C LEU A 90 -9.55 4.72 -1.44
N GLN A 91 -10.87 4.94 -1.39
CA GLN A 91 -11.83 3.87 -1.05
C GLN A 91 -11.95 2.78 -2.14
N CYS A 92 -11.51 3.06 -3.37
CA CYS A 92 -11.44 2.07 -4.45
C CYS A 92 -10.07 1.35 -4.47
N ALA A 93 -8.97 2.07 -4.18
CA ALA A 93 -7.64 1.50 -4.01
C ALA A 93 -7.56 0.55 -2.80
N GLU A 94 -8.30 0.84 -1.72
CA GLU A 94 -8.42 -0.01 -0.53
C GLU A 94 -9.33 -1.25 -0.72
N GLN A 95 -10.10 -1.31 -1.81
CA GLN A 95 -11.00 -2.44 -2.12
C GLN A 95 -10.27 -3.59 -2.84
N VAL A 96 -9.26 -3.28 -3.65
CA VAL A 96 -8.43 -4.27 -4.36
C VAL A 96 -7.23 -4.76 -3.54
#